data_8RJ8
#
_entry.id   8RJ8
#
_cell.length_a   103.229
_cell.length_b   186.222
_cell.length_c   104.532
_cell.angle_alpha   90.00
_cell.angle_beta   115.85
_cell.angle_gamma   90.00
#
_symmetry.space_group_name_H-M   'P 1 21 1'
#
_entity_poly.entity_id   1
_entity_poly.type   'polypeptide(L)'
_entity_poly.pdbx_seq_one_letter_code
;MAQTTSQVVTDIGQNAKTHTSYNTFNNEQADNMTMSLKVTFIDDPSADKQIAVINTTGSFMKANPTLSDAPVDGYPIPGA
SVTLRYPSQYDIAMNLQDNTSRFFHVAPTNAVEETTVTSSVSYQLGGSIDASVTPSGPSGESGATGQVDWSDSVSYDQTS
YKTNLIDQTNKHVKWNVFFNGYNNQNWGIYTRDSYHALYGNQLFMYSRTYPHETDARGNLVPMNDLPTLTNSGFSPGMIA
VVISEKDTEQSSIQVAYTKHADDYTLRPGFTFGTGNWVGNNIKDVDQKTFNKSFVLDWKNKKLVEKKGSA
;
_entity_poly.pdbx_strand_id   A,B,C,D,E,F,G
#
# COMPACT_ATOMS: atom_id res chain seq x y z
N THR A 4 -16.18 -22.64 -3.11
CA THR A 4 -16.60 -23.25 -1.85
C THR A 4 -15.78 -24.51 -1.57
N THR A 5 -14.55 -24.53 -2.08
CA THR A 5 -13.65 -25.66 -1.92
C THR A 5 -12.61 -25.36 -0.84
N SER A 6 -12.06 -26.40 -0.25
CA SER A 6 -11.09 -26.25 0.83
C SER A 6 -9.75 -25.79 0.26
N GLN A 7 -8.74 -25.76 1.12
CA GLN A 7 -7.37 -25.52 0.67
C GLN A 7 -6.71 -26.85 0.32
N VAL A 8 -5.71 -26.76 -0.56
CA VAL A 8 -4.93 -27.88 -1.08
C VAL A 8 -5.80 -29.13 -1.28
N VAL A 9 -7.00 -28.94 -1.83
CA VAL A 9 -7.89 -30.03 -2.17
C VAL A 9 -8.11 -30.15 -3.67
N THR A 10 -8.18 -29.01 -4.37
CA THR A 10 -8.20 -29.05 -5.82
C THR A 10 -6.82 -29.37 -6.40
N ASP A 11 -5.77 -29.21 -5.59
CA ASP A 11 -4.42 -29.47 -6.04
C ASP A 11 -4.09 -30.95 -5.99
N ILE A 12 -3.36 -31.41 -7.01
CA ILE A 12 -2.88 -32.81 -6.99
C ILE A 12 -1.65 -32.82 -6.07
N GLY A 13 -1.55 -33.84 -5.21
CA GLY A 13 -0.43 -33.89 -4.25
C GLY A 13 -0.76 -34.81 -3.10
N GLN A 14 -1.83 -35.57 -3.25
CA GLN A 14 -2.21 -36.54 -2.18
C GLN A 14 -1.66 -37.96 -2.35
N ASN A 15 -1.10 -38.51 -1.28
CA ASN A 15 -0.62 -39.90 -1.31
C ASN A 15 -0.04 -40.25 -2.67
N ALA A 16 0.79 -39.34 -3.17
CA ALA A 16 1.37 -39.54 -4.52
C ALA A 16 2.64 -40.38 -4.43
N LYS A 17 3.39 -40.46 -5.52
CA LYS A 17 4.58 -41.34 -5.51
C LYS A 17 5.86 -40.50 -5.60
N THR A 18 6.99 -41.10 -5.27
CA THR A 18 8.29 -40.42 -5.32
C THR A 18 8.36 -39.26 -6.30
N HIS A 19 8.49 -38.05 -5.75
CA HIS A 19 8.83 -36.88 -6.54
C HIS A 19 10.28 -37.03 -6.97
N THR A 20 10.53 -36.94 -8.28
CA THR A 20 11.80 -37.44 -8.81
C THR A 20 12.93 -36.43 -8.68
N SER A 21 12.75 -35.21 -9.18
CA SER A 21 13.71 -34.13 -8.96
C SER A 21 15.13 -34.28 -9.51
N TYR A 22 15.21 -34.59 -10.80
CA TYR A 22 16.49 -34.66 -11.48
C TYR A 22 17.07 -33.34 -11.97
N ASN A 23 18.36 -33.39 -12.34
CA ASN A 23 19.13 -32.20 -12.65
C ASN A 23 20.09 -32.43 -13.81
N THR A 24 20.21 -31.42 -14.68
CA THR A 24 21.20 -31.44 -15.74
C THR A 24 21.61 -30.00 -16.05
N PHE A 25 22.91 -29.71 -15.99
CA PHE A 25 23.44 -28.38 -16.21
C PHE A 25 24.65 -28.48 -17.14
N ASN A 26 24.77 -27.53 -18.07
CA ASN A 26 25.90 -27.45 -18.97
C ASN A 26 26.10 -26.01 -19.41
N ASN A 27 27.29 -25.74 -19.95
CA ASN A 27 27.66 -24.41 -20.40
C ASN A 27 28.03 -24.44 -21.88
N GLU A 28 27.58 -23.42 -22.60
CA GLU A 28 27.99 -23.17 -23.98
C GLU A 28 28.88 -21.93 -23.94
N GLN A 29 30.19 -22.14 -23.97
CA GLN A 29 31.14 -21.08 -23.70
C GLN A 29 31.33 -20.12 -24.86
N ALA A 30 30.99 -20.53 -26.09
CA ALA A 30 31.19 -19.67 -27.25
C ALA A 30 30.44 -18.36 -27.09
N ASP A 31 29.17 -18.42 -26.73
CA ASP A 31 28.38 -17.27 -26.35
C ASP A 31 28.25 -17.13 -24.84
N ASN A 32 29.06 -17.86 -24.07
CA ASN A 32 29.06 -17.85 -22.60
C ASN A 32 27.63 -17.99 -22.06
N MET A 33 27.03 -19.13 -22.41
CA MET A 33 25.68 -19.49 -22.02
C MET A 33 25.71 -20.59 -20.97
N THR A 34 24.74 -20.56 -20.05
CA THR A 34 24.62 -21.56 -18.98
C THR A 34 23.19 -22.08 -19.01
N MET A 35 22.99 -23.27 -19.58
CA MET A 35 21.69 -23.90 -19.62
C MET A 35 21.47 -24.72 -18.35
N SER A 36 20.25 -24.67 -17.83
CA SER A 36 19.86 -25.46 -16.67
C SER A 36 18.44 -25.99 -16.86
N LEU A 37 18.18 -27.17 -16.28
CA LEU A 37 16.86 -27.78 -16.35
C LEU A 37 16.49 -28.43 -15.04
N LYS A 38 15.19 -28.40 -14.73
CA LYS A 38 14.63 -28.96 -13.50
C LYS A 38 13.39 -29.80 -13.78
N VAL A 39 13.57 -31.11 -13.88
CA VAL A 39 12.47 -32.03 -14.12
C VAL A 39 12.09 -32.74 -12.84
N THR A 40 10.78 -32.91 -12.62
CA THR A 40 10.27 -33.73 -11.53
C THR A 40 9.09 -34.52 -12.04
N PHE A 41 9.16 -35.85 -11.94
CA PHE A 41 8.06 -36.71 -12.34
C PHE A 41 7.18 -36.97 -11.12
N ILE A 42 5.88 -36.78 -11.28
CA ILE A 42 4.90 -37.11 -10.25
C ILE A 42 3.89 -38.07 -10.86
N ASP A 43 3.72 -39.22 -10.22
CA ASP A 43 2.87 -40.29 -10.75
C ASP A 43 1.70 -40.53 -9.79
N ASP A 44 0.60 -39.83 -10.04
CA ASP A 44 -0.59 -40.01 -9.23
C ASP A 44 -1.38 -41.21 -9.75
N PRO A 45 -1.53 -42.27 -8.96
CA PRO A 45 -2.34 -43.42 -9.43
C PRO A 45 -3.79 -43.06 -9.66
N SER A 46 -4.30 -42.07 -8.92
CA SER A 46 -5.69 -41.63 -9.10
C SER A 46 -5.90 -41.00 -10.47
N ALA A 47 -4.87 -40.37 -11.03
CA ALA A 47 -4.98 -39.71 -12.32
C ALA A 47 -5.12 -40.73 -13.45
N ASP A 48 -5.31 -40.21 -14.67
CA ASP A 48 -5.32 -41.02 -15.87
C ASP A 48 -3.93 -41.20 -16.44
N LYS A 49 -3.10 -40.16 -16.31
CA LYS A 49 -1.80 -40.09 -16.95
C LYS A 49 -0.76 -39.73 -15.90
N GLN A 50 0.50 -39.66 -16.32
CA GLN A 50 1.60 -39.32 -15.43
C GLN A 50 2.03 -37.89 -15.69
N ILE A 51 2.22 -37.13 -14.62
CA ILE A 51 2.53 -35.71 -14.70
C ILE A 51 4.02 -35.52 -14.47
N ALA A 52 4.61 -34.57 -15.20
CA ALA A 52 6.02 -34.25 -15.06
C ALA A 52 6.19 -32.75 -15.26
N VAL A 53 6.78 -32.08 -14.27
CA VAL A 53 6.94 -30.64 -14.29
C VAL A 53 8.39 -30.32 -14.66
N ILE A 54 8.56 -29.46 -15.67
CA ILE A 54 9.87 -29.04 -16.13
C ILE A 54 10.07 -27.59 -15.70
N ASN A 55 11.21 -27.31 -15.08
CA ASN A 55 11.55 -25.98 -14.60
C ASN A 55 12.86 -25.57 -15.26
N THR A 56 12.81 -24.53 -16.09
CA THR A 56 14.00 -24.05 -16.76
C THR A 56 14.61 -22.91 -15.95
N THR A 57 15.89 -23.04 -15.64
CA THR A 57 16.60 -22.07 -14.80
C THR A 57 17.99 -21.88 -15.40
N GLY A 58 18.91 -21.34 -14.61
CA GLY A 58 20.21 -20.97 -15.10
C GLY A 58 20.18 -19.52 -15.54
N SER A 59 21.00 -19.16 -16.52
CA SER A 59 21.01 -17.77 -16.97
C SER A 59 21.56 -17.70 -18.38
N PHE A 60 21.47 -16.51 -18.96
CA PHE A 60 22.11 -16.21 -20.23
C PHE A 60 22.63 -14.78 -20.16
N MET A 61 23.93 -14.62 -20.38
CA MET A 61 24.57 -13.33 -20.21
C MET A 61 24.36 -12.45 -21.43
N LYS A 62 24.31 -11.14 -21.19
CA LYS A 62 24.31 -10.21 -22.30
C LYS A 62 25.71 -10.08 -22.88
N ALA A 63 26.71 -9.88 -22.01
CA ALA A 63 28.11 -9.75 -22.42
C ALA A 63 28.25 -8.67 -23.48
N ASN A 64 27.83 -7.45 -23.12
CA ASN A 64 27.63 -6.35 -24.06
C ASN A 64 28.93 -5.64 -24.43
N PRO A 65 29.47 -5.92 -25.62
CA PRO A 65 30.70 -5.24 -26.07
C PRO A 65 30.41 -4.05 -26.98
N THR A 66 31.44 -3.27 -27.27
CA THR A 66 31.42 -2.30 -28.36
C THR A 66 32.40 -2.81 -29.42
N LEU A 67 31.87 -3.55 -30.40
CA LEU A 67 32.69 -4.36 -31.30
C LEU A 67 33.25 -3.61 -32.49
N SER A 68 32.95 -2.31 -32.66
CA SER A 68 33.58 -1.54 -33.77
C SER A 68 34.24 -0.25 -33.26
N ASP A 69 35.43 -0.34 -32.66
CA ASP A 69 36.14 0.86 -32.14
C ASP A 69 37.42 1.08 -32.95
N ALA A 70 37.36 1.87 -34.03
CA ALA A 70 38.55 2.11 -34.91
C ALA A 70 38.37 3.41 -35.71
N PRO A 71 37.31 3.61 -36.52
CA PRO A 71 37.08 4.88 -37.19
C PRO A 71 37.02 5.87 -36.05
N VAL A 72 38.12 6.59 -35.80
CA VAL A 72 38.17 7.52 -34.63
C VAL A 72 39.20 8.62 -34.95
N ASP A 73 39.56 8.76 -36.22
CA ASP A 73 40.63 9.72 -36.60
C ASP A 73 40.04 10.98 -37.22
N GLY A 74 39.89 11.00 -38.54
CA GLY A 74 39.41 12.23 -39.20
C GLY A 74 38.67 11.99 -40.50
N TYR A 75 38.08 13.04 -41.08
CA TYR A 75 37.29 12.99 -42.31
C TYR A 75 36.00 12.20 -42.10
N PRO A 76 34.95 12.46 -42.90
CA PRO A 76 33.60 11.99 -42.52
C PRO A 76 33.53 10.51 -42.16
N ILE A 77 32.51 10.12 -41.39
CA ILE A 77 32.42 8.71 -40.85
C ILE A 77 33.66 8.45 -39.98
N PRO A 78 34.04 9.29 -38.99
CA PRO A 78 35.27 9.10 -38.23
C PRO A 78 34.99 8.65 -36.81
N GLY A 79 35.52 9.42 -35.84
CA GLY A 79 35.72 8.98 -34.44
C GLY A 79 34.40 8.79 -33.71
N ALA A 80 33.50 7.99 -34.25
CA ALA A 80 32.20 7.70 -33.60
C ALA A 80 31.54 6.52 -34.32
N SER A 81 32.24 5.93 -35.31
CA SER A 81 31.69 4.75 -36.01
C SER A 81 31.83 3.59 -35.03
N VAL A 82 31.42 3.82 -33.79
CA VAL A 82 31.51 2.79 -32.77
C VAL A 82 30.18 2.07 -32.70
N THR A 83 30.22 0.75 -32.82
CA THR A 83 29.02 -0.06 -32.74
C THR A 83 29.06 -0.83 -31.42
N LEU A 84 27.88 -1.16 -30.91
CA LEU A 84 27.76 -1.98 -29.72
C LEU A 84 26.61 -2.95 -29.95
N ARG A 85 26.88 -4.25 -29.81
CA ARG A 85 25.86 -5.27 -30.06
C ARG A 85 25.03 -5.46 -28.80
N TYR A 86 24.04 -4.60 -28.65
CA TYR A 86 23.12 -4.66 -27.51
C TYR A 86 21.98 -5.60 -27.84
N PRO A 87 21.82 -6.71 -27.13
CA PRO A 87 20.73 -7.64 -27.42
C PRO A 87 19.38 -7.05 -27.06
N SER A 88 18.36 -7.47 -27.81
CA SER A 88 17.00 -6.97 -27.62
C SER A 88 16.03 -8.06 -27.20
N GLN A 89 15.91 -9.13 -27.98
CA GLN A 89 14.94 -10.19 -27.72
C GLN A 89 15.64 -11.43 -27.18
N TYR A 90 14.93 -12.15 -26.30
CA TYR A 90 15.45 -13.39 -25.70
C TYR A 90 14.36 -14.46 -25.73
N ASP A 91 14.22 -15.13 -26.87
CA ASP A 91 13.25 -16.21 -27.00
C ASP A 91 13.85 -17.51 -26.50
N ILE A 92 13.10 -18.22 -25.66
CA ILE A 92 13.46 -19.56 -25.19
C ILE A 92 12.30 -20.49 -25.51
N ALA A 93 12.61 -21.60 -26.17
CA ALA A 93 11.58 -22.48 -26.72
C ALA A 93 11.72 -23.90 -26.21
N MET A 94 10.57 -24.55 -26.05
CA MET A 94 10.55 -25.97 -25.64
C MET A 94 9.68 -26.68 -26.68
N ASN A 95 10.30 -27.15 -27.78
CA ASN A 95 9.54 -27.82 -28.87
C ASN A 95 9.59 -29.34 -28.67
N LEU A 96 8.62 -29.89 -27.95
CA LEU A 96 8.25 -31.32 -27.99
C LEU A 96 8.45 -31.88 -29.40
N GLN A 97 9.05 -33.07 -29.52
CA GLN A 97 9.19 -33.68 -30.87
C GLN A 97 7.81 -33.76 -31.51
N ASP A 98 7.68 -33.18 -32.70
CA ASP A 98 6.40 -33.18 -33.46
C ASP A 98 5.86 -34.62 -33.46
N ASN A 99 5.15 -35.01 -32.40
CA ASN A 99 4.61 -36.38 -32.20
C ASN A 99 3.57 -36.28 -31.08
N THR A 100 3.50 -35.13 -30.41
CA THR A 100 2.44 -34.85 -29.40
C THR A 100 2.60 -35.60 -28.09
N SER A 101 3.74 -35.49 -27.43
CA SER A 101 3.78 -35.97 -26.05
C SER A 101 2.85 -35.21 -25.09
N ARG A 102 1.91 -34.44 -25.67
CA ARG A 102 0.93 -33.67 -24.88
C ARG A 102 1.63 -32.61 -24.01
N PHE A 103 1.99 -31.42 -24.53
CA PHE A 103 2.59 -30.35 -23.68
C PHE A 103 1.70 -30.06 -22.43
N PHE A 104 0.80 -29.06 -22.41
CA PHE A 104 -0.17 -28.83 -21.28
C PHE A 104 0.02 -27.49 -20.53
N HIS A 105 -0.35 -27.42 -19.24
CA HIS A 105 -0.32 -26.17 -18.44
C HIS A 105 1.05 -25.48 -18.47
N VAL A 106 1.14 -24.24 -17.97
CA VAL A 106 2.44 -23.54 -18.18
C VAL A 106 2.54 -22.32 -17.24
N ALA A 107 3.75 -21.86 -16.95
CA ALA A 107 3.97 -20.69 -16.12
C ALA A 107 5.26 -20.00 -16.52
N PRO A 108 5.29 -18.66 -16.53
CA PRO A 108 4.22 -17.74 -16.15
C PRO A 108 3.17 -17.60 -17.24
N THR A 109 2.32 -16.59 -17.14
CA THR A 109 1.32 -16.32 -18.17
C THR A 109 1.36 -14.84 -18.50
N ASN A 110 0.41 -14.36 -19.29
CA ASN A 110 0.35 -12.96 -19.68
C ASN A 110 -0.88 -12.30 -19.10
N ALA A 111 -0.78 -11.00 -18.87
CA ALA A 111 -1.87 -10.23 -18.28
C ALA A 111 -1.86 -8.84 -18.89
N SER A 119 -9.05 12.66 -14.45
CA SER A 119 -9.89 13.72 -15.00
C SER A 119 -10.02 14.80 -13.93
N SER A 120 -9.46 15.98 -14.20
CA SER A 120 -9.42 17.06 -13.23
C SER A 120 -10.04 18.33 -13.81
N VAL A 121 -10.65 19.13 -12.94
CA VAL A 121 -11.28 20.39 -13.32
C VAL A 121 -11.09 21.39 -12.18
N SER A 122 -10.62 22.59 -12.51
CA SER A 122 -10.34 23.62 -11.51
C SER A 122 -10.79 24.98 -12.02
N TYR A 123 -11.55 25.71 -11.21
CA TYR A 123 -12.05 27.03 -11.57
C TYR A 123 -11.70 28.03 -10.48
N GLN A 124 -11.46 29.28 -10.87
CA GLN A 124 -11.03 30.32 -9.94
C GLN A 124 -11.80 31.60 -10.23
N LEU A 125 -11.64 32.58 -9.34
CA LEU A 125 -12.23 33.91 -9.47
C LEU A 125 -11.15 34.94 -9.11
N GLY A 126 -11.35 36.18 -9.56
CA GLY A 126 -10.36 37.20 -9.37
C GLY A 126 -10.95 38.54 -8.97
N GLY A 127 -10.07 39.41 -8.48
CA GLY A 127 -10.41 40.77 -8.10
C GLY A 127 -9.17 41.60 -7.81
N SER A 128 -9.10 42.82 -8.33
CA SER A 128 -7.89 43.63 -8.20
C SER A 128 -8.24 45.11 -8.35
N ILE A 129 -7.31 45.96 -7.89
CA ILE A 129 -7.43 47.41 -7.97
C ILE A 129 -6.05 47.97 -8.32
N ASP A 130 -6.02 49.04 -9.11
CA ASP A 130 -4.78 49.66 -9.57
C ASP A 130 -4.77 51.13 -9.16
N ALA A 131 -3.63 51.57 -8.63
CA ALA A 131 -3.44 52.93 -8.13
C ALA A 131 -2.15 53.52 -8.67
N SER A 132 -2.06 54.85 -8.58
CA SER A 132 -0.90 55.60 -9.07
C SER A 132 -0.64 56.76 -8.11
N VAL A 133 0.23 57.69 -8.51
CA VAL A 133 0.74 58.71 -7.61
C VAL A 133 -0.06 60.01 -7.70
N THR A 134 -0.01 60.67 -8.87
CA THR A 134 -0.75 61.93 -9.09
C THR A 134 -1.57 61.72 -10.34
N PRO A 135 -2.68 60.93 -10.34
CA PRO A 135 -3.42 60.64 -11.56
C PRO A 135 -4.78 61.32 -11.62
N SER A 136 -5.84 60.55 -11.94
CA SER A 136 -7.21 61.12 -12.07
C SER A 136 -8.21 60.00 -11.80
N GLY A 137 -7.77 58.74 -11.94
CA GLY A 137 -8.63 57.61 -11.71
C GLY A 137 -7.91 56.32 -11.35
N PRO A 138 -8.53 55.52 -10.50
CA PRO A 138 -8.02 54.18 -10.22
C PRO A 138 -8.67 53.14 -11.14
N SER A 139 -8.04 51.97 -11.19
CA SER A 139 -8.59 50.88 -11.98
C SER A 139 -9.08 49.75 -11.08
N GLY A 140 -9.67 48.75 -11.72
CA GLY A 140 -10.15 47.56 -11.04
C GLY A 140 -10.10 46.40 -12.00
N GLU A 141 -10.19 45.20 -11.46
CA GLU A 141 -10.13 44.00 -12.30
C GLU A 141 -10.91 42.89 -11.60
N SER A 142 -11.52 42.02 -12.41
CA SER A 142 -12.35 40.93 -11.88
C SER A 142 -12.18 39.73 -12.80
N GLY A 143 -11.27 38.81 -12.41
CA GLY A 143 -10.94 37.67 -13.23
C GLY A 143 -11.86 36.47 -13.01
N ALA A 144 -11.73 35.50 -13.91
CA ALA A 144 -12.51 34.26 -13.82
C ALA A 144 -11.79 33.21 -14.65
N THR A 145 -11.49 32.07 -14.03
CA THR A 145 -10.69 31.04 -14.65
C THR A 145 -11.34 29.68 -14.41
N GLY A 146 -11.13 28.76 -15.35
CA GLY A 146 -11.61 27.39 -15.21
C GLY A 146 -10.82 26.40 -16.06
N GLN A 147 -10.33 25.33 -15.44
CA GLN A 147 -9.43 24.38 -16.07
C GLN A 147 -10.07 23.00 -16.17
N VAL A 148 -9.59 22.21 -17.15
CA VAL A 148 -9.98 20.81 -17.31
C VAL A 148 -8.70 20.04 -17.62
N ASP A 149 -8.32 19.13 -16.72
CA ASP A 149 -7.04 18.42 -16.82
C ASP A 149 -7.28 16.92 -16.92
N TRP A 150 -6.60 16.29 -17.87
CA TRP A 150 -6.66 14.85 -18.08
C TRP A 150 -5.25 14.29 -18.12
N SER A 151 -5.00 13.22 -17.36
CA SER A 151 -3.65 12.68 -17.23
C SER A 151 -3.69 11.16 -17.22
N ASP A 152 -2.54 10.55 -17.50
CA ASP A 152 -2.40 9.10 -17.49
C ASP A 152 -0.99 8.73 -17.06
N SER A 153 -0.83 7.48 -16.64
CA SER A 153 0.48 6.95 -16.26
C SER A 153 0.46 5.44 -16.35
N VAL A 154 1.50 4.86 -16.95
CA VAL A 154 1.60 3.43 -17.15
C VAL A 154 2.86 2.93 -16.45
N SER A 155 2.88 1.64 -16.11
CA SER A 155 4.05 1.07 -15.37
C SER A 155 4.27 -0.39 -15.72
N TYR A 156 4.18 -1.29 -14.73
CA TYR A 156 4.36 -2.76 -14.94
C TYR A 156 5.84 -3.08 -15.26
N ASP A 157 6.22 -3.16 -16.55
CA ASP A 157 7.61 -3.58 -16.90
C ASP A 157 8.33 -2.48 -17.69
N GLN A 158 8.63 -1.36 -17.05
CA GLN A 158 9.20 -0.24 -17.87
C GLN A 158 10.45 -0.75 -18.63
N THR A 159 11.41 -1.33 -17.90
CA THR A 159 12.66 -1.82 -18.54
C THR A 159 12.24 -2.87 -19.52
N SER A 160 10.93 -3.10 -19.63
CA SER A 160 10.37 -4.01 -20.67
C SER A 160 10.92 -5.44 -20.62
N TYR A 161 11.71 -5.82 -19.61
CA TYR A 161 12.10 -7.26 -19.56
C TYR A 161 10.83 -8.04 -19.22
N LYS A 162 9.83 -7.98 -20.10
CA LYS A 162 8.48 -8.56 -19.84
C LYS A 162 8.44 -10.03 -20.28
N THR A 163 8.20 -10.93 -19.32
CA THR A 163 8.08 -12.36 -19.65
C THR A 163 6.83 -12.60 -20.45
N ASN A 164 6.74 -12.00 -21.64
CA ASN A 164 5.59 -12.30 -22.46
C ASN A 164 5.57 -13.78 -22.80
N LEU A 165 4.38 -14.30 -23.06
CA LEU A 165 4.21 -15.70 -23.44
C LEU A 165 3.76 -15.70 -24.90
N ILE A 166 4.72 -15.72 -25.80
CA ILE A 166 4.40 -15.88 -27.22
C ILE A 166 3.92 -17.31 -27.41
N ASP A 167 3.33 -17.57 -28.57
CA ASP A 167 2.54 -18.77 -28.86
C ASP A 167 3.13 -20.03 -28.25
N GLN A 168 2.31 -20.74 -27.48
CA GLN A 168 2.62 -22.09 -27.04
C GLN A 168 1.79 -23.06 -27.86
N THR A 169 2.16 -24.34 -27.82
CA THR A 169 1.38 -25.39 -28.42
C THR A 169 1.43 -26.64 -27.55
N ASN A 170 0.81 -27.70 -28.05
CA ASN A 170 1.05 -29.03 -27.52
C ASN A 170 2.42 -29.54 -27.92
N LYS A 171 3.14 -28.78 -28.76
CA LYS A 171 4.47 -29.14 -29.22
C LYS A 171 5.53 -28.14 -28.80
N HIS A 172 5.35 -26.85 -29.12
CA HIS A 172 6.37 -25.84 -28.87
C HIS A 172 5.83 -24.74 -27.95
N VAL A 173 6.48 -24.57 -26.80
CA VAL A 173 6.17 -23.49 -25.86
C VAL A 173 7.29 -22.47 -25.94
N LYS A 174 6.95 -21.19 -25.81
CA LYS A 174 7.93 -20.13 -26.06
C LYS A 174 7.67 -18.93 -25.14
N TRP A 175 8.72 -18.11 -24.98
CA TRP A 175 8.65 -16.84 -24.25
C TRP A 175 9.48 -15.80 -24.99
N ASN A 176 9.04 -14.53 -24.94
CA ASN A 176 9.71 -13.40 -25.61
C ASN A 176 9.92 -12.22 -24.67
N VAL A 177 11.00 -12.24 -23.90
CA VAL A 177 11.35 -11.08 -23.07
C VAL A 177 12.08 -10.04 -23.92
N PHE A 178 11.33 -9.14 -24.56
CA PHE A 178 11.87 -8.13 -25.46
C PHE A 178 12.27 -6.87 -24.68
N PHE A 179 12.69 -5.83 -25.41
CA PHE A 179 13.03 -4.53 -24.86
C PHE A 179 12.25 -3.40 -25.52
N ASN A 180 11.76 -2.47 -24.67
CA ASN A 180 10.96 -1.30 -25.12
C ASN A 180 11.79 -0.02 -24.94
N GLY A 181 11.98 0.47 -23.71
CA GLY A 181 12.85 1.66 -23.50
C GLY A 181 13.37 1.86 -22.08
N TYR A 182 14.33 2.78 -21.88
CA TYR A 182 14.97 3.00 -20.55
C TYR A 182 15.33 4.48 -20.35
N ASN A 183 15.68 4.87 -19.11
CA ASN A 183 16.09 6.27 -18.82
C ASN A 183 17.61 6.34 -18.72
N ASN A 184 18.30 6.54 -19.86
CA ASN A 184 19.78 6.68 -19.83
C ASN A 184 20.10 8.06 -19.28
N GLN A 185 21.26 8.21 -18.63
CA GLN A 185 21.61 9.50 -17.98
C GLN A 185 20.38 9.95 -17.17
N ASN A 186 19.52 10.76 -17.78
CA ASN A 186 18.29 11.21 -17.07
C ASN A 186 17.11 11.34 -18.05
N TRP A 187 17.05 10.47 -19.07
CA TRP A 187 15.90 10.47 -20.00
C TRP A 187 15.55 11.91 -20.41
N GLY A 188 16.56 12.67 -20.82
CA GLY A 188 16.29 14.03 -21.30
C GLY A 188 15.62 13.96 -22.66
N ILE A 189 15.56 12.76 -23.26
CA ILE A 189 15.04 12.58 -24.65
C ILE A 189 14.89 11.06 -24.78
N TYR A 190 14.77 10.51 -25.99
CA TYR A 190 14.53 9.06 -26.17
C TYR A 190 13.38 8.65 -25.25
N THR A 191 12.19 8.51 -25.81
CA THR A 191 11.14 7.85 -25.00
C THR A 191 11.48 6.37 -25.10
N ARG A 192 11.74 5.83 -26.31
CA ARG A 192 12.12 4.40 -26.51
C ARG A 192 12.35 4.22 -28.02
N ASP A 193 13.25 3.33 -28.49
CA ASP A 193 13.58 3.31 -29.95
C ASP A 193 12.83 4.48 -30.59
N SER A 194 13.20 5.71 -30.21
CA SER A 194 12.46 6.91 -30.70
C SER A 194 13.25 7.63 -31.78
N TYR A 195 13.10 8.96 -31.82
CA TYR A 195 13.72 9.71 -32.90
C TYR A 195 14.07 11.12 -32.43
N HIS A 196 15.05 11.71 -33.11
CA HIS A 196 15.33 13.13 -33.00
C HIS A 196 15.76 13.65 -34.37
N ALA A 197 15.32 14.88 -34.69
CA ALA A 197 15.64 15.44 -36.00
C ALA A 197 17.12 15.76 -36.14
N LEU A 198 17.82 16.01 -35.04
CA LEU A 198 19.24 16.31 -35.08
C LEU A 198 20.10 15.40 -34.21
N TYR A 199 19.49 14.48 -33.45
CA TYR A 199 20.25 13.54 -32.65
C TYR A 199 20.04 12.08 -33.01
N GLY A 200 19.03 11.74 -33.81
CA GLY A 200 18.78 10.33 -33.97
C GLY A 200 18.26 9.73 -32.67
N ASN A 201 18.59 8.46 -32.46
CA ASN A 201 18.25 7.79 -31.21
C ASN A 201 19.26 8.15 -30.12
N GLN A 202 18.74 8.57 -28.96
CA GLN A 202 19.58 8.94 -27.83
C GLN A 202 19.52 7.92 -26.70
N LEU A 203 19.05 6.71 -27.00
CA LEU A 203 18.89 5.71 -25.95
C LEU A 203 20.22 5.33 -25.31
N PHE A 204 21.30 5.32 -26.11
CA PHE A 204 22.63 4.94 -25.66
C PHE A 204 23.62 6.11 -25.67
N MET A 205 23.13 7.35 -25.64
CA MET A 205 24.02 8.50 -25.58
C MET A 205 24.43 8.84 -24.15
N TYR A 206 25.71 9.18 -23.99
CA TYR A 206 26.25 9.76 -22.76
C TYR A 206 26.35 11.27 -22.86
N SER A 207 27.10 11.75 -23.86
CA SER A 207 27.40 13.17 -24.01
C SER A 207 26.82 13.69 -25.31
N ARG A 208 26.06 14.78 -25.20
CA ARG A 208 25.38 15.41 -26.33
C ARG A 208 26.21 16.44 -27.06
N THR A 209 27.38 16.83 -26.54
CA THR A 209 28.21 17.84 -27.19
C THR A 209 29.63 17.40 -27.46
N TYR A 210 30.26 16.68 -26.53
CA TYR A 210 31.67 16.24 -26.61
C TYR A 210 32.35 16.31 -27.97
N THR A 214 37.79 13.53 -28.38
CA THR A 214 37.25 12.51 -27.48
C THR A 214 36.93 11.23 -28.25
N ASP A 215 37.61 10.15 -27.91
CA ASP A 215 37.27 8.85 -28.49
C ASP A 215 35.83 8.46 -28.13
N ALA A 216 35.13 7.91 -29.11
CA ALA A 216 33.75 7.49 -28.89
C ALA A 216 33.63 6.19 -28.11
N ARG A 217 34.75 5.52 -27.82
CA ARG A 217 34.73 4.36 -26.94
C ARG A 217 34.41 4.74 -25.49
N GLY A 218 34.68 5.98 -25.09
CA GLY A 218 34.41 6.40 -23.74
C GLY A 218 33.44 7.55 -23.63
N ASN A 219 32.64 7.76 -24.68
CA ASN A 219 31.54 8.73 -24.65
C ASN A 219 30.19 8.04 -24.69
N LEU A 220 30.16 6.75 -24.40
CA LEU A 220 28.91 5.99 -24.29
C LEU A 220 28.46 5.97 -22.85
N VAL A 221 27.15 5.96 -22.64
CA VAL A 221 26.68 5.81 -21.27
C VAL A 221 27.13 4.44 -20.76
N PRO A 222 27.80 4.36 -19.61
CA PRO A 222 28.43 3.10 -19.20
C PRO A 222 27.48 1.93 -19.11
N MET A 223 28.05 0.73 -19.17
CA MET A 223 27.27 -0.49 -19.10
C MET A 223 26.51 -0.58 -17.79
N ASN A 224 27.18 -0.26 -16.69
CA ASN A 224 26.54 -0.30 -15.37
C ASN A 224 25.70 0.94 -15.10
N ASP A 225 25.88 2.01 -15.87
CA ASP A 225 24.96 3.16 -15.83
C ASP A 225 23.61 2.85 -16.45
N LEU A 226 23.40 1.60 -16.85
CA LEU A 226 22.19 1.11 -17.50
C LEU A 226 21.62 0.00 -16.61
N PRO A 227 20.41 -0.52 -16.92
CA PRO A 227 19.77 -1.49 -16.01
C PRO A 227 20.62 -2.68 -15.63
N THR A 228 20.19 -3.39 -14.58
CA THR A 228 20.96 -4.54 -14.09
C THR A 228 21.07 -5.63 -15.14
N LEU A 229 19.96 -5.95 -15.83
CA LEU A 229 19.98 -7.02 -16.81
C LEU A 229 20.83 -6.66 -18.02
N THR A 230 20.66 -5.45 -18.56
CA THR A 230 21.24 -5.10 -19.86
C THR A 230 22.74 -5.34 -19.93
N ASN A 231 23.44 -5.23 -18.81
CA ASN A 231 24.87 -5.44 -18.79
C ASN A 231 25.27 -6.80 -18.24
N SER A 232 24.34 -7.51 -17.59
CA SER A 232 24.68 -8.73 -16.87
C SER A 232 24.03 -9.97 -17.48
N GLY A 233 22.71 -10.01 -17.61
CA GLY A 233 22.02 -11.17 -18.12
C GLY A 233 20.81 -11.58 -17.30
N PHE A 234 19.81 -12.16 -17.97
CA PHE A 234 18.59 -12.59 -17.33
C PHE A 234 18.67 -14.07 -16.97
N SER A 235 18.07 -14.43 -15.84
CA SER A 235 18.00 -15.81 -15.39
C SER A 235 16.58 -16.33 -15.62
N PRO A 236 16.35 -17.27 -16.52
CA PRO A 236 15.00 -17.78 -16.73
C PRO A 236 14.52 -18.58 -15.53
N GLY A 237 13.22 -18.53 -15.31
CA GLY A 237 12.58 -19.37 -14.31
C GLY A 237 11.31 -19.97 -14.88
N MET A 238 11.27 -20.08 -16.21
CA MET A 238 10.05 -20.52 -16.88
C MET A 238 9.83 -22.01 -16.63
N ILE A 239 8.63 -22.36 -16.20
CA ILE A 239 8.29 -23.74 -15.91
C ILE A 239 7.15 -24.16 -16.83
N ALA A 240 7.23 -25.39 -17.31
CA ALA A 240 6.16 -26.00 -18.09
C ALA A 240 5.93 -27.39 -17.55
N VAL A 241 4.78 -27.96 -17.89
CA VAL A 241 4.42 -29.28 -17.43
C VAL A 241 3.93 -30.09 -18.62
N VAL A 242 4.35 -31.35 -18.67
CA VAL A 242 3.93 -32.27 -19.72
C VAL A 242 3.31 -33.48 -19.03
N ILE A 243 2.14 -33.88 -19.51
CA ILE A 243 1.45 -35.06 -19.00
C ILE A 243 1.27 -36.03 -20.16
N SER A 244 1.55 -37.30 -19.91
CA SER A 244 1.41 -38.35 -20.91
C SER A 244 0.81 -39.58 -20.27
N GLU A 245 0.15 -40.39 -21.11
CA GLU A 245 -0.56 -41.57 -20.65
C GLU A 245 0.40 -42.59 -20.05
N LYS A 246 -0.16 -43.45 -19.19
CA LYS A 246 0.62 -44.56 -18.64
C LYS A 246 1.05 -45.51 -19.75
N ASP A 247 0.39 -45.44 -20.91
CA ASP A 247 0.81 -46.25 -22.04
C ASP A 247 2.15 -45.78 -22.56
N THR A 248 2.38 -44.46 -22.59
CA THR A 248 3.63 -43.95 -23.10
C THR A 248 4.73 -44.12 -22.06
N GLU A 249 5.95 -44.31 -22.53
CA GLU A 249 7.07 -44.61 -21.66
C GLU A 249 8.30 -43.75 -21.93
N GLN A 250 8.24 -42.85 -22.91
CA GLN A 250 9.36 -41.99 -23.29
C GLN A 250 8.80 -40.72 -23.91
N SER A 251 9.62 -39.67 -23.91
CA SER A 251 9.23 -38.41 -24.54
C SER A 251 10.49 -37.70 -25.00
N SER A 252 10.32 -36.76 -25.93
CA SER A 252 11.46 -36.09 -26.57
C SER A 252 11.20 -34.59 -26.73
N ILE A 253 11.48 -33.84 -25.67
CA ILE A 253 11.36 -32.39 -25.75
C ILE A 253 12.64 -31.80 -26.36
N GLN A 254 12.50 -30.67 -27.03
CA GLN A 254 13.64 -29.83 -27.40
C GLN A 254 13.65 -28.62 -26.47
N VAL A 255 14.83 -28.09 -26.22
CA VAL A 255 14.99 -26.91 -25.37
C VAL A 255 15.91 -25.94 -26.10
N ALA A 256 15.32 -24.96 -26.77
CA ALA A 256 16.08 -23.97 -27.52
C ALA A 256 16.33 -22.73 -26.67
N TYR A 257 17.52 -22.16 -26.84
CA TYR A 257 17.86 -20.87 -26.24
C TYR A 257 18.44 -19.97 -27.31
N THR A 258 17.90 -18.76 -27.42
CA THR A 258 18.27 -17.84 -28.47
C THR A 258 18.61 -16.49 -27.86
N LYS A 259 19.30 -15.66 -28.63
CA LYS A 259 19.67 -14.32 -28.19
C LYS A 259 19.69 -13.45 -29.44
N HIS A 260 18.56 -12.78 -29.70
CA HIS A 260 18.54 -11.77 -30.74
C HIS A 260 19.27 -10.54 -30.24
N ALA A 261 20.02 -9.90 -31.13
CA ALA A 261 20.85 -8.77 -30.73
C ALA A 261 20.75 -7.65 -31.76
N ASP A 262 20.86 -6.43 -31.27
CA ASP A 262 20.90 -5.23 -32.10
C ASP A 262 22.26 -4.58 -31.91
N ASP A 263 22.68 -3.82 -32.91
CA ASP A 263 24.02 -3.23 -32.95
C ASP A 263 23.86 -1.71 -32.99
N TYR A 264 23.68 -1.12 -31.80
CA TYR A 264 23.52 0.31 -31.68
C TYR A 264 24.83 1.05 -31.97
N THR A 265 24.76 2.03 -32.86
CA THR A 265 25.90 2.77 -33.36
C THR A 265 25.65 4.26 -33.16
N LEU A 266 26.74 5.00 -32.98
CA LEU A 266 26.67 6.44 -32.79
C LEU A 266 27.25 7.14 -34.01
N ARG A 267 27.13 8.47 -34.02
CA ARG A 267 27.63 9.27 -35.13
C ARG A 267 28.11 10.61 -34.58
N PRO A 268 29.09 11.25 -35.23
CA PRO A 268 29.43 12.64 -34.87
C PRO A 268 28.45 13.66 -35.45
N GLY A 269 28.13 13.56 -36.73
CA GLY A 269 27.18 14.50 -37.31
C GLY A 269 27.07 14.32 -38.81
N PHE A 270 25.98 14.87 -39.34
CA PHE A 270 25.72 14.86 -40.78
C PHE A 270 25.75 16.29 -41.32
N TRP A 277 25.04 15.46 -32.62
CA TRP A 277 25.58 14.15 -32.25
C TRP A 277 24.51 13.09 -32.51
N VAL A 278 24.62 12.40 -33.63
CA VAL A 278 23.58 11.49 -34.10
C VAL A 278 23.80 10.10 -33.52
N GLY A 279 22.71 9.43 -33.16
CA GLY A 279 22.80 8.04 -32.68
C GLY A 279 21.72 7.23 -33.37
N ASN A 280 21.91 5.91 -33.52
CA ASN A 280 20.91 5.14 -34.32
C ASN A 280 20.63 3.77 -33.69
N ASN A 281 19.36 3.36 -33.64
CA ASN A 281 19.04 1.98 -33.20
C ASN A 281 18.89 1.17 -34.48
N ILE A 282 19.37 -0.08 -34.48
CA ILE A 282 19.32 -0.93 -35.70
C ILE A 282 18.67 -2.27 -35.31
N LYS A 283 17.66 -2.73 -36.06
CA LYS A 283 16.92 -3.96 -35.68
C LYS A 283 17.81 -5.22 -35.81
N ASP A 284 17.36 -6.32 -35.18
CA ASP A 284 18.16 -7.55 -34.97
C ASP A 284 19.14 -7.78 -36.14
N VAL A 285 20.45 -7.75 -35.88
CA VAL A 285 21.41 -8.03 -36.94
C VAL A 285 22.08 -9.39 -36.73
N ASP A 286 22.80 -9.56 -35.61
CA ASP A 286 23.52 -10.80 -35.35
C ASP A 286 22.84 -11.55 -34.20
N GLN A 287 22.66 -12.85 -34.37
CA GLN A 287 22.13 -13.70 -33.33
C GLN A 287 22.81 -15.07 -33.37
N LYS A 288 22.89 -15.71 -32.20
CA LYS A 288 23.41 -17.07 -32.07
C LYS A 288 22.53 -17.82 -31.09
N THR A 289 22.33 -19.11 -31.37
CA THR A 289 21.39 -19.94 -30.63
C THR A 289 22.06 -21.24 -30.17
N PHE A 290 21.54 -21.79 -29.08
CA PHE A 290 22.05 -23.03 -28.49
C PHE A 290 20.86 -23.83 -27.98
N ASN A 291 20.47 -24.85 -28.74
CA ASN A 291 19.33 -25.70 -28.44
C ASN A 291 19.79 -27.12 -28.17
N LYS A 292 18.98 -27.87 -27.42
CA LYS A 292 19.30 -29.24 -27.07
C LYS A 292 18.03 -29.98 -26.67
N SER A 293 17.93 -31.24 -27.06
CA SER A 293 16.81 -32.10 -26.75
C SER A 293 17.14 -33.01 -25.57
N PHE A 294 16.10 -33.61 -25.00
CA PHE A 294 16.24 -34.39 -23.77
C PHE A 294 15.25 -35.55 -23.80
N VAL A 295 15.73 -36.72 -23.37
CA VAL A 295 14.89 -37.92 -23.33
C VAL A 295 14.18 -38.01 -21.98
N LEU A 296 12.85 -38.00 -22.01
CA LEU A 296 11.99 -38.06 -20.82
C LEU A 296 11.53 -39.48 -20.50
N ASP A 297 12.45 -40.46 -20.36
CA ASP A 297 12.09 -41.80 -19.91
C ASP A 297 11.01 -41.87 -18.83
N TRP A 298 9.88 -42.53 -19.11
CA TRP A 298 8.79 -42.60 -18.15
C TRP A 298 8.67 -43.88 -17.33
N LYS A 299 9.34 -44.95 -17.74
CA LYS A 299 9.32 -46.22 -17.01
C LYS A 299 10.45 -46.35 -16.00
N ASN A 300 11.44 -45.46 -16.06
CA ASN A 300 12.55 -45.48 -15.13
C ASN A 300 12.98 -44.08 -14.70
N LYS A 301 12.33 -43.03 -15.21
CA LYS A 301 12.58 -41.65 -14.80
C LYS A 301 14.06 -41.29 -14.97
N LYS A 302 14.61 -41.60 -16.14
CA LYS A 302 15.94 -41.10 -16.49
C LYS A 302 15.83 -39.93 -17.46
N LEU A 303 16.91 -39.17 -17.55
CA LEU A 303 17.04 -38.06 -18.48
C LEU A 303 18.17 -38.37 -19.46
N VAL A 304 18.65 -37.32 -20.14
CA VAL A 304 19.76 -37.49 -21.12
C VAL A 304 21.05 -37.91 -20.39
N GLU A 305 20.97 -38.20 -19.09
CA GLU A 305 22.22 -38.50 -18.35
C GLU A 305 22.10 -39.77 -17.49
N LYS A 306 23.14 -40.06 -16.70
CA LYS A 306 23.14 -41.24 -15.78
C LYS A 306 23.06 -42.57 -16.57
N LYS A 307 22.62 -43.64 -15.91
CA LYS A 307 22.55 -44.98 -16.56
C LYS A 307 21.33 -45.76 -16.05
N GLY A 308 21.54 -46.97 -15.52
CA GLY A 308 20.42 -47.81 -15.05
C GLY A 308 20.71 -48.46 -13.71
N SER A 309 20.15 -49.64 -13.45
CA SER A 309 20.32 -50.31 -12.12
C SER A 309 20.09 -51.81 -12.22
N ALA A 310 19.51 -52.41 -11.16
CA ALA A 310 19.25 -53.87 -11.13
C ALA A 310 20.47 -54.62 -11.70
N THR B 5 15.00 -25.69 -6.05
CA THR B 5 16.28 -26.23 -5.62
C THR B 5 16.48 -26.03 -4.13
N SER B 6 17.56 -26.60 -3.60
CA SER B 6 17.98 -26.26 -2.25
C SER B 6 18.65 -24.90 -2.30
N GLN B 7 17.87 -23.84 -2.10
CA GLN B 7 18.41 -22.49 -2.05
C GLN B 7 17.86 -21.76 -0.84
N VAL B 8 16.63 -22.11 -0.44
CA VAL B 8 15.91 -21.35 0.56
C VAL B 8 15.62 -22.27 1.75
N VAL B 9 16.46 -23.28 1.95
CA VAL B 9 16.20 -24.24 3.02
C VAL B 9 17.12 -23.99 4.21
N THR B 10 18.43 -24.19 4.00
CA THR B 10 19.49 -23.94 5.00
C THR B 10 19.01 -24.25 6.42
N ASP B 11 18.65 -25.52 6.64
CA ASP B 11 17.83 -25.93 7.76
C ASP B 11 18.66 -26.36 8.98
N ILE B 12 19.10 -25.37 9.75
CA ILE B 12 19.66 -25.64 11.07
C ILE B 12 18.58 -25.96 12.09
N GLY B 13 17.45 -25.27 12.02
CA GLY B 13 16.37 -25.47 12.98
C GLY B 13 15.91 -26.90 13.19
N GLN B 14 16.12 -27.76 12.20
CA GLN B 14 15.46 -29.05 12.08
C GLN B 14 16.14 -30.05 13.02
N ASN B 15 15.33 -30.71 13.85
CA ASN B 15 15.83 -31.61 14.90
C ASN B 15 16.96 -30.95 15.69
N ALA B 16 16.72 -29.70 16.10
CA ALA B 16 17.69 -28.93 16.86
C ALA B 16 17.66 -29.39 18.31
N LYS B 17 18.81 -29.86 18.82
CA LYS B 17 18.83 -30.52 20.12
C LYS B 17 19.04 -29.57 21.29
N THR B 18 18.41 -29.94 22.40
CA THR B 18 18.48 -29.37 23.75
C THR B 18 17.86 -28.00 23.99
N HIS B 19 17.59 -27.22 22.95
CA HIS B 19 16.89 -25.93 23.06
C HIS B 19 17.14 -25.14 24.35
N THR B 20 18.40 -25.00 24.73
CA THR B 20 18.83 -24.63 26.08
C THR B 20 18.80 -23.13 26.37
N SER B 21 17.60 -22.56 26.23
CA SER B 21 17.40 -21.11 26.48
C SER B 21 17.90 -20.67 27.85
N TYR B 22 18.86 -19.77 27.88
CA TYR B 22 19.27 -19.18 29.16
C TYR B 22 18.92 -17.69 29.19
N ASN B 23 18.90 -17.13 30.39
CA ASN B 23 18.51 -15.74 30.58
C ASN B 23 19.30 -15.12 31.72
N THR B 24 19.77 -13.88 31.51
CA THR B 24 20.45 -13.12 32.55
C THR B 24 20.26 -11.63 32.28
N PHE B 25 19.85 -10.88 33.30
CA PHE B 25 19.58 -9.45 33.18
C PHE B 25 20.29 -8.71 34.29
N ASN B 26 20.81 -7.52 33.99
CA ASN B 26 21.47 -6.70 34.99
C ASN B 26 21.33 -5.22 34.64
N ASN B 27 21.50 -4.38 35.67
CA ASN B 27 21.40 -2.93 35.54
C ASN B 27 22.66 -2.25 36.07
N GLU B 28 23.13 -1.24 35.33
CA GLU B 28 24.19 -0.35 35.79
C GLU B 28 23.54 1.02 36.02
N GLN B 29 23.32 1.35 37.29
CA GLN B 29 22.47 2.48 37.67
C GLN B 29 23.13 3.84 37.47
N ALA B 30 24.45 3.90 37.40
CA ALA B 30 25.13 5.20 37.30
C ALA B 30 24.67 5.98 36.08
N ASP B 31 24.70 5.35 34.90
CA ASP B 31 24.16 5.92 33.67
C ASP B 31 22.79 5.34 33.34
N ASN B 32 22.18 4.61 34.27
CA ASN B 32 20.86 3.99 34.10
C ASN B 32 20.78 3.19 32.81
N MET B 33 21.68 2.21 32.68
CA MET B 33 21.68 1.30 31.55
C MET B 33 21.32 -0.10 32.02
N THR B 34 20.60 -0.84 31.18
CA THR B 34 20.11 -2.18 31.50
C THR B 34 20.46 -3.16 30.38
N MET B 35 21.43 -4.01 30.64
CA MET B 35 21.80 -5.04 29.68
C MET B 35 20.88 -6.25 29.81
N SER B 36 20.56 -6.86 28.68
CA SER B 36 19.76 -8.09 28.66
C SER B 36 20.32 -9.03 27.62
N LEU B 37 20.19 -10.33 27.88
CA LEU B 37 20.70 -11.35 26.99
C LEU B 37 19.73 -12.52 26.92
N LYS B 38 19.72 -13.18 25.77
CA LYS B 38 18.88 -14.34 25.51
C LYS B 38 19.73 -15.31 24.70
N VAL B 39 20.29 -16.31 25.36
CA VAL B 39 21.13 -17.31 24.72
C VAL B 39 20.35 -18.59 24.56
N THR B 40 20.57 -19.28 23.44
CA THR B 40 20.06 -20.63 23.24
C THR B 40 21.15 -21.45 22.56
N PHE B 41 21.55 -22.55 23.20
CA PHE B 41 22.56 -23.42 22.64
C PHE B 41 21.87 -24.53 21.85
N ILE B 42 22.35 -24.77 20.64
CA ILE B 42 21.84 -25.83 19.77
C ILE B 42 22.99 -26.73 19.37
N ASP B 43 22.82 -28.04 19.60
CA ASP B 43 23.82 -29.02 19.22
C ASP B 43 23.14 -29.93 18.20
N ASP B 44 23.20 -29.52 16.94
CA ASP B 44 22.58 -30.27 15.86
C ASP B 44 23.52 -31.37 15.39
N PRO B 45 23.14 -32.65 15.49
CA PRO B 45 24.07 -33.72 15.07
C PRO B 45 24.45 -33.64 13.61
N SER B 46 23.59 -33.07 12.76
CA SER B 46 23.94 -32.90 11.36
C SER B 46 25.11 -31.93 11.21
N ALA B 47 25.25 -30.96 12.12
CA ALA B 47 26.32 -29.98 12.02
C ALA B 47 27.67 -30.59 12.37
N ASP B 48 28.71 -29.79 12.13
CA ASP B 48 30.07 -30.13 12.55
C ASP B 48 30.39 -29.60 13.93
N LYS B 49 29.82 -28.46 14.29
CA LYS B 49 30.14 -27.70 15.49
C LYS B 49 28.84 -27.49 16.28
N GLN B 50 28.94 -26.88 17.45
CA GLN B 50 27.76 -26.60 18.25
C GLN B 50 27.45 -25.11 18.15
N ILE B 51 26.18 -24.81 17.87
CA ILE B 51 25.74 -23.45 17.58
C ILE B 51 25.00 -22.89 18.79
N ALA B 52 25.17 -21.59 19.03
CA ALA B 52 24.50 -20.91 20.13
C ALA B 52 24.10 -19.51 19.69
N VAL B 53 22.82 -19.18 19.82
CA VAL B 53 22.27 -17.92 19.36
C VAL B 53 22.05 -17.01 20.57
N ILE B 54 22.60 -15.79 20.49
CA ILE B 54 22.50 -14.79 21.54
C ILE B 54 21.60 -13.66 21.03
N ASN B 55 20.60 -13.29 21.84
CA ASN B 55 19.67 -12.23 21.51
C ASN B 55 19.78 -11.16 22.58
N THR B 56 20.23 -9.96 22.19
CA THR B 56 20.40 -8.86 23.13
C THR B 56 19.15 -7.97 23.11
N THR B 57 18.63 -7.69 24.30
CA THR B 57 17.39 -6.92 24.46
C THR B 57 17.59 -5.97 25.64
N GLY B 58 16.48 -5.47 26.19
CA GLY B 58 16.54 -4.49 27.26
C GLY B 58 16.45 -3.06 26.76
N SER B 59 17.09 -2.14 27.47
CA SER B 59 17.04 -0.73 27.08
C SER B 59 18.26 -0.02 27.65
N PHE B 60 18.46 1.22 27.19
CA PHE B 60 19.51 2.09 27.68
C PHE B 60 19.01 3.53 27.69
N MET B 61 19.14 4.19 28.84
CA MET B 61 18.57 5.52 29.02
C MET B 61 19.45 6.59 28.37
N LYS B 62 18.79 7.66 27.91
CA LYS B 62 19.53 8.83 27.47
C LYS B 62 20.04 9.64 28.65
N ALA B 63 19.16 9.89 29.64
CA ALA B 63 19.49 10.60 30.87
C ALA B 63 20.10 11.98 30.56
N ASN B 64 19.32 12.81 29.88
CA ASN B 64 19.79 14.06 29.30
C ASN B 64 19.80 15.20 30.31
N PRO B 65 20.96 15.57 30.87
CA PRO B 65 20.99 16.69 31.81
C PRO B 65 21.44 18.00 31.18
N THR B 66 21.24 19.12 31.88
CA THR B 66 21.91 20.38 31.59
C THR B 66 22.80 20.71 32.79
N LEU B 67 24.06 20.27 32.74
CA LEU B 67 24.91 20.29 33.92
C LEU B 67 25.73 21.57 34.10
N SER B 68 25.70 22.45 33.11
CA SER B 68 26.35 23.78 33.26
C SER B 68 25.23 24.82 33.23
N ASP B 69 24.96 25.49 34.36
CA ASP B 69 23.78 26.40 34.39
C ASP B 69 24.12 27.75 35.02
N ALA B 70 24.58 28.70 34.20
CA ALA B 70 24.82 30.05 34.68
C ALA B 70 23.65 30.85 34.14
N PRO B 71 22.65 31.19 34.95
CA PRO B 71 21.34 31.56 34.40
C PRO B 71 21.31 32.73 33.41
N VAL B 72 21.69 33.93 33.83
CA VAL B 72 21.69 35.09 32.94
C VAL B 72 23.08 35.74 32.96
N ASP B 73 23.93 35.39 32.00
CA ASP B 73 25.26 35.99 31.93
C ASP B 73 25.43 36.65 30.57
N ILE B 77 27.23 40.99 24.65
CA ILE B 77 28.31 40.19 23.99
C ILE B 77 28.49 38.85 24.73
N PRO B 78 28.94 38.80 26.00
CA PRO B 78 29.18 37.51 26.65
C PRO B 78 27.86 36.82 26.90
N GLY B 79 27.71 35.59 26.42
CA GLY B 79 26.50 34.86 26.73
C GLY B 79 26.23 34.24 28.08
N ALA B 80 25.24 33.35 28.11
CA ALA B 80 24.73 32.80 29.35
C ALA B 80 25.32 31.44 29.67
N SER B 81 25.89 30.76 28.68
CA SER B 81 26.62 29.50 28.83
C SER B 81 25.84 28.48 29.65
N VAL B 82 24.78 27.98 29.03
CA VAL B 82 24.03 26.83 29.52
C VAL B 82 24.22 25.72 28.48
N THR B 83 24.75 24.59 28.92
CA THR B 83 25.02 23.46 28.04
C THR B 83 24.08 22.32 28.39
N LEU B 84 23.90 21.42 27.43
CA LEU B 84 23.12 20.21 27.63
C LEU B 84 23.86 19.05 27.00
N ARG B 85 24.09 18.01 27.80
CA ARG B 85 24.87 16.84 27.38
C ARG B 85 23.95 15.86 26.68
N TYR B 86 23.73 16.11 25.39
CA TYR B 86 22.91 15.23 24.56
C TYR B 86 23.81 14.16 23.94
N PRO B 87 23.60 12.88 24.25
CA PRO B 87 24.48 11.83 23.70
C PRO B 87 24.29 11.66 22.20
N SER B 88 25.37 11.23 21.54
CA SER B 88 25.38 11.10 20.09
C SER B 88 25.55 9.66 19.61
N GLN B 89 26.63 8.98 19.99
CA GLN B 89 26.91 7.64 19.50
C GLN B 89 26.62 6.59 20.56
N TYR B 90 26.22 5.40 20.09
CA TYR B 90 25.86 4.29 20.97
C TYR B 90 26.60 3.05 20.48
N ASP B 91 27.86 2.93 20.90
CA ASP B 91 28.71 1.82 20.49
C ASP B 91 28.42 0.59 21.35
N ILE B 92 28.27 -0.56 20.70
CA ILE B 92 28.13 -1.84 21.37
C ILE B 92 29.21 -2.76 20.84
N ALA B 93 30.01 -3.33 21.74
CA ALA B 93 31.14 -4.16 21.35
C ALA B 93 31.03 -5.52 22.02
N MET B 94 31.50 -6.55 21.32
CA MET B 94 31.57 -7.92 21.84
C MET B 94 32.96 -8.44 21.52
N ASN B 95 33.85 -8.44 22.52
CA ASN B 95 35.26 -8.74 22.33
C ASN B 95 35.60 -10.12 22.88
N LEU B 96 35.59 -11.12 22.00
CA LEU B 96 36.12 -12.44 22.33
C LEU B 96 37.62 -12.38 22.52
N GLN B 97 38.13 -13.16 23.48
CA GLN B 97 39.57 -13.24 23.65
C GLN B 97 40.19 -13.81 22.38
N ASP B 98 41.35 -13.29 21.98
CA ASP B 98 41.86 -13.65 20.66
C ASP B 98 42.57 -15.00 20.66
N ASN B 99 41.93 -16.02 21.25
CA ASN B 99 42.39 -17.39 21.10
C ASN B 99 41.28 -18.42 20.99
N THR B 100 40.02 -18.05 21.22
CA THR B 100 38.94 -19.02 21.34
C THR B 100 38.26 -19.26 19.98
N SER B 101 37.08 -19.87 20.02
CA SER B 101 36.35 -20.23 18.82
C SER B 101 35.88 -19.00 18.07
N ARG B 102 35.18 -19.23 16.96
CA ARG B 102 34.75 -18.19 16.05
C ARG B 102 33.41 -17.56 16.45
N PHE B 103 33.22 -16.32 15.98
CA PHE B 103 31.93 -15.63 15.96
C PHE B 103 31.52 -15.43 14.50
N PHE B 104 30.22 -15.35 14.26
CA PHE B 104 29.75 -15.23 12.85
C PHE B 104 28.32 -14.74 12.81
N HIS B 105 27.82 -14.29 11.65
CA HIS B 105 26.39 -13.87 11.49
C HIS B 105 26.07 -12.62 12.33
N VAL B 106 25.21 -11.76 11.78
CA VAL B 106 24.85 -10.51 12.49
C VAL B 106 23.45 -10.08 12.06
N ALA B 107 22.53 -9.91 13.02
CA ALA B 107 21.20 -9.44 12.72
C ALA B 107 20.89 -8.21 13.54
N PRO B 108 20.25 -7.18 12.96
CA PRO B 108 19.81 -7.05 11.56
C PRO B 108 20.98 -6.64 10.69
N THR B 109 20.73 -6.14 9.48
CA THR B 109 21.79 -5.64 8.61
C THR B 109 21.37 -4.30 8.02
N ASN B 110 22.31 -3.68 7.33
CA ASN B 110 22.04 -2.43 6.62
C ASN B 110 21.29 -2.71 5.32
N ALA B 111 20.52 -1.72 4.88
CA ALA B 111 19.67 -1.89 3.71
C ALA B 111 19.77 -0.65 2.83
N VAL B 112 19.49 -0.85 1.54
CA VAL B 112 19.43 0.28 0.62
C VAL B 112 18.17 1.11 0.91
N GLU B 113 18.15 2.32 0.38
CA GLU B 113 17.03 3.23 0.53
C GLU B 113 16.31 3.38 -0.80
N GLU B 114 14.97 3.34 -0.75
CA GLU B 114 14.15 3.41 -1.94
C GLU B 114 13.65 4.84 -2.03
N THR B 115 13.90 5.50 -3.16
CA THR B 115 13.61 6.91 -3.31
C THR B 115 12.77 7.14 -4.55
N SER B 122 7.47 19.29 -19.29
CA SER B 122 6.14 19.82 -19.56
C SER B 122 6.24 21.03 -20.48
N TYR B 123 5.45 21.05 -21.55
CA TYR B 123 5.35 22.19 -22.44
C TYR B 123 3.88 22.62 -22.55
N GLN B 124 3.69 23.94 -22.70
CA GLN B 124 2.35 24.53 -22.65
C GLN B 124 2.21 25.58 -23.74
N LEU B 125 0.98 26.08 -23.90
CA LEU B 125 0.64 27.13 -24.86
C LEU B 125 -0.28 28.17 -24.22
N GLY B 126 -0.32 29.35 -24.84
CA GLY B 126 -1.17 30.42 -24.35
C GLY B 126 -1.84 31.15 -25.49
N GLY B 127 -2.91 31.87 -25.16
CA GLY B 127 -3.61 32.69 -26.14
C GLY B 127 -4.71 33.58 -25.60
N SER B 128 -4.79 34.84 -26.04
CA SER B 128 -5.78 35.77 -25.52
C SER B 128 -6.01 36.89 -26.51
N ILE B 129 -7.16 37.57 -26.33
CA ILE B 129 -7.53 38.74 -27.13
C ILE B 129 -8.22 39.75 -26.21
N ASP B 130 -7.96 41.03 -26.43
CA ASP B 130 -8.42 42.13 -25.60
C ASP B 130 -9.13 43.18 -26.46
N ALA B 131 -10.16 43.81 -25.88
CA ALA B 131 -10.88 44.89 -26.54
C ALA B 131 -10.94 46.10 -25.61
N SER B 132 -11.05 47.29 -26.19
CA SER B 132 -10.96 48.51 -25.41
C SER B 132 -11.83 49.61 -26.06
N VAL B 133 -11.50 50.86 -25.76
CA VAL B 133 -12.29 52.03 -26.14
C VAL B 133 -11.52 52.84 -27.18
N THR B 134 -12.11 53.97 -27.62
CA THR B 134 -11.88 54.51 -28.95
C THR B 134 -10.41 54.69 -29.33
N PRO B 135 -9.59 55.60 -28.73
CA PRO B 135 -8.17 55.58 -29.09
C PRO B 135 -7.35 54.75 -28.12
N SER B 136 -7.67 53.47 -27.97
CA SER B 136 -6.86 52.63 -27.09
C SER B 136 -6.27 51.42 -27.81
N GLY B 137 -7.09 50.70 -28.57
CA GLY B 137 -6.58 49.61 -29.36
C GLY B 137 -6.82 48.27 -28.69
N PRO B 138 -7.00 47.21 -29.48
CA PRO B 138 -7.11 45.88 -28.90
C PRO B 138 -5.73 45.24 -28.70
N SER B 139 -5.70 44.28 -27.80
CA SER B 139 -4.47 43.54 -27.51
C SER B 139 -4.61 42.07 -27.87
N GLY B 140 -3.50 41.35 -27.73
CA GLY B 140 -3.47 39.91 -27.96
C GLY B 140 -2.35 39.30 -27.14
N GLU B 141 -2.42 37.98 -26.98
CA GLU B 141 -1.40 37.25 -26.26
C GLU B 141 -1.34 35.84 -26.81
N SER B 142 -0.12 35.28 -26.90
CA SER B 142 0.07 33.92 -27.38
C SER B 142 1.30 33.34 -26.68
N GLY B 143 1.09 32.64 -25.58
CA GLY B 143 2.20 32.14 -24.80
C GLY B 143 2.69 30.78 -25.27
N ALA B 144 3.88 30.42 -24.82
CA ALA B 144 4.47 29.12 -25.11
C ALA B 144 5.58 28.85 -24.10
N THR B 145 5.48 27.75 -23.38
CA THR B 145 6.42 27.44 -22.31
C THR B 145 6.83 25.97 -22.40
N GLY B 146 8.01 25.68 -21.87
CA GLY B 146 8.49 24.31 -21.81
C GLY B 146 9.33 24.05 -20.57
N GLN B 147 8.93 23.05 -19.78
CA GLN B 147 9.62 22.74 -18.53
C GLN B 147 10.12 21.30 -18.50
N SER B 160 16.71 10.85 12.43
CA SER B 160 17.66 9.90 11.85
C SER B 160 18.28 9.06 12.94
N TYR B 161 18.10 7.74 12.87
CA TYR B 161 18.81 6.79 13.71
C TYR B 161 19.27 5.59 12.87
N LYS B 162 19.93 5.89 11.75
CA LYS B 162 20.43 4.84 10.87
C LYS B 162 21.31 3.87 11.65
N THR B 163 21.04 2.58 11.48
CA THR B 163 21.66 1.52 12.27
C THR B 163 22.70 0.85 11.37
N ASN B 164 23.92 1.36 11.42
CA ASN B 164 24.98 0.85 10.56
C ASN B 164 25.67 -0.33 11.23
N LEU B 165 26.17 -1.23 10.40
CA LEU B 165 26.83 -2.46 10.83
C LEU B 165 28.28 -2.45 10.35
N ILE B 166 29.21 -2.01 11.19
CA ILE B 166 30.61 -2.09 10.80
C ILE B 166 31.04 -3.56 10.72
N ASP B 167 32.13 -3.80 10.00
CA ASP B 167 32.55 -5.16 9.64
C ASP B 167 32.51 -6.13 10.83
N GLN B 168 31.87 -7.26 10.61
CA GLN B 168 31.95 -8.36 11.56
C GLN B 168 33.36 -8.94 11.56
N THR B 169 33.65 -9.75 12.57
CA THR B 169 34.87 -10.55 12.61
C THR B 169 34.49 -11.92 13.17
N ASN B 170 35.47 -12.81 13.27
CA ASN B 170 35.24 -14.04 14.02
C ASN B 170 35.34 -13.86 15.52
N LYS B 171 35.91 -12.76 16.02
CA LYS B 171 35.97 -12.57 17.47
C LYS B 171 35.37 -11.27 17.97
N HIS B 172 35.77 -10.13 17.38
CA HIS B 172 35.45 -8.83 17.92
C HIS B 172 34.49 -8.15 16.95
N VAL B 173 33.26 -7.96 17.36
CA VAL B 173 32.23 -7.29 16.57
C VAL B 173 31.89 -5.96 17.23
N LYS B 174 31.50 -4.99 16.41
CA LYS B 174 31.24 -3.64 16.86
C LYS B 174 29.99 -3.12 16.17
N TRP B 175 29.36 -2.12 16.80
CA TRP B 175 28.23 -1.43 16.23
C TRP B 175 28.35 0.05 16.60
N ASN B 176 27.85 0.89 15.72
CA ASN B 176 28.00 2.32 16.01
C ASN B 176 26.66 3.06 16.02
N VAL B 177 25.79 2.78 15.05
CA VAL B 177 24.44 3.34 14.94
C VAL B 177 24.47 4.84 15.23
N PHE B 178 24.76 5.64 14.22
CA PHE B 178 24.87 7.08 14.44
C PHE B 178 23.51 7.74 14.29
N PHE B 179 23.44 9.02 14.67
CA PHE B 179 22.30 9.86 14.32
C PHE B 179 22.86 11.18 13.83
N ASN B 180 22.13 11.81 12.92
CA ASN B 180 22.58 13.03 12.27
C ASN B 180 21.81 14.25 12.77
N GLY B 181 20.49 14.23 12.67
CA GLY B 181 19.76 15.43 13.03
C GLY B 181 18.27 15.19 13.11
N TYR B 182 17.56 16.26 13.48
CA TYR B 182 16.13 16.23 13.68
C TYR B 182 15.55 17.54 13.16
N ASN B 183 14.26 17.49 12.84
CA ASN B 183 13.51 18.66 12.38
C ASN B 183 12.79 19.27 13.58
N ASN B 184 13.32 20.41 14.00
CA ASN B 184 12.70 21.18 15.11
C ASN B 184 11.24 21.43 14.77
N GLN B 185 10.37 21.36 15.77
CA GLN B 185 8.91 21.55 15.59
C GLN B 185 8.43 21.98 14.19
N ASN B 186 8.39 21.07 13.20
CA ASN B 186 7.66 21.31 11.96
C ASN B 186 8.44 22.20 11.00
N TRP B 187 9.56 22.77 11.42
CA TRP B 187 10.29 23.73 10.59
C TRP B 187 11.71 23.27 10.33
N GLY B 188 12.12 23.36 9.07
CA GLY B 188 13.50 23.13 8.67
C GLY B 188 14.06 21.78 9.04
N ILE B 189 15.38 21.65 8.97
CA ILE B 189 16.07 20.43 9.38
C ILE B 189 17.48 20.80 9.83
N TYR B 190 17.86 20.36 11.02
CA TYR B 190 19.16 20.62 11.58
C TYR B 190 19.81 19.31 11.96
N THR B 191 21.10 19.18 11.67
CA THR B 191 21.84 17.94 11.88
C THR B 191 22.95 18.16 12.89
N ARG B 192 23.77 17.11 13.07
CA ARG B 192 24.97 17.19 13.90
C ARG B 192 26.04 18.08 13.27
N ASP B 193 25.75 18.68 12.11
CA ASP B 193 26.65 19.64 11.48
C ASP B 193 25.96 20.87 10.95
N SER B 194 24.66 21.06 11.21
CA SER B 194 23.95 22.20 10.62
C SER B 194 24.33 23.49 11.33
N TYR B 195 24.97 24.40 10.60
CA TYR B 195 25.37 25.68 11.16
C TYR B 195 24.46 26.79 10.66
N TYR B 199 22.28 32.11 12.89
CA TYR B 199 21.68 31.65 14.14
C TYR B 199 22.56 30.63 14.84
N GLY B 200 23.58 30.13 14.15
CA GLY B 200 24.26 29.00 14.70
C GLY B 200 23.33 27.80 14.64
N ASN B 201 23.49 26.89 15.60
CA ASN B 201 22.59 25.75 15.70
C ASN B 201 21.32 26.14 16.44
N GLN B 202 20.16 25.88 15.82
CA GLN B 202 18.88 26.06 16.47
C GLN B 202 18.22 24.72 16.76
N LEU B 203 19.02 23.64 16.73
CA LEU B 203 18.47 22.29 16.87
C LEU B 203 17.81 22.09 18.22
N PHE B 204 18.37 22.70 19.26
CA PHE B 204 17.82 22.58 20.60
C PHE B 204 17.28 23.91 21.11
N MET B 205 17.21 24.92 20.25
CA MET B 205 16.62 26.21 20.60
C MET B 205 15.12 26.17 20.32
N TYR B 206 14.34 26.81 21.18
CA TYR B 206 12.91 26.93 20.88
C TYR B 206 12.59 28.26 20.21
N SER B 207 12.89 29.37 20.88
CA SER B 207 12.52 30.71 20.41
C SER B 207 13.79 31.50 20.14
N ARG B 208 13.93 32.00 18.92
CA ARG B 208 15.11 32.74 18.49
C ARG B 208 14.98 34.27 18.57
N THR B 209 13.77 34.81 18.69
CA THR B 209 13.60 36.25 18.47
C THR B 209 14.30 37.30 19.33
N TYR B 210 14.06 37.26 20.65
CA TYR B 210 14.75 37.99 21.73
C TYR B 210 13.68 38.47 22.71
N GLU B 213 14.65 37.19 27.53
CA GLU B 213 15.94 36.50 27.68
C GLU B 213 16.06 35.87 29.06
N THR B 214 15.32 34.78 29.25
CA THR B 214 15.30 34.05 30.52
C THR B 214 16.61 33.27 30.64
N ASP B 215 16.73 32.46 31.69
CA ASP B 215 17.86 31.55 31.80
C ASP B 215 17.89 30.62 30.60
N ALA B 216 19.10 30.36 30.10
CA ALA B 216 19.25 29.54 28.92
C ALA B 216 18.99 28.07 29.19
N ARG B 217 18.77 27.69 30.45
CA ARG B 217 18.30 26.34 30.77
C ARG B 217 16.86 26.13 30.30
N GLY B 218 16.08 27.20 30.16
CA GLY B 218 14.69 27.11 29.78
C GLY B 218 14.26 27.79 28.50
N ASN B 219 15.19 27.96 27.56
CA ASN B 219 14.86 28.47 26.23
C ASN B 219 14.96 27.36 25.18
N LEU B 220 14.97 26.12 25.62
CA LEU B 220 14.98 24.96 24.74
C LEU B 220 13.56 24.46 24.49
N VAL B 221 13.36 23.91 23.29
CA VAL B 221 12.10 23.23 22.99
C VAL B 221 11.95 22.03 23.92
N PRO B 222 10.80 21.85 24.58
CA PRO B 222 10.70 20.82 25.63
C PRO B 222 11.08 19.43 25.15
N MET B 223 11.54 18.61 26.10
CA MET B 223 12.10 17.31 25.76
C MET B 223 11.06 16.40 25.11
N ASN B 224 9.85 16.36 25.65
CA ASN B 224 8.79 15.58 25.03
C ASN B 224 8.27 16.22 23.74
N ASP B 225 8.59 17.48 23.50
CA ASP B 225 8.34 18.14 22.23
C ASP B 225 9.44 17.84 21.20
N LEU B 226 10.37 16.97 21.56
CA LEU B 226 11.52 16.57 20.75
C LEU B 226 11.37 15.07 20.52
N PRO B 227 12.22 14.43 19.68
CA PRO B 227 11.98 13.02 19.33
C PRO B 227 11.81 12.09 20.53
N THR B 228 11.18 10.93 20.28
CA THR B 228 10.96 9.96 21.34
C THR B 228 12.27 9.42 21.89
N LEU B 229 13.24 9.14 21.02
CA LEU B 229 14.50 8.60 21.49
C LEU B 229 15.24 9.62 22.36
N THR B 230 15.28 10.88 21.93
CA THR B 230 16.10 11.89 22.60
C THR B 230 15.77 12.01 24.07
N ASN B 231 14.51 11.75 24.45
CA ASN B 231 14.08 11.88 25.83
C ASN B 231 13.94 10.55 26.58
N SER B 232 13.90 9.45 25.84
CA SER B 232 13.70 8.13 26.50
C SER B 232 14.98 7.28 26.43
N GLY B 233 15.08 6.43 25.41
CA GLY B 233 16.26 5.56 25.27
C GLY B 233 16.11 4.62 24.09
N PHE B 234 17.14 3.82 23.82
CA PHE B 234 17.04 2.81 22.73
C PHE B 234 16.81 1.43 23.33
N SER B 235 15.96 0.61 22.71
CA SER B 235 15.72 -0.77 23.20
C SER B 235 16.41 -1.75 22.26
N PRO B 236 17.61 -2.25 22.60
CA PRO B 236 18.36 -3.10 21.69
C PRO B 236 17.64 -4.36 21.27
N GLY B 237 17.75 -4.71 19.98
CA GLY B 237 17.21 -5.97 19.54
C GLY B 237 18.23 -6.78 18.76
N MET B 238 19.51 -6.51 19.03
CA MET B 238 20.59 -7.13 18.28
C MET B 238 20.69 -8.61 18.62
N ILE B 239 20.78 -9.44 17.58
CA ILE B 239 20.89 -10.89 17.73
C ILE B 239 22.23 -11.32 17.17
N ALA B 240 22.90 -12.23 17.88
CA ALA B 240 24.15 -12.80 17.39
C ALA B 240 24.15 -14.32 17.61
N VAL B 241 25.05 -14.99 16.90
CA VAL B 241 25.18 -16.45 16.96
C VAL B 241 26.65 -16.82 17.10
N VAL B 242 26.93 -17.80 17.96
CA VAL B 242 28.28 -18.31 18.17
C VAL B 242 28.29 -19.81 17.94
N ILE B 243 29.28 -20.29 17.19
CA ILE B 243 29.53 -21.72 17.00
C ILE B 243 30.92 -22.04 17.50
N SER B 244 31.06 -23.20 18.11
CA SER B 244 32.34 -23.66 18.60
C SER B 244 32.52 -25.13 18.26
N GLU B 245 33.77 -25.53 18.10
CA GLU B 245 34.06 -26.91 17.76
C GLU B 245 33.69 -27.83 18.92
N LYS B 246 33.35 -29.07 18.60
CA LYS B 246 33.01 -30.03 19.65
C LYS B 246 34.19 -30.43 20.53
N ASP B 247 35.42 -30.31 20.04
CA ASP B 247 36.57 -30.69 20.87
C ASP B 247 36.89 -29.65 21.95
N THR B 248 36.85 -28.37 21.59
CA THR B 248 37.29 -27.32 22.51
C THR B 248 36.25 -27.03 23.60
N GLU B 249 36.73 -26.49 24.72
CA GLU B 249 35.91 -26.26 25.90
C GLU B 249 36.09 -24.85 26.44
N GLN B 250 34.96 -24.20 26.75
CA GLN B 250 34.87 -22.84 27.30
C GLN B 250 35.39 -21.71 26.41
N SER B 251 34.97 -20.48 26.73
CA SER B 251 35.37 -19.27 26.03
C SER B 251 35.13 -18.10 26.98
N SER B 252 35.74 -16.94 26.66
CA SER B 252 35.68 -15.76 27.53
C SER B 252 35.40 -14.52 26.66
N ILE B 253 34.11 -14.28 26.38
CA ILE B 253 33.65 -13.15 25.59
C ILE B 253 33.52 -11.90 26.46
N GLN B 254 33.65 -10.74 25.82
CA GLN B 254 33.29 -9.46 26.41
C GLN B 254 32.00 -8.93 25.78
N VAL B 255 31.25 -8.15 26.54
CA VAL B 255 30.05 -7.45 26.05
C VAL B 255 30.13 -6.02 26.56
N ALA B 256 30.59 -5.11 25.70
CA ALA B 256 30.70 -3.70 26.06
C ALA B 256 29.47 -2.93 25.64
N TYR B 257 29.08 -1.96 26.47
CA TYR B 257 28.03 -1.01 26.15
C TYR B 257 28.57 0.39 26.40
N THR B 258 28.44 1.26 25.40
CA THR B 258 29.07 2.57 25.43
C THR B 258 28.03 3.63 25.09
N LYS B 259 28.34 4.88 25.44
CA LYS B 259 27.46 6.01 25.12
C LYS B 259 28.35 7.24 24.91
N HIS B 260 28.64 7.55 23.65
CA HIS B 260 29.27 8.82 23.34
C HIS B 260 28.26 9.95 23.56
N ALA B 261 28.75 11.09 24.01
CA ALA B 261 27.86 12.20 24.32
C ALA B 261 28.40 13.49 23.75
N ASP B 262 27.47 14.36 23.37
CA ASP B 262 27.78 15.70 22.88
C ASP B 262 27.19 16.71 23.85
N ASP B 263 27.79 17.90 23.88
CA ASP B 263 27.42 18.94 24.84
C ASP B 263 26.96 20.18 24.06
N TYR B 264 25.69 20.15 23.67
CA TYR B 264 25.08 21.28 22.99
C TYR B 264 24.93 22.44 23.96
N THR B 265 25.38 23.63 23.55
CA THR B 265 25.45 24.79 24.44
C THR B 265 24.61 25.93 23.87
N LEU B 266 23.95 26.66 24.76
CA LEU B 266 23.05 27.76 24.42
C LEU B 266 23.56 29.08 24.97
N ARG B 267 23.50 30.11 24.12
CA ARG B 267 23.94 31.47 24.53
C ARG B 267 22.89 32.45 24.01
N PRO B 268 22.55 33.57 24.70
CA PRO B 268 21.47 34.44 24.25
C PRO B 268 21.93 35.66 23.49
N GLY B 269 23.11 35.59 22.88
CA GLY B 269 23.62 36.72 22.09
C GLY B 269 25.02 36.48 21.59
N PHE B 270 25.78 35.61 22.28
CA PHE B 270 27.18 35.30 21.89
C PHE B 270 27.39 35.61 20.41
N GLY B 273 23.86 41.50 18.54
CA GLY B 273 23.34 42.84 18.71
C GLY B 273 21.85 42.87 18.90
N THR B 274 21.13 42.01 18.18
CA THR B 274 19.68 41.96 18.31
C THR B 274 19.27 41.34 19.64
N GLY B 275 19.97 40.30 20.07
CA GLY B 275 19.57 39.50 21.20
C GLY B 275 19.11 38.09 20.85
N ASN B 276 19.39 37.62 19.63
CA ASN B 276 18.98 36.29 19.21
C ASN B 276 19.74 35.22 20.00
N TRP B 277 19.11 34.07 20.15
CA TRP B 277 19.67 32.97 20.92
C TRP B 277 20.49 32.07 20.00
N VAL B 278 21.78 31.91 20.30
CA VAL B 278 22.69 31.10 19.48
C VAL B 278 22.92 29.77 20.17
N GLY B 279 22.95 28.71 19.37
CA GLY B 279 23.23 27.36 19.87
C GLY B 279 24.48 26.79 19.24
N ASN B 280 25.30 26.12 20.05
CA ASN B 280 26.55 25.52 19.61
C ASN B 280 26.66 24.11 20.17
N ASN B 281 27.43 23.27 19.46
CA ASN B 281 27.71 21.91 19.90
C ASN B 281 29.02 21.46 19.29
N ILE B 282 29.82 20.72 20.07
CA ILE B 282 31.04 20.10 19.59
C ILE B 282 30.97 18.60 19.85
N LYS B 283 31.45 17.83 18.88
CA LYS B 283 31.22 16.40 18.85
C LYS B 283 32.08 15.67 19.89
N ASP B 284 31.58 14.51 20.34
CA ASP B 284 32.34 13.53 21.12
C ASP B 284 32.90 14.15 22.40
N VAL B 285 31.99 14.50 23.31
CA VAL B 285 32.41 15.16 24.54
C VAL B 285 32.61 14.13 25.64
N ASP B 286 31.53 13.43 26.01
CA ASP B 286 31.56 12.46 27.09
C ASP B 286 31.38 11.04 26.56
N GLN B 287 32.11 10.10 27.16
CA GLN B 287 31.92 8.69 26.90
C GLN B 287 31.92 7.95 28.23
N LYS B 288 31.15 6.88 28.31
CA LYS B 288 31.06 6.04 29.50
C LYS B 288 30.91 4.59 29.06
N THR B 289 31.52 3.68 29.81
CA THR B 289 31.57 2.28 29.42
C THR B 289 31.08 1.39 30.56
N PHE B 290 30.45 0.28 30.17
CA PHE B 290 29.95 -0.73 31.10
C PHE B 290 30.12 -2.08 30.37
N ASN B 291 31.15 -2.82 30.75
CA ASN B 291 31.49 -4.09 30.12
C ASN B 291 31.30 -5.23 31.09
N LYS B 292 31.16 -6.43 30.54
CA LYS B 292 30.98 -7.62 31.37
C LYS B 292 31.39 -8.85 30.54
N SER B 293 32.07 -9.78 31.19
CA SER B 293 32.53 -11.00 30.56
C SER B 293 31.61 -12.17 30.91
N PHE B 294 31.73 -13.24 30.12
CA PHE B 294 30.84 -14.38 30.27
C PHE B 294 31.59 -15.64 29.88
N VAL B 295 31.43 -16.71 30.67
CA VAL B 295 32.09 -17.98 30.40
C VAL B 295 31.20 -18.83 29.52
N LEU B 296 31.72 -19.21 28.36
CA LEU B 296 31.03 -20.02 27.34
C LEU B 296 31.52 -21.43 27.66
N ASP B 297 30.89 -22.15 28.58
CA ASP B 297 31.17 -23.57 28.76
C ASP B 297 30.53 -24.26 27.55
N TRP B 298 31.28 -25.20 26.96
CA TRP B 298 30.88 -25.85 25.72
C TRP B 298 30.56 -27.32 25.89
N LYS B 299 30.91 -27.93 27.02
CA LYS B 299 30.66 -29.34 27.24
C LYS B 299 29.29 -29.60 27.88
N ASN B 300 28.61 -28.53 28.31
CA ASN B 300 27.27 -28.64 28.86
C ASN B 300 26.40 -27.50 28.37
N LYS B 301 26.94 -26.59 27.56
CA LYS B 301 26.20 -25.52 26.91
C LYS B 301 25.45 -24.65 27.91
N LYS B 302 26.14 -24.29 28.99
CA LYS B 302 25.68 -23.26 29.92
C LYS B 302 26.55 -22.02 29.75
N LEU B 303 25.91 -20.85 29.82
CA LEU B 303 26.64 -19.59 29.84
C LEU B 303 26.32 -18.88 31.15
N VAL B 304 27.35 -18.59 31.94
CA VAL B 304 27.19 -17.78 33.13
C VAL B 304 27.51 -16.32 32.80
N ILE C 12 13.17 -30.35 -4.35
CA ILE C 12 13.98 -31.44 -3.85
C ILE C 12 13.87 -31.49 -2.33
N GLY C 13 14.65 -32.37 -1.70
CA GLY C 13 14.67 -32.42 -0.25
C GLY C 13 13.45 -33.02 0.41
N GLN C 14 12.67 -33.83 -0.30
CA GLN C 14 11.46 -34.42 0.25
C GLN C 14 11.77 -35.84 0.70
N ASN C 15 11.40 -36.14 1.95
CA ASN C 15 11.66 -37.41 2.66
C ASN C 15 13.06 -37.95 2.34
N ALA C 16 14.04 -37.04 2.42
CA ALA C 16 15.43 -37.35 2.14
C ALA C 16 16.30 -37.31 3.38
N LYS C 17 15.82 -36.73 4.48
CA LYS C 17 16.58 -36.54 5.71
C LYS C 17 17.90 -35.83 5.46
N THR C 18 18.94 -36.24 6.19
CA THR C 18 20.29 -35.68 6.16
C THR C 18 20.36 -34.27 6.75
N HIS C 19 19.96 -33.27 5.97
CA HIS C 19 19.93 -31.86 6.40
C HIS C 19 21.21 -31.51 7.17
N THR C 20 22.34 -31.76 6.50
CA THR C 20 23.66 -31.78 7.14
C THR C 20 24.32 -30.41 7.18
N SER C 21 23.63 -29.47 7.84
CA SER C 21 24.14 -28.08 7.93
C SER C 21 25.57 -28.03 8.46
N TYR C 22 26.51 -27.54 7.66
CA TYR C 22 27.85 -27.32 8.17
C TYR C 22 28.20 -25.84 8.17
N ASN C 23 29.28 -25.50 8.88
CA ASN C 23 29.68 -24.11 9.04
C ASN C 23 31.20 -24.04 9.07
N THR C 24 31.76 -23.06 8.36
CA THR C 24 33.21 -22.80 8.34
C THR C 24 33.43 -21.30 8.16
N PHE C 25 34.24 -20.69 9.02
CA PHE C 25 34.44 -19.26 9.02
C PHE C 25 35.91 -18.91 9.16
N ASN C 26 36.31 -17.81 8.50
CA ASN C 26 37.66 -17.30 8.59
C ASN C 26 37.63 -15.78 8.41
N ASN C 27 38.68 -15.13 8.88
CA ASN C 27 38.80 -13.68 8.82
C ASN C 27 40.09 -13.30 8.09
N GLU C 28 40.01 -12.29 7.25
CA GLU C 28 41.18 -11.69 6.61
C GLU C 28 41.39 -10.33 7.25
N GLN C 29 42.32 -10.25 8.21
CA GLN C 29 42.44 -9.06 9.05
C GLN C 29 43.13 -7.90 8.34
N ALA C 30 43.93 -8.17 7.31
CA ALA C 30 44.67 -7.10 6.65
C ALA C 30 43.73 -6.03 6.11
N ASP C 31 42.70 -6.44 5.38
CA ASP C 31 41.61 -5.57 4.97
C ASP C 31 40.38 -5.73 5.86
N ASN C 32 40.52 -6.41 7.00
CA ASN C 32 39.46 -6.64 7.98
C ASN C 32 38.17 -7.12 7.31
N MET C 33 38.28 -8.27 6.65
CA MET C 33 37.18 -8.95 6.00
C MET C 33 36.84 -10.22 6.77
N THR C 34 35.56 -10.59 6.76
CA THR C 34 35.08 -11.77 7.48
C THR C 34 34.26 -12.62 6.52
N MET C 35 34.86 -13.73 6.08
CA MET C 35 34.17 -14.68 5.22
C MET C 35 33.33 -15.62 6.06
N SER C 36 32.14 -15.95 5.55
CA SER C 36 31.26 -16.91 6.19
C SER C 36 30.62 -17.77 5.11
N LEU C 37 30.37 -19.04 5.45
CA LEU C 37 29.75 -19.98 4.54
C LEU C 37 28.80 -20.87 5.33
N LYS C 38 27.74 -21.30 4.65
CA LYS C 38 26.69 -22.10 5.30
C LYS C 38 26.21 -23.13 4.29
N VAL C 39 26.69 -24.37 4.43
CA VAL C 39 26.31 -25.46 3.54
C VAL C 39 25.39 -26.43 4.27
N THR C 40 24.42 -26.99 3.54
CA THR C 40 23.62 -28.11 4.01
C THR C 40 23.51 -29.08 2.84
N PHE C 41 23.91 -30.32 3.04
CA PHE C 41 23.85 -31.32 1.99
C PHE C 41 22.53 -32.07 2.06
N ILE C 42 21.88 -32.20 0.92
CA ILE C 42 20.64 -32.96 0.78
C ILE C 42 20.88 -34.04 -0.25
N ASP C 43 20.66 -35.30 0.15
CA ASP C 43 20.89 -36.46 -0.70
C ASP C 43 19.54 -37.15 -0.91
N ASP C 44 18.83 -36.73 -1.95
CA ASP C 44 17.52 -37.30 -2.24
C ASP C 44 17.70 -38.58 -3.05
N PRO C 45 17.29 -39.73 -2.51
CA PRO C 45 17.39 -40.97 -3.29
C PRO C 45 16.54 -40.95 -4.55
N SER C 46 15.42 -40.22 -4.52
CA SER C 46 14.60 -40.06 -5.72
C SER C 46 15.35 -39.31 -6.80
N ALA C 47 16.24 -38.41 -6.42
CA ALA C 47 17.01 -37.63 -7.38
C ALA C 47 18.04 -38.50 -8.09
N ASP C 48 18.72 -37.91 -9.07
CA ASP C 48 19.83 -38.59 -9.74
C ASP C 48 21.16 -38.33 -9.06
N LYS C 49 21.33 -37.13 -8.51
CA LYS C 49 22.61 -36.66 -8.01
C LYS C 49 22.43 -36.15 -6.59
N GLN C 50 23.53 -35.69 -5.98
CA GLN C 50 23.52 -35.21 -4.61
C GLN C 50 23.57 -33.69 -4.61
N ILE C 51 22.67 -33.07 -3.83
CA ILE C 51 22.49 -31.62 -3.82
C ILE C 51 23.17 -31.04 -2.59
N ALA C 52 23.76 -29.86 -2.74
CA ALA C 52 24.39 -29.16 -1.64
C ALA C 52 24.22 -27.66 -1.83
N VAL C 53 23.62 -27.00 -0.84
CA VAL C 53 23.37 -25.56 -0.91
C VAL C 53 24.36 -24.85 -0.01
N ILE C 54 25.07 -23.87 -0.56
CA ILE C 54 26.06 -23.08 0.15
C ILE C 54 25.50 -21.66 0.32
N ASN C 55 25.54 -21.15 1.55
CA ASN C 55 25.04 -19.81 1.85
C ASN C 55 26.21 -19.00 2.39
N THR C 56 26.58 -17.95 1.66
CA THR C 56 27.68 -17.08 2.05
C THR C 56 27.13 -15.89 2.82
N THR C 57 27.72 -15.63 3.99
CA THR C 57 27.27 -14.58 4.89
C THR C 57 28.52 -13.92 5.45
N GLY C 58 28.38 -13.22 6.58
CA GLY C 58 29.46 -12.44 7.12
C GLY C 58 29.38 -11.00 6.69
N SER C 59 30.52 -10.33 6.54
CA SER C 59 30.52 -8.93 6.16
C SER C 59 31.87 -8.58 5.53
N PHE C 60 31.91 -7.37 4.95
CA PHE C 60 33.14 -6.78 4.45
C PHE C 60 33.06 -5.27 4.66
N MET C 61 34.09 -4.71 5.28
CA MET C 61 34.06 -3.32 5.68
C MET C 61 34.33 -2.40 4.49
N LYS C 62 33.74 -1.20 4.55
CA LYS C 62 34.10 -0.18 3.58
C LYS C 62 35.48 0.37 3.91
N ALA C 63 35.73 0.66 5.18
CA ALA C 63 37.01 1.15 5.67
C ALA C 63 37.43 2.40 4.90
N ASN C 64 36.58 3.42 4.98
CA ASN C 64 36.71 4.62 4.16
C ASN C 64 37.71 5.57 4.80
N PRO C 65 38.95 5.62 4.32
CA PRO C 65 39.92 6.54 4.93
C PRO C 65 40.05 7.84 4.16
N THR C 66 40.64 8.85 4.80
CA THR C 66 41.18 10.01 4.09
C THR C 66 42.69 9.99 4.35
N LEU C 67 43.42 9.28 3.49
CA LEU C 67 44.85 9.01 3.69
C LEU C 67 45.73 10.04 3.01
N SER C 68 45.31 11.30 3.04
CA SER C 68 46.09 12.37 2.44
C SER C 68 46.83 13.12 3.54
N ASP C 69 47.58 14.16 3.13
CA ASP C 69 48.49 14.90 3.98
C ASP C 69 49.34 13.94 4.81
N ALA C 70 49.48 12.72 4.30
CA ALA C 70 50.25 11.68 5.02
C ALA C 70 51.74 11.96 4.82
N PRO C 71 52.61 11.77 5.83
CA PRO C 71 54.02 12.12 5.74
C PRO C 71 54.54 12.71 4.43
N VAL C 72 54.03 13.88 4.03
CA VAL C 72 54.53 14.58 2.81
C VAL C 72 54.62 16.07 3.18
N ASP C 73 53.91 16.47 4.25
CA ASP C 73 53.93 17.89 4.71
C ASP C 73 54.02 17.93 6.24
N PRO C 76 53.22 24.58 2.19
CA PRO C 76 52.16 25.49 1.80
C PRO C 76 50.78 24.89 1.47
N ILE C 77 50.62 23.56 1.44
CA ILE C 77 49.34 23.00 1.02
C ILE C 77 48.88 21.81 1.87
N PRO C 78 49.01 21.85 3.20
CA PRO C 78 48.47 20.75 4.00
C PRO C 78 46.95 20.67 3.95
N GLY C 79 46.28 21.72 3.46
CA GLY C 79 44.85 21.77 3.34
C GLY C 79 44.39 21.66 1.89
N ALA C 80 45.22 21.02 1.07
CA ALA C 80 45.01 20.92 -0.36
C ALA C 80 45.30 19.49 -0.78
N SER C 81 44.61 19.03 -1.82
CA SER C 81 44.78 17.67 -2.34
C SER C 81 44.47 16.46 -1.45
N VAL C 82 43.33 16.55 -0.77
CA VAL C 82 42.91 15.56 0.21
C VAL C 82 42.03 14.56 -0.49
N THR C 83 42.40 13.29 -0.40
CA THR C 83 41.70 12.20 -1.06
C THR C 83 40.96 11.34 -0.05
N LEU C 84 39.96 10.62 -0.56
CA LEU C 84 39.21 9.64 0.22
C LEU C 84 39.06 8.42 -0.66
N ARG C 85 39.50 7.26 -0.17
CA ARG C 85 39.43 6.04 -0.96
C ARG C 85 38.07 5.40 -0.74
N TYR C 86 37.11 5.92 -1.52
CA TYR C 86 35.73 5.47 -1.45
C TYR C 86 35.54 4.29 -2.39
N PRO C 87 35.22 3.11 -1.88
CA PRO C 87 35.06 1.93 -2.74
C PRO C 87 33.84 2.02 -3.64
N SER C 88 33.93 1.35 -4.79
CA SER C 88 32.84 1.32 -5.76
C SER C 88 32.28 -0.08 -5.96
N GLN C 89 33.12 -1.04 -6.36
CA GLN C 89 32.68 -2.39 -6.69
C GLN C 89 33.05 -3.38 -5.59
N TYR C 90 32.19 -4.38 -5.40
CA TYR C 90 32.42 -5.46 -4.44
C TYR C 90 32.08 -6.78 -5.14
N ASP C 91 33.03 -7.31 -5.89
CA ASP C 91 32.81 -8.56 -6.61
C ASP C 91 33.03 -9.74 -5.68
N ILE C 92 32.10 -10.69 -5.73
CA ILE C 92 32.21 -11.96 -5.01
C ILE C 92 32.11 -13.08 -6.04
N ALA C 93 33.11 -13.95 -6.06
CA ALA C 93 33.24 -14.96 -7.10
C ALA C 93 33.38 -16.35 -6.48
N MET C 94 32.89 -17.35 -7.22
CA MET C 94 33.04 -18.76 -6.85
C MET C 94 33.52 -19.49 -8.10
N ASN C 95 34.82 -19.78 -8.14
CA ASN C 95 35.47 -20.35 -9.32
C ASN C 95 35.86 -21.81 -9.06
N LEU C 96 35.00 -22.74 -9.45
CA LEU C 96 35.42 -24.14 -9.45
C LEU C 96 36.44 -24.39 -10.55
N GLN C 97 37.43 -25.22 -10.26
CA GLN C 97 38.43 -25.57 -11.27
C GLN C 97 37.75 -26.30 -12.42
N ASP C 98 38.26 -26.08 -13.63
CA ASP C 98 37.55 -26.53 -14.84
C ASP C 98 37.71 -28.02 -15.08
N ASN C 99 37.34 -28.81 -14.04
CA ASN C 99 37.40 -30.29 -14.12
C ASN C 99 36.69 -30.88 -12.89
N THR C 100 35.42 -30.54 -12.64
CA THR C 100 34.82 -31.04 -11.38
C THR C 100 33.35 -31.44 -11.49
N SER C 101 32.49 -30.93 -10.62
CA SER C 101 31.09 -31.44 -10.54
C SER C 101 29.97 -30.54 -11.06
N ARG C 102 30.27 -29.41 -11.70
CA ARG C 102 29.23 -28.57 -12.34
C ARG C 102 28.45 -27.67 -11.38
N PHE C 103 28.65 -26.36 -11.45
CA PHE C 103 27.85 -25.40 -10.67
C PHE C 103 26.43 -25.25 -11.23
N PHE C 104 25.48 -24.95 -10.35
CA PHE C 104 24.05 -24.86 -10.62
C PHE C 104 23.55 -23.66 -9.83
N HIS C 105 22.23 -23.47 -9.84
CA HIS C 105 21.52 -22.27 -9.26
C HIS C 105 22.33 -21.32 -8.37
N VAL C 106 22.21 -20.03 -8.67
CA VAL C 106 22.89 -18.99 -7.84
C VAL C 106 21.85 -17.93 -7.44
N ALA C 107 21.79 -17.56 -6.16
CA ALA C 107 20.88 -16.52 -5.70
C ALA C 107 21.68 -15.35 -5.14
N PRO C 108 21.21 -14.12 -5.35
CA PRO C 108 19.98 -13.71 -6.04
C PRO C 108 20.10 -13.73 -7.56
N THR C 109 19.17 -13.05 -8.25
CA THR C 109 19.24 -12.90 -9.70
C THR C 109 18.96 -11.45 -10.04
N ASN C 110 18.81 -11.14 -11.32
CA ASN C 110 18.44 -9.81 -11.75
C ASN C 110 16.94 -9.77 -12.01
N ALA C 111 16.31 -8.65 -11.69
CA ALA C 111 14.87 -8.50 -11.80
C ALA C 111 14.53 -7.20 -12.49
N VAL C 112 13.31 -7.13 -13.01
CA VAL C 112 12.84 -5.93 -13.69
C VAL C 112 12.63 -4.81 -12.68
N GLU C 113 13.04 -3.61 -13.06
CA GLU C 113 12.75 -2.40 -12.29
C GLU C 113 11.51 -1.73 -12.86
N GLU C 114 10.63 -1.28 -11.98
CA GLU C 114 9.33 -0.76 -12.40
C GLU C 114 9.30 0.76 -12.37
N THR C 118 4.20 9.18 -16.76
CA THR C 118 2.99 9.97 -16.58
C THR C 118 2.92 11.07 -17.64
N SER C 119 1.72 11.32 -18.16
CA SER C 119 1.48 12.39 -19.12
C SER C 119 0.16 13.06 -18.78
N SER C 120 0.19 14.38 -18.63
CA SER C 120 -0.99 15.17 -18.28
C SER C 120 -1.21 16.25 -19.33
N VAL C 121 -2.47 16.55 -19.61
CA VAL C 121 -2.85 17.64 -20.50
C VAL C 121 -4.01 18.40 -19.87
N SER C 122 -3.94 19.72 -19.87
CA SER C 122 -4.99 20.56 -19.33
C SER C 122 -5.20 21.77 -20.22
N TYR C 123 -6.46 22.09 -20.51
CA TYR C 123 -6.80 23.27 -21.29
C TYR C 123 -7.86 24.07 -20.55
N GLN C 124 -7.77 25.40 -20.68
CA GLN C 124 -8.65 26.30 -19.94
C GLN C 124 -9.09 27.44 -20.85
N LEU C 125 -10.00 28.26 -20.33
CA LEU C 125 -10.49 29.44 -21.02
C LEU C 125 -10.54 30.60 -20.04
N GLY C 126 -10.53 31.82 -20.58
CA GLY C 126 -10.53 33.01 -19.76
C GLY C 126 -11.47 34.06 -20.31
N GLY C 127 -11.78 35.04 -19.46
CA GLY C 127 -12.67 36.15 -19.88
C GLY C 127 -12.86 37.08 -18.71
N SER C 128 -12.74 38.39 -18.90
CA SER C 128 -12.80 39.28 -17.72
C SER C 128 -13.27 40.70 -18.09
N ILE C 129 -13.67 41.50 -17.10
CA ILE C 129 -14.03 42.93 -17.35
C ILE C 129 -13.37 43.74 -16.23
N ASP C 130 -12.63 44.80 -16.58
CA ASP C 130 -11.87 45.55 -15.56
C ASP C 130 -12.51 46.92 -15.33
N ALA C 131 -13.48 46.98 -14.42
CA ALA C 131 -14.16 48.27 -14.11
C ALA C 131 -14.48 48.34 -12.63
N SER C 132 -15.16 49.40 -12.17
CA SER C 132 -15.42 49.54 -10.74
C SER C 132 -16.41 50.67 -10.47
N GLY C 137 -6.72 50.91 -22.35
CA GLY C 137 -5.80 49.81 -21.99
C GLY C 137 -6.55 48.68 -21.33
N PRO C 138 -6.83 48.75 -20.02
CA PRO C 138 -7.49 47.66 -19.32
C PRO C 138 -8.98 47.86 -19.15
N SER C 139 -9.77 47.32 -20.09
CA SER C 139 -11.25 47.41 -19.96
C SER C 139 -11.89 46.25 -20.75
N GLY C 140 -11.13 45.19 -21.02
CA GLY C 140 -11.67 44.01 -21.75
C GLY C 140 -10.63 42.91 -21.82
N GLU C 141 -11.04 41.65 -22.07
CA GLU C 141 -10.10 40.50 -22.08
C GLU C 141 -10.76 39.23 -22.62
N SER C 142 -9.97 38.21 -22.99
CA SER C 142 -10.50 36.90 -23.45
C SER C 142 -9.32 35.93 -23.55
N GLY C 143 -9.14 35.03 -22.57
CA GLY C 143 -7.99 34.16 -22.55
C GLY C 143 -8.24 32.75 -23.06
N ALA C 144 -7.14 32.04 -23.31
CA ALA C 144 -7.17 30.64 -23.72
C ALA C 144 -5.79 30.05 -23.47
N THR C 145 -5.72 28.99 -22.66
CA THR C 145 -4.45 28.41 -22.27
C THR C 145 -4.55 26.89 -22.34
N GLY C 146 -3.39 26.25 -22.54
CA GLY C 146 -3.31 24.80 -22.57
C GLY C 146 -1.98 24.29 -22.05
N GLN C 147 -2.00 23.26 -21.21
CA GLN C 147 -0.80 22.75 -20.57
C GLN C 147 -0.66 21.25 -20.83
N VAL C 148 0.58 20.79 -20.95
CA VAL C 148 0.90 19.38 -21.14
C VAL C 148 2.02 19.03 -20.17
N ASP C 149 1.73 18.14 -19.21
CA ASP C 149 2.66 17.79 -18.14
C ASP C 149 3.04 16.33 -18.23
N TRP C 150 4.34 16.05 -18.20
CA TRP C 150 4.85 14.68 -18.15
C TRP C 150 5.72 14.52 -16.90
N SER C 155 11.11 3.32 -8.22
CA SER C 155 11.69 2.89 -6.94
C SER C 155 13.22 2.85 -7.04
N TYR C 156 13.79 4.03 -7.25
CA TYR C 156 15.24 4.15 -7.40
C TYR C 156 15.95 3.80 -6.10
N ASP C 157 17.02 3.01 -6.21
CA ASP C 157 17.96 2.86 -5.12
C ASP C 157 18.89 4.07 -5.14
N GLN C 158 18.40 5.16 -4.53
CA GLN C 158 19.24 6.36 -4.42
C GLN C 158 20.50 6.06 -3.63
N THR C 159 20.38 5.24 -2.58
CA THR C 159 21.55 4.61 -1.96
C THR C 159 21.95 3.46 -2.88
N SER C 160 22.64 3.81 -3.95
CA SER C 160 22.83 2.91 -5.09
C SER C 160 23.77 1.78 -4.70
N TYR C 161 23.18 0.62 -4.42
CA TYR C 161 23.91 -0.61 -4.16
C TYR C 161 23.32 -1.72 -5.01
N LYS C 162 23.11 -1.42 -6.30
CA LYS C 162 22.43 -2.33 -7.20
C LYS C 162 23.17 -3.66 -7.27
N THR C 163 22.42 -4.75 -7.08
CA THR C 163 22.99 -6.09 -6.93
C THR C 163 22.70 -6.85 -8.22
N ASN C 164 23.61 -6.71 -9.17
CA ASN C 164 23.49 -7.35 -10.48
C ASN C 164 24.13 -8.72 -10.46
N LEU C 165 23.73 -9.55 -11.41
CA LEU C 165 24.27 -10.90 -11.57
C LEU C 165 25.13 -10.81 -12.83
N ILE C 166 26.37 -10.39 -12.63
CA ILE C 166 27.40 -10.26 -13.67
C ILE C 166 27.85 -11.63 -14.15
N ASP C 167 28.58 -11.64 -15.28
CA ASP C 167 28.93 -12.84 -16.02
C ASP C 167 29.30 -14.01 -15.11
N GLN C 168 28.65 -15.15 -15.36
CA GLN C 168 28.98 -16.38 -14.67
C GLN C 168 28.92 -17.55 -15.65
N THR C 169 29.40 -18.70 -15.17
CA THR C 169 29.27 -19.96 -15.86
C THR C 169 28.96 -21.03 -14.81
N ASN C 170 28.86 -22.27 -15.25
CA ASN C 170 28.87 -23.37 -14.29
C ASN C 170 30.25 -23.61 -13.71
N LYS C 171 31.23 -22.76 -14.04
CA LYS C 171 32.57 -22.88 -13.49
C LYS C 171 32.89 -21.69 -12.60
N HIS C 172 32.76 -20.47 -13.10
CA HIS C 172 33.07 -19.25 -12.35
C HIS C 172 31.82 -18.39 -12.29
N VAL C 173 31.29 -18.19 -11.08
CA VAL C 173 30.14 -17.31 -10.88
C VAL C 173 30.62 -16.05 -10.18
N LYS C 174 30.00 -14.91 -10.51
CA LYS C 174 30.44 -13.61 -10.04
C LYS C 174 29.23 -12.72 -9.81
N TRP C 175 29.44 -11.67 -8.99
CA TRP C 175 28.44 -10.67 -8.71
C TRP C 175 29.10 -9.30 -8.69
N ASN C 176 28.35 -8.26 -9.09
CA ASN C 176 28.87 -6.90 -9.18
C ASN C 176 27.94 -5.91 -8.46
N VAL C 177 28.07 -5.81 -7.14
CA VAL C 177 27.29 -4.80 -6.44
C VAL C 177 28.01 -3.46 -6.58
N PHE C 178 27.72 -2.75 -7.66
CA PHE C 178 28.38 -1.47 -7.95
C PHE C 178 27.61 -0.34 -7.28
N PHE C 179 28.12 0.89 -7.45
CA PHE C 179 27.48 2.09 -6.92
C PHE C 179 27.24 3.07 -8.06
N ASN C 180 26.12 3.79 -8.01
CA ASN C 180 25.69 4.64 -9.11
C ASN C 180 25.71 6.13 -8.74
N GLY C 181 25.00 6.53 -7.70
CA GLY C 181 24.89 7.94 -7.36
C GLY C 181 24.24 8.12 -6.01
N TYR C 182 24.23 9.37 -5.54
CA TYR C 182 23.72 9.66 -4.20
C TYR C 182 23.07 11.04 -4.16
N ASN C 183 22.19 11.21 -3.18
CA ASN C 183 21.54 12.49 -2.89
C ASN C 183 22.32 13.13 -1.74
N ASN C 184 23.28 13.98 -2.09
CA ASN C 184 24.11 14.65 -1.09
C ASN C 184 23.26 15.66 -0.31
N GLN C 185 23.08 15.41 0.99
CA GLN C 185 22.23 16.20 1.88
C GLN C 185 20.89 16.61 1.23
N ASN C 186 20.24 15.68 0.52
CA ASN C 186 18.95 15.83 -0.15
C ASN C 186 19.14 16.71 -1.40
N TRP C 187 20.31 17.33 -1.57
CA TRP C 187 20.58 18.21 -2.70
C TRP C 187 21.31 17.43 -3.79
N GLY C 188 20.76 17.43 -4.99
CA GLY C 188 21.37 16.71 -6.09
C GLY C 188 20.59 16.78 -7.39
N ILE C 189 20.56 15.67 -8.13
CA ILE C 189 21.21 14.43 -7.74
C ILE C 189 22.51 14.24 -8.53
N TYR C 190 23.57 13.90 -7.82
CA TYR C 190 24.88 13.69 -8.40
C TYR C 190 25.26 12.22 -8.33
N THR C 191 25.96 11.76 -9.36
CA THR C 191 26.44 10.39 -9.47
C THR C 191 27.96 10.40 -9.56
N ARG C 192 28.54 9.20 -9.52
CA ARG C 192 29.97 9.07 -9.75
C ARG C 192 30.36 9.44 -11.17
N ASP C 193 29.39 9.51 -12.08
CA ASP C 193 29.63 9.85 -13.47
C ASP C 193 29.27 11.31 -13.79
N SER C 194 28.05 11.73 -13.46
CA SER C 194 27.63 13.10 -13.73
C SER C 194 28.40 14.06 -12.82
N TYR C 195 28.89 15.15 -13.41
CA TYR C 195 29.75 16.12 -12.73
C TYR C 195 29.06 17.48 -12.66
N HIS C 196 29.25 18.15 -11.52
CA HIS C 196 28.71 19.49 -11.31
C HIS C 196 29.26 20.43 -12.38
N ALA C 197 28.46 21.44 -12.73
CA ALA C 197 28.74 22.34 -13.85
C ALA C 197 30.17 22.82 -14.04
N LEU C 198 30.80 23.27 -12.96
CA LEU C 198 32.20 23.68 -12.99
C LEU C 198 32.81 23.33 -11.63
N TYR C 199 32.51 22.13 -11.14
CA TYR C 199 33.11 21.62 -9.92
C TYR C 199 33.53 20.16 -9.99
N GLY C 200 33.27 19.45 -11.08
CA GLY C 200 33.41 18.00 -11.09
C GLY C 200 32.29 17.37 -10.28
N ASN C 201 32.55 16.20 -9.71
CA ASN C 201 31.55 15.57 -8.86
C ASN C 201 31.57 16.18 -7.47
N GLN C 202 30.40 16.61 -7.00
CA GLN C 202 30.24 17.16 -5.65
C GLN C 202 29.48 16.24 -4.72
N LEU C 203 29.39 14.95 -5.07
CA LEU C 203 28.56 14.02 -4.32
C LEU C 203 29.00 13.90 -2.85
N PHE C 204 30.29 14.08 -2.57
CA PHE C 204 30.79 14.04 -1.19
C PHE C 204 31.22 15.41 -0.69
N MET C 205 30.74 16.49 -1.32
CA MET C 205 31.01 17.84 -0.85
C MET C 205 29.96 18.25 0.17
N TYR C 206 30.40 18.94 1.23
CA TYR C 206 29.49 19.55 2.18
C TYR C 206 29.26 21.03 1.85
N SER C 207 30.33 21.81 1.84
CA SER C 207 30.27 23.25 1.65
C SER C 207 30.99 23.60 0.36
N ARG C 208 30.32 24.35 -0.51
CA ARG C 208 30.84 24.66 -1.83
C ARG C 208 31.77 25.87 -1.83
N THR C 209 31.38 26.97 -1.18
CA THR C 209 32.24 28.15 -1.11
C THR C 209 32.33 28.80 0.26
N TYR C 210 31.70 28.25 1.29
CA TYR C 210 31.75 28.91 2.59
C TYR C 210 33.12 28.82 3.26
N PRO C 211 33.73 27.65 3.45
CA PRO C 211 35.09 27.63 4.00
C PRO C 211 36.10 27.96 2.91
N HIS C 212 36.63 29.19 2.93
CA HIS C 212 37.35 29.70 1.77
C HIS C 212 38.73 29.06 1.63
N GLU C 213 39.45 28.91 2.74
CA GLU C 213 40.83 28.41 2.67
C GLU C 213 41.09 27.43 3.81
N THR C 214 40.09 26.61 4.13
CA THR C 214 40.17 25.68 5.24
C THR C 214 40.90 24.41 4.82
N ASP C 215 41.34 23.64 5.82
CA ASP C 215 41.92 22.33 5.55
C ASP C 215 40.92 21.47 4.79
N ALA C 216 41.40 20.77 3.77
CA ALA C 216 40.52 19.95 2.93
C ALA C 216 40.11 18.63 3.57
N ARG C 217 40.67 18.28 4.73
CA ARG C 217 40.19 17.10 5.46
C ARG C 217 38.80 17.30 6.03
N GLY C 218 38.37 18.55 6.24
CA GLY C 218 37.09 18.80 6.88
C GLY C 218 36.05 19.56 6.09
N ASN C 219 36.08 19.48 4.76
CA ASN C 219 35.04 20.08 3.93
C ASN C 219 34.16 19.02 3.26
N LEU C 220 34.19 17.79 3.78
CA LEU C 220 33.36 16.69 3.31
C LEU C 220 32.10 16.54 4.15
N VAL C 221 31.02 16.10 3.50
CA VAL C 221 29.84 15.67 4.26
C VAL C 221 30.24 14.45 5.09
N PRO C 222 29.94 14.41 6.39
CA PRO C 222 30.45 13.32 7.23
C PRO C 222 30.05 11.96 6.68
N MET C 223 30.84 10.95 7.06
CA MET C 223 30.60 9.60 6.59
C MET C 223 29.18 9.16 6.89
N ASN C 224 28.66 9.56 8.06
CA ASN C 224 27.31 9.19 8.48
C ASN C 224 26.24 10.11 7.91
N ASP C 225 26.61 11.24 7.32
CA ASP C 225 25.66 12.13 6.66
C ASP C 225 25.24 11.60 5.29
N LEU C 226 25.76 10.45 4.89
CA LEU C 226 25.51 9.76 3.63
C LEU C 226 25.02 8.35 3.96
N PRO C 227 24.65 7.48 2.96
CA PRO C 227 23.97 6.22 3.30
C PRO C 227 24.62 5.35 4.37
N THR C 228 23.82 4.42 4.90
CA THR C 228 24.27 3.55 5.98
C THR C 228 25.44 2.67 5.56
N LEU C 229 25.38 2.10 4.36
CA LEU C 229 26.42 1.18 3.91
C LEU C 229 27.74 1.88 3.66
N THR C 230 27.72 3.06 3.03
CA THR C 230 28.93 3.66 2.48
C THR C 230 30.06 3.80 3.51
N ASN C 231 29.73 3.96 4.79
CA ASN C 231 30.76 4.12 5.81
C ASN C 231 31.05 2.86 6.60
N SER C 232 30.18 1.86 6.54
CA SER C 232 30.27 0.72 7.44
C SER C 232 30.60 -0.59 6.73
N GLY C 233 29.79 -1.01 5.76
CA GLY C 233 30.02 -2.27 5.09
C GLY C 233 28.76 -3.11 4.91
N PHE C 234 28.75 -3.90 3.84
CA PHE C 234 27.63 -4.76 3.49
C PHE C 234 27.84 -6.17 4.01
N SER C 235 26.74 -6.81 4.41
CA SER C 235 26.75 -8.19 4.85
C SER C 235 26.19 -9.06 3.74
N PRO C 236 26.99 -9.93 3.11
CA PRO C 236 26.46 -10.75 2.03
C PRO C 236 25.47 -11.79 2.54
N GLY C 237 24.53 -12.14 1.67
CA GLY C 237 23.60 -13.21 1.92
C GLY C 237 23.48 -14.08 0.70
N MET C 238 24.53 -14.07 -0.13
CA MET C 238 24.48 -14.75 -1.41
C MET C 238 24.49 -16.26 -1.22
N ILE C 239 23.55 -16.93 -1.88
CA ILE C 239 23.40 -18.38 -1.77
C ILE C 239 23.63 -19.00 -3.13
N ALA C 240 24.36 -20.12 -3.15
CA ALA C 240 24.54 -20.91 -4.36
C ALA C 240 24.38 -22.38 -4.00
N VAL C 241 24.14 -23.20 -5.02
CA VAL C 241 23.92 -24.63 -4.85
C VAL C 241 24.78 -25.37 -5.88
N VAL C 242 25.40 -26.47 -5.44
CA VAL C 242 26.18 -27.33 -6.30
C VAL C 242 25.61 -28.74 -6.19
N ILE C 243 25.40 -29.38 -7.33
CA ILE C 243 24.91 -30.75 -7.38
C ILE C 243 25.95 -31.58 -8.12
N SER C 244 26.23 -32.78 -7.59
CA SER C 244 27.18 -33.69 -8.18
C SER C 244 26.63 -35.11 -8.13
N GLU C 245 27.08 -35.94 -9.06
CA GLU C 245 26.59 -37.30 -9.15
C GLU C 245 26.98 -38.10 -7.91
N LYS C 246 26.16 -39.10 -7.59
CA LYS C 246 26.48 -40.00 -6.50
C LYS C 246 27.71 -40.84 -6.81
N ASP C 247 28.06 -40.95 -8.10
CA ASP C 247 29.28 -41.66 -8.50
C ASP C 247 30.51 -40.85 -8.13
N THR C 248 30.44 -39.53 -8.24
CA THR C 248 31.59 -38.67 -8.01
C THR C 248 31.88 -38.57 -6.51
N GLU C 249 33.11 -38.17 -6.19
CA GLU C 249 33.59 -38.27 -4.81
C GLU C 249 34.11 -36.98 -4.21
N GLN C 250 34.80 -36.13 -4.98
CA GLN C 250 35.42 -34.97 -4.39
C GLN C 250 35.25 -33.73 -5.27
N SER C 251 35.42 -32.57 -4.64
CA SER C 251 35.37 -31.29 -5.33
C SER C 251 36.28 -30.30 -4.61
N SER C 252 36.65 -29.25 -5.34
CA SER C 252 37.65 -28.27 -4.91
C SER C 252 37.18 -26.85 -5.24
N ILE C 253 36.04 -26.43 -4.69
CA ILE C 253 35.49 -25.12 -5.04
C ILE C 253 36.37 -24.02 -4.46
N GLN C 254 36.50 -22.92 -5.20
CA GLN C 254 37.09 -21.69 -4.72
C GLN C 254 36.01 -20.61 -4.56
N VAL C 255 36.22 -19.72 -3.60
CA VAL C 255 35.33 -18.58 -3.38
C VAL C 255 36.15 -17.30 -3.14
N ALA C 256 36.23 -16.44 -4.16
CA ALA C 256 37.00 -15.20 -4.10
C ALA C 256 36.12 -14.04 -3.64
N TYR C 257 36.73 -13.13 -2.87
CA TYR C 257 36.11 -11.88 -2.42
C TYR C 257 37.05 -10.73 -2.74
N THR C 258 36.52 -9.66 -3.36
CA THR C 258 37.32 -8.56 -3.87
C THR C 258 36.80 -7.23 -3.33
N LYS C 259 37.64 -6.19 -3.44
CA LYS C 259 37.26 -4.86 -2.95
C LYS C 259 37.93 -3.79 -3.82
N HIS C 260 37.18 -3.28 -4.80
CA HIS C 260 37.56 -2.12 -5.60
C HIS C 260 37.38 -0.81 -4.83
N ALA C 261 38.22 0.18 -5.15
CA ALA C 261 38.21 1.48 -4.47
C ALA C 261 38.34 2.61 -5.49
N ASP C 262 37.73 3.75 -5.15
CA ASP C 262 37.79 4.99 -5.93
C ASP C 262 38.48 6.10 -5.12
N ASP C 263 38.93 7.13 -5.84
CA ASP C 263 39.77 8.20 -5.28
C ASP C 263 39.20 9.62 -5.38
N TYR C 264 38.05 9.88 -4.77
CA TYR C 264 37.53 11.24 -4.78
C TYR C 264 38.43 12.17 -3.98
N THR C 265 38.86 13.26 -4.60
CA THR C 265 39.86 14.16 -4.03
C THR C 265 39.34 15.59 -4.01
N LEU C 266 39.73 16.34 -2.97
CA LEU C 266 39.34 17.73 -2.82
C LEU C 266 40.57 18.64 -2.83
N ARG C 267 40.51 19.73 -3.58
CA ARG C 267 41.60 20.72 -3.61
C ARG C 267 40.98 22.08 -3.87
N PRO C 268 41.57 23.17 -3.34
CA PRO C 268 41.14 24.52 -3.74
C PRO C 268 41.78 25.04 -5.02
N GLY C 269 41.38 26.25 -5.44
CA GLY C 269 42.01 26.95 -6.55
C GLY C 269 41.33 26.85 -7.90
N PHE C 270 40.17 26.21 -8.00
CA PHE C 270 39.48 26.12 -9.28
C PHE C 270 38.94 27.47 -9.70
N THR C 271 39.53 28.06 -10.74
CA THR C 271 38.98 29.25 -11.40
C THR C 271 38.72 30.34 -10.36
N PHE C 272 39.30 30.15 -9.17
CA PHE C 272 39.30 31.15 -8.12
C PHE C 272 37.81 31.36 -7.89
N GLY C 273 37.37 32.62 -7.82
CA GLY C 273 35.97 32.90 -7.55
C GLY C 273 35.41 32.36 -6.25
N THR C 274 35.88 32.90 -5.12
CA THR C 274 35.44 32.51 -3.78
C THR C 274 35.86 31.08 -3.45
N GLY C 275 37.10 30.71 -3.81
CA GLY C 275 37.64 29.38 -3.44
C GLY C 275 36.83 28.22 -3.97
N ASN C 276 36.53 28.21 -5.26
CA ASN C 276 35.83 27.04 -5.85
C ASN C 276 36.66 25.78 -5.58
N TRP C 277 36.07 24.80 -4.91
CA TRP C 277 36.80 23.56 -4.57
C TRP C 277 36.74 22.59 -5.74
N VAL C 278 37.90 22.07 -6.14
CA VAL C 278 37.90 21.06 -7.24
C VAL C 278 37.45 19.72 -6.68
N GLY C 279 36.47 19.08 -7.31
CA GLY C 279 36.05 17.72 -6.89
C GLY C 279 36.30 16.77 -8.04
N ASN C 280 37.14 15.75 -7.85
CA ASN C 280 37.51 14.90 -8.97
C ASN C 280 37.65 13.46 -8.50
N ASN C 281 37.59 12.54 -9.46
CA ASN C 281 37.76 11.12 -9.16
C ASN C 281 38.31 10.42 -10.38
N ILE C 282 39.49 9.83 -10.25
CA ILE C 282 40.06 8.95 -11.26
C ILE C 282 39.75 7.51 -10.84
N LYS C 283 39.01 6.79 -11.68
CA LYS C 283 38.33 5.58 -11.25
C LYS C 283 39.29 4.39 -11.17
N ASP C 284 38.94 3.44 -10.29
CA ASP C 284 39.61 2.15 -10.17
C ASP C 284 41.09 2.32 -9.85
N VAL C 285 41.35 2.82 -8.64
CA VAL C 285 42.71 3.12 -8.20
C VAL C 285 43.30 1.94 -7.42
N ASP C 286 42.67 1.58 -6.31
CA ASP C 286 43.15 0.51 -5.43
C ASP C 286 42.21 -0.68 -5.49
N GLN C 287 42.78 -1.89 -5.49
CA GLN C 287 42.02 -3.12 -5.49
C GLN C 287 42.61 -4.08 -4.46
N LYS C 288 41.74 -4.89 -3.87
CA LYS C 288 42.16 -5.93 -2.94
C LYS C 288 41.26 -7.16 -3.08
N THR C 289 41.86 -8.34 -2.99
CA THR C 289 41.16 -9.61 -3.13
C THR C 289 41.55 -10.51 -1.97
N PHE C 290 40.63 -11.40 -1.59
CA PHE C 290 40.91 -12.33 -0.49
C PHE C 290 40.20 -13.65 -0.82
N ASN C 291 40.96 -14.61 -1.34
CA ASN C 291 40.41 -15.89 -1.75
C ASN C 291 41.00 -17.05 -0.93
N LYS C 292 40.24 -18.12 -0.83
CA LYS C 292 40.66 -19.35 -0.17
C LYS C 292 39.72 -20.48 -0.62
N SER C 293 40.29 -21.65 -0.83
CA SER C 293 39.53 -22.81 -1.29
C SER C 293 39.15 -23.74 -0.14
N PHE C 294 38.21 -24.64 -0.40
CA PHE C 294 37.67 -25.54 0.60
C PHE C 294 37.36 -26.87 -0.07
N VAL C 295 37.64 -27.96 0.63
CA VAL C 295 37.30 -29.31 0.09
C VAL C 295 35.93 -29.71 0.65
N LEU C 296 34.97 -30.04 -0.23
CA LEU C 296 33.60 -30.36 0.25
C LEU C 296 33.64 -31.70 0.99
N ASP C 297 34.46 -32.64 0.53
CA ASP C 297 34.63 -33.89 1.30
C ASP C 297 33.31 -34.67 1.29
N TRP C 298 32.59 -34.67 0.16
CA TRP C 298 31.33 -35.44 0.05
C TRP C 298 31.39 -36.66 0.98
N LYS C 299 32.46 -37.45 0.88
CA LYS C 299 32.65 -38.63 1.77
C LYS C 299 32.00 -38.35 3.13
N ASN C 300 32.36 -37.24 3.77
CA ASN C 300 31.80 -36.90 5.10
C ASN C 300 31.17 -35.51 5.05
N LYS C 301 31.26 -34.83 3.90
CA LYS C 301 30.70 -33.46 3.73
C LYS C 301 31.31 -32.47 4.74
N LYS C 302 32.46 -32.80 5.32
CA LYS C 302 33.05 -31.93 6.38
C LYS C 302 33.14 -30.49 5.86
N LEU C 303 33.20 -30.31 4.55
CA LEU C 303 33.31 -28.96 3.94
C LEU C 303 34.24 -28.07 4.76
N VAL C 304 35.46 -28.52 5.08
CA VAL C 304 36.40 -27.61 5.74
C VAL C 304 37.80 -27.98 5.20
N GLU C 305 38.18 -27.36 4.08
CA GLU C 305 39.48 -27.52 3.42
C GLU C 305 40.09 -28.91 3.64
N LYS C 306 41.32 -28.94 4.14
CA LYS C 306 42.01 -30.17 4.57
C LYS C 306 42.04 -31.14 3.38
N LYS C 307 41.79 -32.42 3.64
CA LYS C 307 41.69 -33.46 2.62
C LYS C 307 40.85 -34.59 3.23
N GLY C 308 40.87 -35.76 2.60
CA GLY C 308 40.13 -36.89 3.11
C GLY C 308 40.55 -37.35 4.50
N THR D 10 14.86 -20.00 19.14
CA THR D 10 15.40 -18.85 19.88
C THR D 10 14.34 -18.31 20.81
N ASP D 11 13.12 -18.85 20.71
CA ASP D 11 12.01 -18.40 21.60
C ASP D 11 11.68 -19.52 22.60
N ILE D 12 11.48 -19.16 23.87
CA ILE D 12 11.14 -20.16 24.91
C ILE D 12 9.72 -20.65 24.63
N GLY D 13 9.53 -21.97 24.54
CA GLY D 13 8.20 -22.55 24.27
C GLY D 13 8.33 -23.94 23.73
N GLN D 14 9.48 -24.59 23.94
CA GLN D 14 9.72 -25.95 23.41
C GLN D 14 9.68 -26.96 24.55
N ASN D 15 8.77 -27.95 24.47
CA ASN D 15 8.62 -28.94 25.54
C ASN D 15 8.72 -28.28 26.91
N ALA D 16 7.94 -27.21 27.10
CA ALA D 16 8.01 -26.43 28.32
C ALA D 16 6.83 -26.62 29.26
N LYS D 17 5.79 -27.35 28.84
CA LYS D 17 4.58 -27.61 29.61
C LYS D 17 4.04 -26.40 30.39
N THR D 18 3.52 -26.65 31.59
CA THR D 18 2.93 -25.67 32.49
C THR D 18 1.79 -25.10 31.66
N HIS D 19 1.77 -23.77 31.50
CA HIS D 19 0.76 -23.07 30.68
C HIS D 19 -0.27 -22.57 31.69
N THR D 20 0.19 -22.35 32.92
CA THR D 20 -0.66 -22.09 34.08
C THR D 20 -1.25 -20.68 34.15
N SER D 21 -1.98 -20.31 33.10
CA SER D 21 -2.55 -18.94 33.01
C SER D 21 -3.36 -18.53 34.24
N TYR D 22 -2.94 -17.47 34.92
CA TYR D 22 -3.75 -16.93 36.00
C TYR D 22 -4.22 -15.52 35.66
N ASN D 23 -5.23 -15.06 36.41
CA ASN D 23 -5.87 -13.78 36.17
C ASN D 23 -6.31 -13.16 37.49
N THR D 24 -6.19 -11.84 37.58
CA THR D 24 -6.68 -11.10 38.73
C THR D 24 -7.13 -9.72 38.27
N PHE D 25 -8.35 -9.33 38.64
CA PHE D 25 -8.96 -8.10 38.19
C PHE D 25 -9.51 -7.35 39.39
N ASN D 26 -9.41 -6.02 39.35
CA ASN D 26 -9.92 -5.16 40.40
C ASN D 26 -10.29 -3.80 39.81
N ASN D 27 -11.11 -3.06 40.54
CA ASN D 27 -11.57 -1.75 40.12
C ASN D 27 -11.21 -0.70 41.17
N GLU D 28 -10.73 0.44 40.71
CA GLU D 28 -10.51 1.62 41.54
C GLU D 28 -11.58 2.64 41.16
N GLN D 29 -12.62 2.73 41.99
CA GLN D 29 -13.83 3.47 41.62
C GLN D 29 -13.65 4.99 41.72
N ALA D 30 -12.68 5.46 42.51
CA ALA D 30 -12.53 6.90 42.71
C ALA D 30 -12.33 7.61 41.38
N ASP D 31 -11.40 7.13 40.56
CA ASP D 31 -11.25 7.58 39.18
C ASP D 31 -11.86 6.59 38.20
N ASN D 32 -12.66 5.64 38.69
CA ASN D 32 -13.30 4.62 37.86
C ASN D 32 -12.27 3.97 36.93
N MET D 33 -11.28 3.35 37.57
CA MET D 33 -10.21 2.64 36.89
C MET D 33 -10.37 1.14 37.08
N THR D 34 -9.95 0.38 36.06
CA THR D 34 -10.07 -1.07 36.05
C THR D 34 -8.72 -1.67 35.67
N MET D 35 -7.99 -2.18 36.65
CA MET D 35 -6.74 -2.87 36.41
C MET D 35 -7.01 -4.33 36.07
N SER D 36 -6.22 -4.87 35.15
CA SER D 36 -6.32 -6.27 34.78
C SER D 36 -4.91 -6.83 34.60
N LEU D 37 -4.78 -8.12 34.88
CA LEU D 37 -3.50 -8.80 34.77
C LEU D 37 -3.72 -10.19 34.19
N LYS D 38 -2.71 -10.66 33.45
CA LYS D 38 -2.74 -11.96 32.81
C LYS D 38 -1.33 -12.54 32.91
N VAL D 39 -1.12 -13.42 33.88
CA VAL D 39 0.17 -14.07 34.10
C VAL D 39 0.06 -15.52 33.62
N THR D 40 1.15 -16.01 33.05
CA THR D 40 1.28 -17.43 32.71
C THR D 40 2.68 -17.87 33.08
N PHE D 41 2.78 -18.91 33.90
CA PHE D 41 4.07 -19.42 34.35
C PHE D 41 4.54 -20.52 33.40
N ILE D 42 5.79 -20.42 32.96
CA ILE D 42 6.42 -21.45 32.15
C ILE D 42 7.71 -21.88 32.85
N ASP D 43 7.83 -23.16 33.15
CA ASP D 43 9.01 -23.71 33.83
C ASP D 43 9.65 -24.69 32.87
N ASP D 44 10.56 -24.18 32.03
CA ASP D 44 11.22 -25.02 31.04
C ASP D 44 12.39 -25.75 31.67
N PRO D 45 12.37 -27.09 31.72
CA PRO D 45 13.51 -27.81 32.31
C PRO D 45 14.82 -27.64 31.56
N SER D 46 14.77 -27.41 30.24
CA SER D 46 16.00 -27.18 29.50
C SER D 46 16.70 -25.89 29.94
N ALA D 47 15.91 -24.89 30.33
CA ALA D 47 16.46 -23.63 30.80
C ALA D 47 17.07 -23.81 32.20
N ASP D 48 17.66 -22.74 32.72
CA ASP D 48 18.15 -22.74 34.09
C ASP D 48 17.09 -22.29 35.08
N LYS D 49 16.18 -21.42 34.66
CA LYS D 49 15.24 -20.75 35.55
C LYS D 49 13.82 -20.97 35.05
N GLN D 50 12.86 -20.45 35.81
CA GLN D 50 11.44 -20.55 35.49
C GLN D 50 10.94 -19.21 34.98
N ILE D 51 10.18 -19.24 33.89
CA ILE D 51 9.73 -18.05 33.19
C ILE D 51 8.28 -17.77 33.53
N ALA D 52 7.93 -16.48 33.64
CA ALA D 52 6.55 -16.08 33.92
C ALA D 52 6.26 -14.81 33.13
N VAL D 53 5.23 -14.84 32.30
CA VAL D 53 4.87 -13.73 31.43
C VAL D 53 3.65 -13.02 32.02
N ILE D 54 3.76 -11.71 32.19
CA ILE D 54 2.68 -10.90 32.73
C ILE D 54 2.14 -10.01 31.62
N ASN D 55 0.82 -10.03 31.45
CA ASN D 55 0.14 -9.22 30.44
C ASN D 55 -0.89 -8.35 31.15
N THR D 56 -0.70 -7.04 31.11
CA THR D 56 -1.64 -6.12 31.74
C THR D 56 -2.65 -5.65 30.69
N THR D 57 -3.93 -5.72 31.06
CA THR D 57 -5.03 -5.39 30.16
C THR D 57 -6.06 -4.60 30.95
N GLY D 58 -7.28 -4.53 30.44
CA GLY D 58 -8.33 -3.72 31.01
C GLY D 58 -8.33 -2.34 30.40
N SER D 59 -8.79 -1.33 31.14
CA SER D 59 -8.85 0.03 30.62
C SER D 59 -8.89 1.01 31.77
N PHE D 60 -8.75 2.29 31.43
CA PHE D 60 -8.92 3.37 32.39
C PHE D 60 -9.61 4.54 31.70
N MET D 61 -10.67 5.04 32.32
CA MET D 61 -11.50 6.06 31.70
C MET D 61 -10.83 7.43 31.80
N LYS D 62 -11.07 8.25 30.79
CA LYS D 62 -10.62 9.64 30.85
C LYS D 62 -11.52 10.45 31.78
N ALA D 63 -12.83 10.30 31.63
CA ALA D 63 -13.82 11.00 32.44
C ALA D 63 -13.58 12.51 32.40
N ASN D 64 -13.65 13.05 31.18
CA ASN D 64 -13.24 14.42 30.90
C ASN D 64 -14.36 15.39 31.26
N PRO D 65 -14.26 16.09 32.39
CA PRO D 65 -15.32 17.03 32.75
C PRO D 65 -15.02 18.46 32.37
N THR D 66 -16.03 19.30 32.44
CA THR D 66 -15.87 20.75 32.48
C THR D 66 -16.36 21.17 33.86
N LEU D 67 -15.43 21.30 34.81
CA LEU D 67 -15.81 21.42 36.21
C LEU D 67 -16.57 22.70 36.51
N SER D 68 -16.81 23.52 35.49
CA SER D 68 -17.70 24.67 35.57
C SER D 68 -18.86 24.25 34.69
N ASP D 69 -19.89 23.70 35.31
CA ASP D 69 -20.99 23.06 34.59
C ASP D 69 -22.28 23.28 35.37
N ALA D 70 -23.30 22.45 35.06
CA ALA D 70 -24.62 22.44 35.70
C ALA D 70 -25.37 23.69 35.28
N PRO D 71 -26.70 23.73 35.41
CA PRO D 71 -27.45 24.86 34.84
C PRO D 71 -26.96 26.16 35.46
N VAL D 72 -26.85 27.20 34.63
CA VAL D 72 -26.28 28.43 35.16
C VAL D 72 -27.31 29.56 35.24
N ASP D 73 -27.77 30.05 34.08
CA ASP D 73 -28.62 31.24 34.02
C ASP D 73 -28.30 32.22 35.15
N GLY D 74 -28.97 32.05 36.29
CA GLY D 74 -28.63 32.63 37.58
C GLY D 74 -28.49 34.14 37.55
N TYR D 75 -27.58 34.62 38.41
CA TYR D 75 -27.31 36.07 38.53
C TYR D 75 -25.81 36.28 38.69
N PRO D 76 -25.00 35.80 37.74
CA PRO D 76 -23.55 35.83 37.94
C PRO D 76 -22.96 37.18 37.54
N ILE D 77 -22.13 37.74 38.42
CA ILE D 77 -21.37 38.95 38.11
C ILE D 77 -20.07 38.60 37.37
N PRO D 78 -19.17 37.76 37.95
CA PRO D 78 -17.89 37.45 37.25
C PRO D 78 -17.96 36.64 35.97
N GLY D 79 -18.48 37.21 34.88
CA GLY D 79 -18.51 36.55 33.58
C GLY D 79 -18.81 35.06 33.52
N ALA D 80 -18.09 34.35 32.64
CA ALA D 80 -18.38 32.93 32.35
C ALA D 80 -17.43 31.98 33.05
N SER D 81 -16.12 32.11 32.77
CA SER D 81 -15.10 31.29 33.47
C SER D 81 -15.13 29.76 33.33
N VAL D 82 -15.18 29.26 32.10
CA VAL D 82 -15.13 27.82 31.84
C VAL D 82 -13.75 27.19 31.77
N THR D 83 -13.55 26.16 32.58
CA THR D 83 -12.33 25.37 32.64
C THR D 83 -12.61 23.94 32.18
N LEU D 84 -11.56 23.25 31.74
CA LEU D 84 -11.66 21.84 31.39
C LEU D 84 -10.42 21.11 31.87
N ARG D 85 -10.60 20.06 32.68
CA ARG D 85 -9.49 19.25 33.17
C ARG D 85 -9.25 18.10 32.20
N TYR D 86 -8.54 18.39 31.12
CA TYR D 86 -8.22 17.36 30.13
C TYR D 86 -6.87 16.72 30.44
N PRO D 87 -6.83 15.43 30.73
CA PRO D 87 -5.56 14.77 31.06
C PRO D 87 -4.60 14.64 29.88
N SER D 88 -3.31 14.62 30.20
CA SER D 88 -2.26 14.55 29.18
C SER D 88 -1.42 13.29 29.28
N GLN D 89 -0.81 13.08 30.46
CA GLN D 89 0.09 11.91 30.64
C GLN D 89 -0.65 10.75 31.30
N TYR D 90 -0.20 9.53 31.02
CA TYR D 90 -0.78 8.31 31.65
C TYR D 90 0.40 7.36 31.89
N ASP D 91 0.44 6.66 33.03
CA ASP D 91 1.63 5.83 33.35
C ASP D 91 1.20 4.45 33.86
N ILE D 92 2.00 3.41 33.57
CA ILE D 92 1.71 2.02 34.02
C ILE D 92 2.98 1.43 34.62
N ALA D 93 3.46 2.00 35.73
CA ALA D 93 4.73 1.55 36.30
C ALA D 93 4.56 0.17 36.92
N MET D 94 5.64 -0.61 36.88
CA MET D 94 5.70 -1.92 37.52
C MET D 94 7.00 -1.98 38.32
N ASN D 95 6.89 -1.75 39.62
CA ASN D 95 8.03 -1.64 40.51
C ASN D 95 8.06 -2.87 41.42
N LEU D 96 8.87 -3.85 41.06
CA LEU D 96 9.08 -4.95 42.00
C LEU D 96 9.77 -4.40 43.24
N GLN D 97 9.42 -4.96 44.39
CA GLN D 97 9.99 -4.48 45.65
C GLN D 97 11.50 -4.56 45.58
N ASP D 98 12.17 -3.54 46.12
CA ASP D 98 13.65 -3.41 45.99
C ASP D 98 14.43 -4.66 46.41
N ASN D 99 13.78 -5.79 46.67
CA ASN D 99 14.55 -6.96 47.17
C ASN D 99 14.07 -8.25 46.49
N THR D 100 13.42 -8.18 45.32
CA THR D 100 12.82 -9.43 44.77
C THR D 100 13.62 -9.99 43.62
N SER D 101 12.93 -10.62 42.69
CA SER D 101 13.63 -11.29 41.56
C SER D 101 14.00 -10.28 40.48
N ARG D 102 14.26 -10.77 39.26
CA ARG D 102 14.72 -9.87 38.18
C ARG D 102 13.64 -9.72 37.09
N PHE D 103 13.51 -8.52 36.52
CA PHE D 103 12.61 -8.31 35.34
C PHE D 103 13.52 -8.48 34.13
N PHE D 104 13.12 -9.29 33.13
CA PHE D 104 14.07 -9.58 32.02
C PHE D 104 13.68 -8.94 30.71
N HIS D 105 12.39 -8.87 30.37
CA HIS D 105 12.06 -8.32 29.03
C HIS D 105 10.73 -7.57 29.11
N VAL D 106 10.54 -6.60 28.22
CA VAL D 106 9.33 -5.76 28.35
C VAL D 106 8.78 -5.36 26.97
N ALA D 107 7.46 -5.32 26.84
CA ALA D 107 6.76 -4.89 25.65
C ALA D 107 5.68 -3.88 26.01
N PRO D 108 5.48 -2.84 25.19
CA PRO D 108 6.17 -2.54 23.93
C PRO D 108 7.54 -1.91 24.19
N THR D 109 8.16 -1.30 23.19
CA THR D 109 9.43 -0.61 23.38
C THR D 109 9.42 0.76 22.69
N SER D 122 11.60 23.11 -11.46
CA SER D 122 10.76 23.42 -12.61
C SER D 122 11.07 24.81 -13.15
N TYR D 123 11.38 24.87 -14.45
CA TYR D 123 11.79 26.11 -15.11
C TYR D 123 11.12 26.20 -16.46
N GLN D 124 10.77 27.42 -16.88
CA GLN D 124 10.05 27.60 -18.13
C GLN D 124 10.63 28.79 -18.89
N LEU D 125 10.17 28.94 -20.13
CA LEU D 125 10.52 30.05 -21.01
C LEU D 125 9.25 30.53 -21.69
N GLY D 126 9.28 31.76 -22.20
CA GLY D 126 8.10 32.35 -22.78
C GLY D 126 8.38 33.10 -24.07
N GLY D 127 7.30 33.35 -24.81
CA GLY D 127 7.33 34.12 -26.04
C GLY D 127 5.91 34.42 -26.50
N SER D 128 5.65 35.66 -26.92
CA SER D 128 4.29 36.05 -27.29
C SER D 128 4.34 37.24 -28.23
N ILE D 129 3.22 37.46 -28.94
CA ILE D 129 3.09 38.57 -29.87
C ILE D 129 1.67 39.15 -29.77
N ASP D 130 1.59 40.48 -29.87
CA ASP D 130 0.34 41.24 -29.78
C ASP D 130 0.28 42.19 -30.97
N ALA D 131 -0.93 42.43 -31.47
CA ALA D 131 -1.11 43.36 -32.59
C ALA D 131 -2.11 44.43 -32.19
N SER D 132 -1.98 45.60 -32.81
CA SER D 132 -2.79 46.76 -32.43
C SER D 132 -3.04 47.63 -33.66
N VAL D 133 -3.41 48.88 -33.40
CA VAL D 133 -3.87 49.85 -34.40
C VAL D 133 -2.83 50.98 -34.38
N THR D 134 -3.06 52.04 -35.19
CA THR D 134 -2.21 53.21 -35.34
C THR D 134 -0.93 52.82 -36.07
N PRO D 135 -0.14 53.78 -36.54
CA PRO D 135 1.11 53.43 -37.24
C PRO D 135 2.07 52.64 -36.35
N SER D 136 2.51 51.49 -36.87
CA SER D 136 3.50 50.67 -36.12
C SER D 136 2.94 50.33 -34.74
N GLY D 137 1.99 49.38 -34.68
CA GLY D 137 1.37 49.07 -33.38
C GLY D 137 1.50 47.61 -32.99
N PRO D 138 2.69 47.06 -32.64
CA PRO D 138 2.76 45.72 -32.11
C PRO D 138 3.15 45.77 -30.64
N SER D 139 3.33 44.61 -30.02
CA SER D 139 3.78 44.52 -28.61
C SER D 139 4.22 43.08 -28.40
N GLY D 140 5.32 42.84 -27.67
CA GLY D 140 5.74 41.43 -27.62
C GLY D 140 5.98 40.99 -26.19
N GLU D 141 6.30 39.71 -25.98
CA GLU D 141 6.63 39.22 -24.66
C GLU D 141 7.52 37.99 -24.79
N SER D 142 8.46 37.83 -23.86
CA SER D 142 9.38 36.69 -23.87
C SER D 142 9.73 36.35 -22.42
N GLY D 143 8.98 35.40 -21.84
CA GLY D 143 9.14 35.07 -20.44
C GLY D 143 10.18 33.99 -20.17
N ALA D 144 10.56 33.87 -18.91
CA ALA D 144 11.49 32.83 -18.45
C ALA D 144 11.36 32.68 -16.95
N THR D 145 11.05 31.47 -16.49
CA THR D 145 10.82 31.23 -15.06
C THR D 145 11.49 29.94 -14.60
N TYR D 156 2.57 11.67 11.28
CA TYR D 156 2.45 11.93 12.72
C TYR D 156 1.37 11.11 13.40
N ASP D 157 1.72 10.44 14.49
CA ASP D 157 0.69 9.91 15.38
C ASP D 157 0.21 11.02 16.31
N GLN D 158 -0.11 12.16 15.71
CA GLN D 158 -0.71 13.28 16.41
C GLN D 158 -2.20 13.01 16.55
N THR D 159 -2.94 14.00 17.04
CA THR D 159 -4.40 13.97 17.14
C THR D 159 -4.81 12.97 18.22
N SER D 160 -3.91 12.09 18.63
CA SER D 160 -4.12 11.28 19.84
C SER D 160 -2.79 10.69 20.30
N TYR D 161 -2.16 11.30 21.30
CA TYR D 161 -1.19 10.63 22.17
C TYR D 161 0.04 10.04 21.49
N LYS D 162 0.86 9.34 22.29
CA LYS D 162 2.13 8.74 21.92
C LYS D 162 2.49 7.69 22.95
N THR D 163 2.96 6.52 22.51
CA THR D 163 3.23 5.40 23.40
C THR D 163 4.75 5.24 23.57
N ASN D 164 5.30 5.99 24.53
CA ASN D 164 6.72 5.98 24.83
C ASN D 164 7.03 5.03 25.97
N LEU D 165 8.27 4.53 25.99
CA LEU D 165 8.79 3.65 27.04
C LEU D 165 9.92 4.39 27.76
N ILE D 166 9.62 5.04 28.88
CA ILE D 166 10.70 5.62 29.66
C ILE D 166 11.54 4.47 30.22
N ASP D 167 12.81 4.76 30.52
CA ASP D 167 13.80 3.74 30.85
C ASP D 167 13.26 2.68 31.79
N GLN D 168 13.47 1.43 31.43
CA GLN D 168 13.15 0.30 32.29
C GLN D 168 14.40 -0.17 33.00
N THR D 169 14.20 -1.02 34.00
CA THR D 169 15.28 -1.72 34.70
C THR D 169 14.80 -3.13 34.99
N ASN D 170 15.63 -3.89 35.68
CA ASN D 170 15.18 -5.14 36.25
C ASN D 170 14.32 -4.94 37.50
N LYS D 171 14.11 -3.68 37.92
CA LYS D 171 13.28 -3.42 39.09
C LYS D 171 12.03 -2.60 38.76
N HIS D 172 12.17 -1.43 38.15
CA HIS D 172 11.03 -0.57 37.85
C HIS D 172 10.99 -0.28 36.35
N VAL D 173 9.92 -0.70 35.69
CA VAL D 173 9.68 -0.43 34.28
C VAL D 173 8.55 0.59 34.17
N LYS D 174 8.69 1.65 33.41
CA LYS D 174 7.62 2.68 33.56
C LYS D 174 7.52 3.59 32.35
N TRP D 175 6.30 3.82 31.86
CA TRP D 175 6.18 4.60 30.60
C TRP D 175 5.18 5.73 30.69
N ASN D 176 5.39 6.75 29.86
CA ASN D 176 4.50 7.93 29.88
C ASN D 176 3.75 8.01 28.54
N VAL D 177 2.55 7.41 28.46
CA VAL D 177 1.72 7.55 27.23
C VAL D 177 1.15 8.98 27.25
N PHE D 178 1.89 9.96 26.74
CA PHE D 178 1.47 11.35 26.82
C PHE D 178 0.66 11.72 25.58
N PHE D 179 0.25 12.98 25.50
CA PHE D 179 -0.49 13.50 24.37
C PHE D 179 0.24 14.70 23.79
N ASN D 180 0.18 14.85 22.46
CA ASN D 180 0.98 15.83 21.74
C ASN D 180 0.15 16.97 21.17
N GLY D 181 -0.82 16.67 20.31
CA GLY D 181 -1.58 17.74 19.67
C GLY D 181 -2.76 17.20 18.91
N TYR D 182 -3.59 18.13 18.44
CA TYR D 182 -4.82 17.81 17.72
C TYR D 182 -5.13 18.91 16.70
N ASN D 183 -5.87 18.54 15.65
CA ASN D 183 -6.38 19.49 14.65
C ASN D 183 -7.85 19.78 14.96
N ASN D 184 -8.09 20.85 15.72
CA ASN D 184 -9.46 21.21 16.08
C ASN D 184 -10.23 21.76 14.88
N GLN D 185 -11.39 21.18 14.62
CA GLN D 185 -12.33 21.63 13.58
C GLN D 185 -11.61 21.98 12.28
N ASN D 186 -10.88 20.98 11.75
CA ASN D 186 -10.21 21.03 10.45
C ASN D 186 -9.06 22.02 10.41
N TRP D 187 -8.82 22.78 11.48
CA TRP D 187 -7.68 23.66 11.61
C TRP D 187 -6.63 23.01 12.50
N GLY D 188 -5.37 23.18 12.14
CA GLY D 188 -4.30 22.60 12.93
C GLY D 188 -2.95 22.98 12.35
N ILE D 189 -1.91 22.46 12.98
CA ILE D 189 -1.99 21.58 14.14
C ILE D 189 -1.64 22.37 15.41
N TYR D 190 -2.28 22.04 16.52
CA TYR D 190 -2.08 22.75 17.77
C TYR D 190 -1.62 21.78 18.85
N THR D 191 -0.81 22.29 19.77
CA THR D 191 -0.04 21.48 20.71
C THR D 191 0.11 22.27 22.00
N ARG D 192 0.47 21.57 23.08
CA ARG D 192 0.69 22.20 24.39
C ARG D 192 1.61 23.41 24.32
N ASP D 193 2.37 23.55 23.24
CA ASP D 193 3.24 24.70 23.03
C ASP D 193 2.69 25.72 22.04
N SER D 194 1.52 25.46 21.46
CA SER D 194 1.03 26.30 20.37
C SER D 194 0.73 27.70 20.87
N TYR D 195 1.19 28.70 20.12
CA TYR D 195 1.14 30.09 20.51
C TYR D 195 0.37 30.90 19.47
N HIS D 196 -0.30 31.94 19.94
CA HIS D 196 -0.82 32.98 19.08
C HIS D 196 -0.72 34.32 19.81
N ALA D 197 -0.54 35.38 19.03
CA ALA D 197 -0.34 36.70 19.61
C ALA D 197 -1.60 37.24 20.27
N LEU D 198 -2.78 36.68 19.96
CA LEU D 198 -4.02 37.24 20.45
C LEU D 198 -5.04 36.22 20.97
N TYR D 199 -4.73 34.92 20.97
CA TYR D 199 -5.69 33.92 21.42
C TYR D 199 -5.15 32.92 22.43
N GLY D 200 -3.84 32.88 22.66
CA GLY D 200 -3.33 31.79 23.48
C GLY D 200 -3.43 30.45 22.77
N ASN D 201 -3.59 29.39 23.56
CA ASN D 201 -3.77 28.05 23.02
C ASN D 201 -5.22 27.84 22.62
N GLN D 202 -5.44 27.40 21.38
CA GLN D 202 -6.78 27.12 20.87
C GLN D 202 -7.02 25.63 20.61
N LEU D 203 -6.24 24.74 21.25
CA LEU D 203 -6.31 23.31 20.91
C LEU D 203 -7.70 22.73 21.12
N PHE D 204 -8.43 23.20 22.13
CA PHE D 204 -9.78 22.74 22.39
C PHE D 204 -10.82 23.81 22.12
N MET D 205 -10.49 24.77 21.24
CA MET D 205 -11.41 25.82 20.87
C MET D 205 -12.37 25.33 19.77
N TYR D 206 -13.62 25.78 19.86
CA TYR D 206 -14.62 25.53 18.83
C TYR D 206 -14.67 26.67 17.82
N SER D 207 -14.84 27.89 18.33
CA SER D 207 -14.85 29.10 17.46
C SER D 207 -14.50 30.34 18.29
N ARG D 208 -13.86 31.31 17.67
CA ARG D 208 -13.33 32.44 18.47
C ARG D 208 -14.07 33.75 18.20
N THR D 209 -13.33 34.85 18.18
CA THR D 209 -13.94 36.19 18.00
C THR D 209 -15.21 36.21 18.81
N TYR D 210 -16.35 36.22 18.14
CA TYR D 210 -17.63 36.16 18.88
C TYR D 210 -18.21 34.78 18.63
N PRO D 211 -18.03 33.82 19.55
CA PRO D 211 -18.60 32.48 19.39
C PRO D 211 -19.91 32.29 20.13
N HIS D 212 -21.04 32.39 19.44
CA HIS D 212 -22.38 32.31 20.04
C HIS D 212 -22.53 33.39 21.12
N GLU D 213 -21.41 34.02 21.49
CA GLU D 213 -21.31 35.05 22.53
C GLU D 213 -22.08 34.66 23.80
N THR D 214 -22.30 33.36 23.97
CA THR D 214 -22.96 32.78 25.13
C THR D 214 -21.90 32.24 26.08
N ASP D 215 -22.34 31.45 27.06
CA ASP D 215 -21.39 30.75 27.90
C ASP D 215 -20.49 29.87 27.05
N ALA D 216 -19.21 29.84 27.37
CA ALA D 216 -18.24 29.04 26.64
C ALA D 216 -18.35 27.56 26.96
N ARG D 217 -19.28 27.18 27.85
CA ARG D 217 -19.57 25.78 28.13
C ARG D 217 -20.14 25.07 26.92
N GLY D 218 -20.75 25.80 25.99
CA GLY D 218 -21.25 25.19 24.77
C GLY D 218 -20.56 25.82 23.60
N ASN D 219 -19.40 26.43 23.89
CA ASN D 219 -18.48 26.96 22.90
C ASN D 219 -17.18 26.16 22.85
N LEU D 220 -17.16 24.98 23.45
CA LEU D 220 -16.01 24.12 23.34
C LEU D 220 -16.23 23.13 22.20
N VAL D 221 -15.16 22.78 21.51
CA VAL D 221 -15.32 21.73 20.49
C VAL D 221 -15.77 20.45 21.18
N PRO D 222 -16.84 19.80 20.69
CA PRO D 222 -17.42 18.68 21.44
C PRO D 222 -16.41 17.56 21.69
N MET D 223 -16.62 16.85 22.80
CA MET D 223 -15.63 15.88 23.26
C MET D 223 -15.45 14.75 22.25
N ASN D 224 -16.53 14.35 21.57
CA ASN D 224 -16.43 13.30 20.57
C ASN D 224 -16.01 13.82 19.20
N ASP D 225 -16.01 15.15 19.00
CA ASP D 225 -15.35 15.77 17.87
C ASP D 225 -13.83 15.74 18.04
N LEU D 226 -13.35 15.08 19.08
CA LEU D 226 -11.96 14.94 19.47
C LEU D 226 -11.61 13.45 19.46
N PRO D 227 -10.33 13.04 19.71
CA PRO D 227 -9.95 11.64 19.53
C PRO D 227 -10.83 10.62 20.25
N THR D 228 -10.73 9.36 19.81
CA THR D 228 -11.49 8.29 20.44
C THR D 228 -11.04 8.11 21.89
N LEU D 229 -9.74 8.20 22.14
CA LEU D 229 -9.21 8.01 23.49
C LEU D 229 -9.66 9.13 24.43
N THR D 230 -9.54 10.39 23.98
CA THR D 230 -9.71 11.54 24.87
C THR D 230 -11.06 11.56 25.59
N ASN D 231 -12.10 11.00 24.99
CA ASN D 231 -13.43 11.01 25.59
C ASN D 231 -13.80 9.69 26.24
N SER D 232 -13.09 8.60 25.92
CA SER D 232 -13.50 7.25 26.32
C SER D 232 -12.54 6.64 27.33
N GLY D 233 -11.27 6.53 27.00
CA GLY D 233 -10.29 5.89 27.86
C GLY D 233 -9.39 4.94 27.10
N PHE D 234 -8.16 4.80 27.56
CA PHE D 234 -7.17 3.94 26.93
C PHE D 234 -7.13 2.59 27.63
N SER D 235 -6.91 1.54 26.83
CA SER D 235 -6.76 0.18 27.33
C SER D 235 -5.29 -0.22 27.27
N PRO D 236 -4.61 -0.42 28.40
CA PRO D 236 -3.20 -0.83 28.33
C PRO D 236 -3.06 -2.24 27.79
N GLY D 237 -1.95 -2.47 27.08
CA GLY D 237 -1.61 -3.79 26.60
C GLY D 237 -0.15 -4.11 26.82
N MET D 238 0.44 -3.46 27.82
CA MET D 238 1.87 -3.58 28.07
C MET D 238 2.21 -4.98 28.58
N ILE D 239 3.26 -5.57 28.01
CA ILE D 239 3.67 -6.92 28.38
C ILE D 239 5.05 -6.85 29.02
N ALA D 240 5.20 -7.60 30.12
CA ALA D 240 6.49 -7.79 30.77
C ALA D 240 6.64 -9.25 31.14
N VAL D 241 7.86 -9.67 31.41
CA VAL D 241 8.17 -11.05 31.78
C VAL D 241 9.07 -11.02 33.00
N VAL D 242 8.83 -11.93 33.94
CA VAL D 242 9.65 -12.05 35.13
C VAL D 242 10.19 -13.48 35.19
N ILE D 243 11.50 -13.62 35.36
CA ILE D 243 12.16 -14.91 35.51
C ILE D 243 12.93 -14.92 36.82
N SER D 244 12.87 -16.05 37.53
CA SER D 244 13.62 -16.24 38.77
C SER D 244 14.21 -17.63 38.75
N GLU D 245 15.35 -17.79 39.43
CA GLU D 245 16.04 -19.08 39.42
C GLU D 245 15.21 -20.14 40.13
N LYS D 246 15.48 -21.40 39.78
CA LYS D 246 14.81 -22.51 40.43
C LYS D 246 15.17 -22.59 41.90
N ASP D 247 16.31 -22.01 42.29
CA ASP D 247 16.73 -21.96 43.68
C ASP D 247 15.94 -20.91 44.48
N THR D 248 15.67 -19.75 43.86
CA THR D 248 15.12 -18.59 44.55
C THR D 248 13.64 -18.72 44.87
N GLU D 249 13.14 -17.87 45.78
CA GLU D 249 11.71 -17.97 46.19
C GLU D 249 11.11 -16.58 46.49
N GLN D 250 9.85 -16.34 46.10
CA GLN D 250 9.12 -15.07 46.39
C GLN D 250 9.67 -13.91 45.53
N SER D 251 8.81 -12.94 45.23
CA SER D 251 9.22 -11.81 44.36
C SER D 251 8.21 -10.67 44.45
N SER D 252 7.55 -10.48 45.59
CA SER D 252 6.49 -9.45 45.73
C SER D 252 6.69 -8.32 44.70
N ILE D 253 5.95 -8.33 43.59
CA ILE D 253 6.05 -7.21 42.63
C ILE D 253 5.01 -6.16 42.99
N GLN D 254 4.90 -5.10 42.19
CA GLN D 254 3.86 -4.05 42.42
C GLN D 254 3.48 -3.45 41.06
N VAL D 255 2.18 -3.28 40.79
CA VAL D 255 1.70 -2.76 39.47
C VAL D 255 1.02 -1.40 39.69
N ALA D 256 1.73 -0.30 39.45
CA ALA D 256 1.16 1.04 39.70
C ALA D 256 0.38 1.52 38.48
N TYR D 257 -0.71 2.25 38.68
CA TYR D 257 -1.50 2.81 37.54
C TYR D 257 -1.83 4.27 37.84
N THR D 258 -1.40 5.20 36.99
CA THR D 258 -1.61 6.64 37.30
C THR D 258 -2.15 7.41 36.11
N LYS D 259 -2.61 8.63 36.32
CA LYS D 259 -3.12 9.50 35.22
C LYS D 259 -2.69 10.96 35.53
N HIS D 260 -2.82 11.88 34.58
CA HIS D 260 -2.32 13.26 34.79
C HIS D 260 -3.06 14.20 33.85
N ALA D 261 -3.66 15.28 34.36
CA ALA D 261 -4.51 16.12 33.48
C ALA D 261 -3.94 17.52 33.28
N ASP D 262 -4.24 18.12 32.12
CA ASP D 262 -3.85 19.53 31.88
C ASP D 262 -5.08 20.38 32.23
N ASP D 263 -4.93 21.68 32.44
CA ASP D 263 -6.09 22.50 32.91
C ASP D 263 -6.34 23.71 32.00
N TYR D 264 -6.68 23.49 30.73
CA TYR D 264 -6.88 24.62 29.78
C TYR D 264 -8.00 25.50 30.30
N THR D 265 -7.73 26.80 30.43
CA THR D 265 -8.76 27.75 30.90
C THR D 265 -9.15 28.63 29.75
N LEU D 266 -10.39 29.11 29.73
CA LEU D 266 -10.87 29.99 28.64
C LEU D 266 -11.96 30.88 29.24
N ARG D 267 -11.83 32.20 29.13
CA ARG D 267 -12.84 33.08 29.74
C ARG D 267 -12.92 34.47 29.14
N PRO D 268 -14.10 35.10 29.10
CA PRO D 268 -14.23 36.44 28.56
C PRO D 268 -14.26 37.38 29.74
N GLY D 269 -13.53 37.02 30.79
CA GLY D 269 -13.48 37.85 32.02
C GLY D 269 -12.06 38.16 32.41
N PHE D 270 -11.08 37.53 31.75
CA PHE D 270 -9.64 37.82 32.01
C PHE D 270 -9.01 38.30 30.70
N THR D 271 -9.84 38.46 29.66
CA THR D 271 -9.32 38.86 28.33
C THR D 271 -9.37 40.36 28.17
N PHE D 272 -9.56 40.83 26.93
CA PHE D 272 -9.56 42.30 26.67
C PHE D 272 -10.88 42.66 26.00
N GLY D 273 -11.98 42.03 26.42
CA GLY D 273 -13.31 42.39 25.89
C GLY D 273 -13.39 42.25 24.38
N THR D 274 -12.91 43.26 23.63
CA THR D 274 -12.96 43.25 22.15
C THR D 274 -12.81 41.83 21.67
N GLY D 275 -13.92 41.10 21.52
CA GLY D 275 -13.83 39.68 21.14
C GLY D 275 -12.60 39.06 21.76
N ASN D 276 -11.57 38.80 20.95
CA ASN D 276 -10.31 38.20 21.46
C ASN D 276 -10.61 37.36 22.70
N TRP D 277 -11.47 36.36 22.57
CA TRP D 277 -11.73 35.43 23.69
C TRP D 277 -10.55 34.48 23.79
N VAL D 278 -9.49 34.86 24.49
CA VAL D 278 -8.26 34.02 24.56
C VAL D 278 -8.38 32.97 25.66
N GLY D 279 -7.47 31.99 25.65
CA GLY D 279 -7.45 30.96 26.71
C GLY D 279 -6.07 30.35 26.80
N ASN D 280 -5.61 30.01 28.01
CA ASN D 280 -4.24 29.45 28.20
C ASN D 280 -4.29 28.11 28.93
N ASN D 281 -3.23 27.30 28.83
CA ASN D 281 -3.23 25.94 29.45
C ASN D 281 -1.95 25.77 30.26
N ILE D 282 -2.01 25.02 31.37
CA ILE D 282 -0.82 24.83 32.27
C ILE D 282 -0.48 23.33 32.34
N LYS D 283 0.50 22.94 33.16
CA LYS D 283 0.97 21.53 33.15
C LYS D 283 0.39 20.69 34.30
N ASP D 284 1.04 19.58 34.62
CA ASP D 284 0.54 18.65 35.66
C ASP D 284 -0.20 19.40 36.76
N VAL D 285 -1.48 19.11 36.96
CA VAL D 285 -2.26 19.76 38.06
C VAL D 285 -3.00 18.67 38.85
N ASP D 286 -3.63 17.72 38.17
CA ASP D 286 -4.39 16.65 38.86
C ASP D 286 -3.72 15.29 38.62
N GLN D 287 -3.72 14.43 39.64
CA GLN D 287 -3.12 13.07 39.50
C GLN D 287 -3.96 12.05 40.27
N LYS D 288 -4.12 10.84 39.75
CA LYS D 288 -4.87 9.77 40.46
C LYS D 288 -4.09 8.46 40.37
N THR D 289 -3.13 8.24 41.28
CA THR D 289 -2.32 7.01 41.26
C THR D 289 -3.08 5.88 41.91
N PHE D 290 -2.84 4.64 41.48
CA PHE D 290 -3.49 3.46 42.13
C PHE D 290 -2.47 2.33 42.18
N ASN D 291 -2.33 1.65 43.32
CA ASN D 291 -1.27 0.63 43.45
C ASN D 291 -1.76 -0.60 44.23
N LYS D 292 -1.11 -1.75 44.02
CA LYS D 292 -1.47 -2.99 44.76
C LYS D 292 -0.37 -4.04 44.56
N SER D 293 0.54 -4.17 45.53
CA SER D 293 1.70 -5.09 45.38
C SER D 293 1.24 -6.55 45.31
N PHE D 294 0.78 -7.00 44.15
CA PHE D 294 0.46 -8.45 44.02
C PHE D 294 1.71 -9.21 44.43
N VAL D 295 1.63 -10.03 45.48
CA VAL D 295 2.83 -10.85 45.84
C VAL D 295 3.12 -11.76 44.63
N LEU D 296 4.15 -11.42 43.86
CA LEU D 296 4.45 -12.19 42.63
C LEU D 296 4.40 -13.67 42.95
N ASP D 297 4.90 -14.04 44.13
CA ASP D 297 4.89 -15.47 44.53
C ASP D 297 5.62 -16.26 43.45
N TRP D 298 6.93 -16.02 43.27
CA TRP D 298 7.69 -16.68 42.19
C TRP D 298 7.84 -18.17 42.47
N LYS D 299 6.77 -18.81 42.93
CA LYS D 299 6.76 -20.25 43.24
C LYS D 299 5.45 -20.46 44.00
N ASN D 300 4.80 -19.36 44.40
CA ASN D 300 3.56 -19.46 45.22
C ASN D 300 2.36 -19.03 44.37
N LYS D 301 2.55 -18.83 43.06
CA LYS D 301 1.43 -18.50 42.14
C LYS D 301 0.43 -17.52 42.78
N LYS D 302 -0.77 -18.01 43.13
CA LYS D 302 -1.84 -17.16 43.69
C LYS D 302 -1.33 -15.73 43.96
N LEU D 303 -1.38 -14.86 42.95
CA LEU D 303 -0.97 -13.45 43.13
C LEU D 303 -1.81 -12.80 44.25
N VAL D 304 -1.22 -11.88 45.02
CA VAL D 304 -1.94 -11.24 46.17
C VAL D 304 -3.25 -10.68 45.61
N GLU D 305 -4.32 -10.81 46.38
CA GLU D 305 -5.63 -10.32 45.93
C GLU D 305 -6.34 -9.58 47.05
N LYS D 306 -7.54 -10.02 47.41
CA LYS D 306 -8.25 -9.41 48.56
C LYS D 306 -7.57 -9.73 49.93
N LYS D 307 -6.29 -10.08 49.85
CA LYS D 307 -5.50 -10.47 51.06
C LYS D 307 -6.33 -11.66 51.57
N GLY D 308 -7.15 -11.45 52.61
CA GLY D 308 -7.91 -12.57 53.20
C GLY D 308 -9.32 -12.63 52.66
N SER D 309 -10.23 -13.23 53.42
CA SER D 309 -11.65 -13.38 52.97
C SER D 309 -12.28 -12.01 52.76
N ALA D 310 -13.27 -11.94 51.88
CA ALA D 310 -13.96 -10.66 51.60
C ALA D 310 -15.47 -10.84 51.80
N MET E 1 -15.06 -19.16 8.29
CA MET E 1 -14.29 -18.28 9.16
C MET E 1 -15.09 -17.07 9.62
N ALA E 2 -15.75 -16.40 8.68
CA ALA E 2 -16.52 -15.19 8.98
C ALA E 2 -17.73 -15.44 9.85
N GLN E 3 -17.96 -16.67 10.29
CA GLN E 3 -19.12 -17.04 11.09
C GLN E 3 -18.71 -17.51 12.47
N THR E 4 -17.64 -16.91 13.01
CA THR E 4 -16.90 -17.34 14.20
C THR E 4 -16.76 -18.86 14.22
N THR E 5 -16.53 -19.44 13.05
CA THR E 5 -16.30 -20.87 12.89
C THR E 5 -14.82 -21.13 12.62
N SER E 6 -14.41 -22.38 12.87
CA SER E 6 -13.04 -22.77 12.57
C SER E 6 -12.77 -22.70 11.08
N GLN E 7 -11.53 -22.35 10.74
CA GLN E 7 -11.14 -22.23 9.34
C GLN E 7 -11.14 -23.60 8.68
N VAL E 8 -11.59 -23.63 7.42
CA VAL E 8 -11.60 -24.82 6.56
C VAL E 8 -12.47 -25.90 7.18
N VAL E 9 -13.73 -25.58 7.47
CA VAL E 9 -14.71 -26.58 7.91
C VAL E 9 -15.93 -26.53 7.01
N THR E 10 -16.41 -25.32 6.71
CA THR E 10 -17.56 -25.16 5.82
C THR E 10 -17.27 -25.70 4.42
N ASP E 11 -15.99 -25.75 4.03
CA ASP E 11 -15.58 -26.21 2.71
C ASP E 11 -15.34 -27.71 2.71
N ILE E 12 -15.65 -28.34 1.58
CA ILE E 12 -15.56 -29.82 1.51
C ILE E 12 -14.12 -30.21 1.24
N GLY E 13 -13.80 -31.48 1.38
CA GLY E 13 -12.41 -31.94 1.17
C GLY E 13 -11.94 -32.68 2.40
N GLN E 14 -12.87 -33.26 3.14
CA GLN E 14 -12.51 -33.99 4.39
C GLN E 14 -12.92 -35.44 4.21
N ASN E 15 -11.99 -36.39 4.48
CA ASN E 15 -12.28 -37.81 4.25
C ASN E 15 -13.12 -37.99 2.99
N ALA E 16 -12.69 -37.33 1.92
CA ALA E 16 -13.40 -37.34 0.65
C ALA E 16 -12.60 -38.13 -0.38
N LYS E 17 -13.29 -38.54 -1.44
CA LYS E 17 -12.65 -39.40 -2.47
C LYS E 17 -11.49 -38.72 -3.21
N THR E 18 -10.34 -38.59 -2.56
CA THR E 18 -9.10 -38.09 -3.22
C THR E 18 -9.26 -36.84 -4.04
N HIS E 19 -8.27 -36.61 -4.89
CA HIS E 19 -8.28 -35.42 -5.76
C HIS E 19 -8.11 -35.92 -7.19
N THR E 20 -9.02 -36.78 -7.63
CA THR E 20 -8.88 -37.40 -8.96
C THR E 20 -8.61 -36.36 -10.03
N SER E 21 -7.36 -35.96 -10.22
CA SER E 21 -6.96 -35.03 -11.27
C SER E 21 -6.83 -35.72 -12.64
N TYR E 22 -7.59 -35.26 -13.62
CA TYR E 22 -7.42 -35.69 -15.00
C TYR E 22 -6.96 -34.53 -15.86
N ASN E 23 -6.47 -34.85 -17.06
CA ASN E 23 -5.89 -33.86 -17.97
C ASN E 23 -6.20 -34.23 -19.41
N THR E 24 -6.52 -33.22 -20.22
CA THR E 24 -6.72 -33.41 -21.66
C THR E 24 -6.32 -32.14 -22.41
N PHE E 25 -5.47 -32.30 -23.42
CA PHE E 25 -4.95 -31.18 -24.19
C PHE E 25 -5.01 -31.52 -25.67
N ASN E 26 -5.33 -30.53 -26.50
CA ASN E 26 -5.34 -30.68 -27.94
C ASN E 26 -5.09 -29.32 -28.59
N ASN E 27 -4.69 -29.36 -29.87
CA ASN E 27 -4.41 -28.16 -30.63
C ASN E 27 -5.27 -28.11 -31.89
N GLU E 28 -5.84 -26.95 -32.17
CA GLU E 28 -6.51 -26.65 -33.43
C GLU E 28 -5.66 -25.64 -34.18
N GLN E 29 -4.89 -26.13 -35.16
CA GLN E 29 -3.85 -25.33 -35.77
C GLN E 29 -4.37 -24.28 -36.75
N ALA E 30 -5.60 -24.44 -37.26
CA ALA E 30 -6.11 -23.50 -38.26
C ALA E 30 -6.08 -22.07 -37.73
N ASP E 31 -6.62 -21.86 -36.53
CA ASP E 31 -6.44 -20.61 -35.81
C ASP E 31 -5.37 -20.75 -34.73
N ASN E 32 -4.61 -21.84 -34.76
CA ASN E 32 -3.50 -22.13 -33.86
C ASN E 32 -3.83 -21.80 -32.40
N MET E 33 -4.83 -22.50 -31.89
CA MET E 33 -5.25 -22.42 -30.51
C MET E 33 -4.94 -23.75 -29.80
N THR E 34 -4.63 -23.66 -28.50
CA THR E 34 -4.26 -24.83 -27.71
C THR E 34 -5.14 -24.91 -26.46
N MET E 35 -6.11 -25.81 -26.46
CA MET E 35 -6.99 -26.02 -25.32
C MET E 35 -6.35 -26.95 -24.29
N SER E 36 -6.58 -26.64 -23.01
CA SER E 36 -6.15 -27.49 -21.90
C SER E 36 -7.26 -27.55 -20.87
N LEU E 37 -7.37 -28.69 -20.20
CA LEU E 37 -8.36 -28.87 -19.16
C LEU E 37 -7.78 -29.77 -18.08
N LYS E 38 -8.22 -29.53 -16.84
CA LYS E 38 -7.76 -30.28 -15.67
C LYS E 38 -8.96 -30.43 -14.74
N VAL E 39 -9.55 -31.62 -14.70
CA VAL E 39 -10.70 -31.87 -13.83
C VAL E 39 -10.21 -32.62 -12.61
N THR E 40 -10.84 -32.36 -11.47
CA THR E 40 -10.57 -33.07 -10.23
C THR E 40 -11.90 -33.49 -9.60
N PHE E 41 -12.04 -34.80 -9.36
CA PHE E 41 -13.26 -35.35 -8.79
C PHE E 41 -13.15 -35.42 -7.27
N ILE E 42 -14.20 -34.94 -6.60
CA ILE E 42 -14.33 -35.08 -5.15
C ILE E 42 -15.68 -35.74 -4.89
N ASP E 43 -15.65 -36.86 -4.18
CA ASP E 43 -16.85 -37.64 -3.86
C ASP E 43 -16.98 -37.67 -2.34
N ASP E 44 -17.68 -36.68 -1.79
CA ASP E 44 -17.83 -36.58 -0.34
C ASP E 44 -18.97 -37.48 0.14
N PRO E 45 -18.69 -38.50 0.95
CA PRO E 45 -19.79 -39.32 1.48
C PRO E 45 -20.72 -38.56 2.41
N SER E 46 -20.21 -37.56 3.12
CA SER E 46 -21.08 -36.73 3.97
C SER E 46 -22.06 -35.94 3.14
N ALA E 47 -21.66 -35.53 1.94
CA ALA E 47 -22.52 -34.78 1.05
C ALA E 47 -23.59 -35.68 0.46
N ASP E 48 -24.52 -35.06 -0.28
CA ASP E 48 -25.50 -35.81 -1.04
C ASP E 48 -25.04 -36.13 -2.44
N LYS E 49 -24.23 -35.26 -3.06
CA LYS E 49 -23.87 -35.40 -4.46
C LYS E 49 -22.35 -35.39 -4.60
N GLN E 50 -21.87 -35.62 -5.82
CA GLN E 50 -20.44 -35.72 -6.13
C GLN E 50 -19.96 -34.47 -6.86
N ILE E 51 -18.81 -33.93 -6.42
CA ILE E 51 -18.29 -32.66 -6.91
C ILE E 51 -17.17 -32.91 -7.91
N ALA E 52 -17.08 -32.05 -8.93
CA ALA E 52 -16.01 -32.11 -9.92
C ALA E 52 -15.67 -30.70 -10.34
N VAL E 53 -14.40 -30.32 -10.22
CA VAL E 53 -13.94 -28.97 -10.54
C VAL E 53 -13.20 -29.01 -11.87
N ILE E 54 -13.60 -28.13 -12.79
CA ILE E 54 -13.01 -28.03 -14.11
C ILE E 54 -12.20 -26.73 -14.17
N ASN E 55 -10.92 -26.89 -14.51
CA ASN E 55 -10.02 -25.71 -14.61
C ASN E 55 -9.53 -25.62 -16.05
N THR E 56 -9.71 -24.47 -16.71
CA THR E 56 -9.32 -24.33 -18.13
C THR E 56 -8.06 -23.48 -18.22
N THR E 57 -6.95 -24.04 -18.71
CA THR E 57 -5.71 -23.28 -18.89
C THR E 57 -5.22 -23.46 -20.31
N GLY E 58 -3.91 -23.41 -20.53
CA GLY E 58 -3.37 -23.44 -21.89
C GLY E 58 -3.22 -22.04 -22.44
N SER E 59 -3.28 -21.89 -23.75
CA SER E 59 -3.03 -20.55 -24.36
C SER E 59 -3.80 -20.39 -25.67
N PHE E 60 -4.13 -19.15 -26.03
CA PHE E 60 -4.82 -18.88 -27.31
C PHE E 60 -4.01 -17.84 -28.05
N MET E 61 -3.65 -18.14 -29.30
CA MET E 61 -2.83 -17.22 -30.06
C MET E 61 -3.71 -16.18 -30.76
N LYS E 62 -3.17 -14.98 -30.91
CA LYS E 62 -3.85 -13.95 -31.69
C LYS E 62 -3.70 -14.18 -33.19
N ALA E 63 -2.47 -14.45 -33.64
CA ALA E 63 -2.17 -14.70 -35.05
C ALA E 63 -2.63 -13.54 -35.94
N ASN E 64 -2.11 -12.36 -35.62
CA ASN E 64 -2.51 -11.07 -36.20
C ASN E 64 -1.77 -10.80 -37.51
N PRO E 65 -2.42 -10.97 -38.68
CA PRO E 65 -1.73 -10.70 -39.95
C PRO E 65 -2.00 -9.31 -40.52
N THR E 66 -1.21 -8.89 -41.51
CA THR E 66 -1.47 -7.72 -42.33
C THR E 66 -1.80 -8.19 -43.75
N LEU E 67 -3.09 -8.38 -44.01
CA LEU E 67 -3.53 -9.06 -45.22
C LEU E 67 -3.77 -8.15 -46.44
N SER E 68 -3.71 -6.82 -46.28
CA SER E 68 -3.92 -5.92 -47.42
C SER E 68 -2.72 -5.00 -47.68
N ASP E 69 -1.84 -5.40 -48.59
CA ASP E 69 -0.67 -4.57 -48.93
C ASP E 69 -0.96 -3.65 -50.12
N ALA E 70 -2.05 -2.89 -50.06
CA ALA E 70 -2.35 -1.94 -51.14
C ALA E 70 -1.22 -0.96 -51.42
N PRO E 71 -0.67 -0.21 -50.43
CA PRO E 71 0.30 0.86 -50.76
C PRO E 71 1.45 0.34 -51.62
N VAL E 72 1.70 -0.97 -51.56
CA VAL E 72 2.81 -1.57 -52.30
C VAL E 72 2.60 -1.97 -53.76
N ASP E 73 1.36 -2.09 -54.24
CA ASP E 73 1.12 -2.57 -55.59
C ASP E 73 0.73 -1.45 -56.56
N GLY E 74 -0.27 -0.63 -56.21
CA GLY E 74 -0.79 0.33 -57.16
C GLY E 74 -1.21 1.69 -56.62
N TYR E 75 -0.84 1.99 -55.37
CA TYR E 75 -1.10 3.26 -54.67
C TYR E 75 -2.49 3.86 -54.87
N PRO E 76 -3.57 3.09 -54.73
CA PRO E 76 -4.90 3.63 -55.03
C PRO E 76 -5.29 4.74 -54.06
N ILE E 77 -5.66 5.92 -54.60
CA ILE E 77 -5.92 7.10 -53.73
C ILE E 77 -4.66 7.27 -52.85
N PRO E 78 -3.56 7.86 -53.35
CA PRO E 78 -2.29 7.95 -52.62
C PRO E 78 -2.11 7.38 -51.22
N GLY E 79 -1.27 6.35 -51.06
CA GLY E 79 -1.18 5.75 -49.75
C GLY E 79 -2.40 5.04 -49.21
N ALA E 80 -2.68 3.84 -49.71
CA ALA E 80 -3.95 3.18 -49.55
C ALA E 80 -3.99 2.19 -48.38
N SER E 81 -5.09 1.46 -48.32
CA SER E 81 -5.40 0.44 -47.32
C SER E 81 -4.30 -0.54 -46.92
N VAL E 82 -3.86 -0.44 -45.67
CA VAL E 82 -3.16 -1.52 -44.99
C VAL E 82 -4.07 -1.94 -43.85
N THR E 83 -4.42 -3.22 -43.80
CA THR E 83 -5.35 -3.69 -42.80
C THR E 83 -4.62 -4.50 -41.75
N LEU E 84 -5.19 -4.51 -40.55
CA LEU E 84 -4.68 -5.31 -39.45
C LEU E 84 -5.87 -5.87 -38.69
N ARG E 85 -5.90 -7.19 -38.51
CA ARG E 85 -7.02 -7.85 -37.83
C ARG E 85 -6.75 -7.85 -36.34
N TYR E 86 -7.18 -6.79 -35.67
CA TYR E 86 -7.01 -6.74 -34.22
C TYR E 86 -8.17 -7.47 -33.56
N PRO E 87 -7.93 -8.60 -32.88
CA PRO E 87 -9.04 -9.28 -32.21
C PRO E 87 -9.47 -8.49 -30.98
N SER E 88 -10.77 -8.55 -30.70
CA SER E 88 -11.32 -7.81 -29.57
C SER E 88 -11.94 -8.71 -28.51
N GLN E 89 -12.91 -9.54 -28.87
CA GLN E 89 -13.60 -10.34 -27.87
C GLN E 89 -13.15 -11.79 -27.94
N TYR E 90 -13.11 -12.42 -26.76
CA TYR E 90 -12.69 -13.81 -26.59
C TYR E 90 -13.70 -14.52 -25.72
N ASP E 91 -14.79 -14.97 -26.34
CA ASP E 91 -15.84 -15.69 -25.63
C ASP E 91 -15.43 -17.14 -25.46
N ILE E 92 -15.57 -17.65 -24.24
CA ILE E 92 -15.37 -19.06 -23.95
C ILE E 92 -16.66 -19.55 -23.30
N ALA E 93 -17.26 -20.57 -23.87
CA ALA E 93 -18.57 -21.05 -23.45
C ALA E 93 -18.50 -22.53 -23.10
N MET E 94 -19.31 -22.92 -22.13
CA MET E 94 -19.45 -24.32 -21.75
C MET E 94 -20.95 -24.63 -21.69
N ASN E 95 -21.45 -25.26 -22.75
CA ASN E 95 -22.87 -25.51 -22.95
C ASN E 95 -23.13 -26.99 -22.72
N LEU E 96 -23.54 -27.35 -21.51
CA LEU E 96 -23.99 -28.71 -21.25
C LEU E 96 -25.27 -28.98 -22.03
N GLN E 97 -25.39 -30.20 -22.54
CA GLN E 97 -26.60 -30.56 -23.26
C GLN E 97 -27.79 -30.43 -22.34
N ASP E 98 -28.91 -29.94 -22.86
CA ASP E 98 -30.01 -29.55 -21.99
C ASP E 98 -30.84 -30.75 -21.56
N ASN E 99 -30.18 -31.82 -21.11
CA ASN E 99 -30.91 -32.92 -20.49
C ASN E 99 -30.23 -33.58 -19.30
N THR E 100 -28.95 -33.33 -19.04
CA THR E 100 -28.24 -34.19 -18.09
C THR E 100 -28.09 -33.73 -16.64
N SER E 101 -27.32 -32.67 -16.40
CA SER E 101 -27.02 -32.24 -15.03
C SER E 101 -27.09 -30.72 -14.96
N ARG E 102 -26.51 -30.16 -13.90
CA ARG E 102 -26.50 -28.72 -13.66
C ARG E 102 -25.07 -28.23 -13.50
N PHE E 103 -24.77 -27.08 -14.11
CA PHE E 103 -23.57 -26.32 -13.79
C PHE E 103 -23.69 -25.65 -12.42
N PHE E 104 -22.53 -25.33 -11.86
CA PHE E 104 -22.42 -24.81 -10.50
C PHE E 104 -21.20 -23.88 -10.53
N HIS E 105 -20.68 -23.48 -9.38
CA HIS E 105 -19.92 -22.25 -9.21
C HIS E 105 -18.75 -22.04 -10.17
N VAL E 106 -18.62 -20.80 -10.65
CA VAL E 106 -17.85 -20.41 -11.82
C VAL E 106 -16.91 -19.27 -11.43
N ALA E 107 -15.67 -19.35 -11.92
CA ALA E 107 -14.68 -18.30 -11.71
C ALA E 107 -14.02 -17.94 -13.03
N PRO E 108 -13.70 -16.65 -13.25
CA PRO E 108 -13.98 -15.50 -12.38
C PRO E 108 -15.39 -14.94 -12.58
N THR E 109 -15.64 -13.74 -12.04
CA THR E 109 -16.89 -13.01 -12.25
C THR E 109 -16.53 -11.55 -12.50
N ASN E 110 -17.53 -10.68 -12.45
CA ASN E 110 -17.28 -9.24 -12.40
C ASN E 110 -17.14 -8.80 -10.95
N ALA E 111 -16.53 -7.63 -10.76
CA ALA E 111 -16.19 -7.18 -9.43
C ALA E 111 -16.48 -5.69 -9.27
N VAL E 112 -16.60 -5.27 -8.01
CA VAL E 112 -16.76 -3.87 -7.68
C VAL E 112 -15.57 -3.07 -8.19
N GLU E 113 -15.84 -1.89 -8.76
CA GLU E 113 -14.80 -0.98 -9.19
C GLU E 113 -14.85 0.28 -8.36
N GLU E 114 -13.68 0.70 -7.87
CA GLU E 114 -13.56 1.80 -6.92
C GLU E 114 -12.93 3.02 -7.57
N THR E 115 -13.53 4.19 -7.34
CA THR E 115 -13.06 5.46 -7.90
C THR E 115 -12.77 6.42 -6.75
N THR E 116 -12.03 7.48 -7.07
CA THR E 116 -11.65 8.48 -6.06
C THR E 116 -11.91 9.87 -6.62
N VAL E 117 -13.06 10.45 -6.29
CA VAL E 117 -13.39 11.81 -6.70
C VAL E 117 -12.84 12.79 -5.66
N THR E 118 -12.22 13.86 -6.14
CA THR E 118 -11.54 14.84 -5.30
C THR E 118 -12.23 16.19 -5.44
N SER E 119 -12.30 16.92 -4.33
CA SER E 119 -12.87 18.27 -4.32
C SER E 119 -11.94 19.20 -3.55
N SER E 120 -11.14 19.97 -4.29
CA SER E 120 -10.17 20.91 -3.72
C SER E 120 -10.66 22.34 -3.92
N VAL E 121 -10.52 23.15 -2.88
CA VAL E 121 -10.88 24.57 -2.92
C VAL E 121 -9.74 25.37 -2.29
N SER E 122 -9.29 26.40 -2.99
CA SER E 122 -8.23 27.27 -2.47
C SER E 122 -8.56 28.73 -2.75
N TYR E 123 -8.30 29.59 -1.78
CA TYR E 123 -8.51 31.03 -1.91
C TYR E 123 -7.31 31.78 -1.36
N GLN E 124 -6.98 32.91 -1.99
CA GLN E 124 -5.79 33.66 -1.65
C GLN E 124 -6.08 35.16 -1.64
N LEU E 125 -5.06 35.93 -1.22
CA LEU E 125 -5.11 37.39 -1.20
C LEU E 125 -3.82 37.92 -1.81
N GLY E 126 -3.85 39.18 -2.24
CA GLY E 126 -2.70 39.78 -2.89
C GLY E 126 -2.46 41.20 -2.43
N GLY E 127 -1.25 41.68 -2.68
CA GLY E 127 -0.86 43.03 -2.35
C GLY E 127 0.50 43.40 -2.91
N SER E 128 0.63 44.61 -3.45
CA SER E 128 1.88 44.99 -4.11
C SER E 128 2.03 46.50 -4.12
N ILE E 129 3.27 46.95 -4.30
CA ILE E 129 3.62 48.36 -4.39
C ILE E 129 4.69 48.53 -5.47
N ASP E 130 4.62 49.64 -6.19
CA ASP E 130 5.52 49.94 -7.31
C ASP E 130 6.21 51.28 -7.10
N ALA E 131 7.38 51.42 -7.71
CA ALA E 131 8.18 52.63 -7.65
C ALA E 131 8.61 53.04 -9.06
N SER E 132 8.93 54.32 -9.23
CA SER E 132 9.30 54.85 -10.53
C SER E 132 10.36 55.93 -10.36
N VAL E 133 10.79 56.52 -11.49
CA VAL E 133 11.82 57.59 -11.45
C VAL E 133 11.13 58.92 -11.80
N THR E 134 11.77 59.81 -12.56
CA THR E 134 11.16 61.14 -12.82
C THR E 134 10.59 61.63 -11.51
N PRO E 135 11.40 62.09 -10.54
CA PRO E 135 10.95 62.46 -9.21
C PRO E 135 9.51 62.23 -8.77
N SER E 136 9.25 61.16 -7.99
CA SER E 136 7.90 60.84 -7.43
C SER E 136 7.04 60.01 -8.38
N GLY E 137 6.56 58.84 -7.94
CA GLY E 137 5.64 58.04 -8.77
C GLY E 137 5.39 56.62 -8.29
N PRO E 138 4.77 56.35 -7.11
CA PRO E 138 4.43 54.96 -6.74
C PRO E 138 3.15 54.43 -7.36
N SER E 139 3.00 53.11 -7.40
CA SER E 139 1.75 52.43 -7.75
C SER E 139 1.33 51.52 -6.59
N GLY E 140 0.17 50.90 -6.72
CA GLY E 140 -0.29 49.92 -5.74
C GLY E 140 -1.24 48.90 -6.33
N GLU E 141 -1.35 47.76 -5.65
CA GLU E 141 -2.21 46.65 -6.05
C GLU E 141 -2.61 45.84 -4.83
N SER E 142 -3.83 45.29 -4.86
CA SER E 142 -4.34 44.46 -3.75
C SER E 142 -5.29 43.41 -4.33
N GLY E 143 -4.75 42.20 -4.60
CA GLY E 143 -5.52 41.14 -5.22
C GLY E 143 -6.21 40.22 -4.21
N ALA E 144 -7.16 39.43 -4.72
CA ALA E 144 -7.86 38.43 -3.93
C ALA E 144 -8.52 37.43 -4.87
N THR E 145 -8.21 36.15 -4.72
CA THR E 145 -8.71 35.13 -5.63
C THR E 145 -9.18 33.91 -4.84
N GLY E 146 -9.93 33.04 -5.52
CA GLY E 146 -10.36 31.78 -4.94
C GLY E 146 -10.62 30.71 -5.98
N GLN E 147 -9.98 29.55 -5.84
CA GLN E 147 -10.09 28.48 -6.82
C GLN E 147 -10.76 27.25 -6.22
N VAL E 148 -11.37 26.46 -7.09
CA VAL E 148 -11.97 25.17 -6.72
C VAL E 148 -11.54 24.13 -7.73
N ASP E 149 -10.86 23.09 -7.28
CA ASP E 149 -10.33 22.04 -8.13
C ASP E 149 -11.00 20.71 -7.80
N TRP E 150 -11.36 19.96 -8.84
CA TRP E 150 -11.94 18.63 -8.70
C TRP E 150 -11.10 17.63 -9.49
N SER E 151 -10.60 16.61 -8.81
CA SER E 151 -9.79 15.58 -9.44
C SER E 151 -10.46 14.21 -9.28
N ASP E 152 -10.09 13.29 -10.17
CA ASP E 152 -10.57 11.92 -10.12
C ASP E 152 -9.41 10.97 -10.42
N SER E 153 -9.67 9.68 -10.24
CA SER E 153 -8.68 8.66 -10.59
C SER E 153 -9.34 7.28 -10.66
N LYS E 162 -11.38 -5.98 -19.73
CA LYS E 162 -12.57 -6.23 -18.94
C LYS E 162 -13.11 -7.63 -19.18
N THR E 163 -13.36 -8.36 -18.10
CA THR E 163 -13.77 -9.76 -18.14
C THR E 163 -15.24 -9.78 -17.73
N ASN E 164 -16.12 -9.62 -18.71
CA ASN E 164 -17.55 -9.56 -18.45
C ASN E 164 -18.16 -10.95 -18.50
N LEU E 165 -19.28 -11.12 -17.80
CA LEU E 165 -19.97 -12.40 -17.72
C LEU E 165 -21.31 -12.29 -18.42
N ILE E 166 -21.33 -12.59 -19.72
CA ILE E 166 -22.58 -12.64 -20.48
C ILE E 166 -23.33 -13.87 -19.98
N ASP E 167 -24.62 -13.97 -20.30
CA ASP E 167 -25.57 -14.87 -19.69
C ASP E 167 -25.01 -16.26 -19.40
N GLN E 168 -25.06 -16.65 -18.12
CA GLN E 168 -24.73 -17.99 -17.66
C GLN E 168 -25.99 -18.75 -17.26
N THR E 169 -25.88 -20.07 -17.16
CA THR E 169 -26.94 -20.88 -16.60
C THR E 169 -26.29 -22.05 -15.87
N ASN E 170 -27.13 -22.94 -15.34
CA ASN E 170 -26.67 -24.26 -14.91
C ASN E 170 -26.40 -25.18 -16.09
N LYS E 171 -26.62 -24.68 -17.31
CA LYS E 171 -26.37 -25.44 -18.53
C LYS E 171 -25.31 -24.79 -19.41
N HIS E 172 -25.45 -23.51 -19.73
CA HIS E 172 -24.51 -22.81 -20.61
C HIS E 172 -23.93 -21.63 -19.84
N VAL E 173 -22.60 -21.64 -19.67
CA VAL E 173 -21.91 -20.51 -19.00
C VAL E 173 -21.02 -19.84 -20.05
N LYS E 174 -21.03 -18.51 -20.12
CA LYS E 174 -20.26 -17.81 -21.18
C LYS E 174 -19.59 -16.55 -20.61
N TRP E 175 -18.52 -16.09 -21.26
CA TRP E 175 -17.81 -14.86 -20.81
C TRP E 175 -17.49 -13.98 -22.01
N ASN E 176 -17.37 -12.66 -21.81
CA ASN E 176 -17.07 -11.70 -22.86
C ASN E 176 -15.85 -10.88 -22.43
N VAL E 177 -14.69 -11.21 -23.01
CA VAL E 177 -13.43 -10.49 -22.77
C VAL E 177 -13.38 -9.24 -23.63
N PHE E 178 -13.80 -8.11 -23.07
CA PHE E 178 -13.90 -6.85 -23.78
C PHE E 178 -12.53 -6.15 -23.79
N PHE E 179 -12.46 -4.98 -24.44
CA PHE E 179 -11.24 -4.18 -24.50
C PHE E 179 -11.54 -2.77 -24.02
N ASN E 180 -10.57 -2.14 -23.34
CA ASN E 180 -10.85 -0.91 -22.63
C ASN E 180 -10.21 0.33 -23.25
N GLY E 181 -8.90 0.38 -23.38
CA GLY E 181 -8.29 1.62 -23.88
C GLY E 181 -6.82 1.47 -24.13
N TYR E 182 -6.25 2.53 -24.71
CA TYR E 182 -4.83 2.56 -25.04
C TYR E 182 -4.32 3.98 -24.94
N ASN E 183 -3.03 4.11 -24.66
CA ASN E 183 -2.37 5.41 -24.63
C ASN E 183 -1.61 5.68 -25.93
N ASN E 186 1.94 7.77 -26.25
CA ASN E 186 1.96 8.40 -24.94
C ASN E 186 0.82 9.42 -24.76
N TRP E 187 0.05 9.64 -25.83
CA TRP E 187 -1.07 10.55 -25.76
C TRP E 187 -2.26 9.88 -25.06
N GLY E 188 -3.34 10.64 -24.91
CA GLY E 188 -4.50 10.23 -24.09
C GLY E 188 -5.26 9.04 -24.51
N ILE E 189 -6.10 8.54 -23.61
CA ILE E 189 -6.88 7.29 -23.88
C ILE E 189 -7.67 7.35 -25.15
N TYR E 190 -7.67 6.25 -25.89
CA TYR E 190 -8.51 6.06 -27.05
C TYR E 190 -9.13 4.67 -26.98
N THR E 191 -10.38 4.56 -27.41
CA THR E 191 -11.17 3.37 -27.22
C THR E 191 -11.63 2.80 -28.57
N ARG E 192 -12.41 1.72 -28.49
CA ARG E 192 -12.91 1.04 -29.68
C ARG E 192 -13.90 1.90 -30.47
N ASP E 193 -14.29 3.07 -29.93
CA ASP E 193 -15.23 3.95 -30.60
C ASP E 193 -14.72 5.37 -30.78
N SER E 194 -13.50 5.67 -30.31
CA SER E 194 -13.01 7.05 -30.28
C SER E 194 -13.03 7.67 -31.67
N TYR E 195 -13.82 8.72 -31.83
CA TYR E 195 -14.07 9.35 -33.12
C TYR E 195 -13.28 10.66 -33.24
N HIS E 196 -12.61 10.83 -34.37
CA HIS E 196 -12.02 12.10 -34.76
C HIS E 196 -12.75 12.64 -35.98
N ALA E 197 -12.97 13.95 -36.01
CA ALA E 197 -13.71 14.56 -37.11
C ALA E 197 -12.96 14.46 -38.42
N LEU E 198 -11.62 14.46 -38.38
CA LEU E 198 -10.80 14.39 -39.59
C LEU E 198 -9.82 13.23 -39.58
N TYR E 199 -9.93 12.32 -38.62
CA TYR E 199 -9.09 11.12 -38.62
C TYR E 199 -9.82 9.81 -38.36
N GLY E 200 -11.08 9.82 -37.92
CA GLY E 200 -11.68 8.56 -37.53
C GLY E 200 -11.04 8.01 -36.26
N ASN E 201 -11.01 6.68 -36.16
CA ASN E 201 -10.36 6.03 -35.03
C ASN E 201 -8.85 5.94 -35.28
N GLN E 202 -8.08 6.48 -34.35
CA GLN E 202 -6.61 6.47 -34.40
C GLN E 202 -6.03 5.54 -33.36
N LEU E 203 -6.76 4.47 -33.02
CA LEU E 203 -6.44 3.66 -31.85
C LEU E 203 -5.01 3.15 -31.87
N PHE E 204 -4.51 2.73 -33.03
CA PHE E 204 -3.11 2.31 -33.13
C PHE E 204 -2.33 3.14 -34.15
N MET E 205 -2.49 4.46 -34.13
CA MET E 205 -1.74 5.31 -35.05
C MET E 205 -0.33 5.55 -34.53
N TYR E 206 0.64 5.48 -35.45
CA TYR E 206 2.03 5.80 -35.15
C TYR E 206 2.45 7.21 -35.56
N SER E 207 2.35 7.52 -36.85
CA SER E 207 2.90 8.76 -37.39
C SER E 207 1.82 9.63 -38.01
N ARG E 208 1.76 10.88 -37.56
CA ARG E 208 0.80 11.85 -38.07
C ARG E 208 1.42 12.61 -39.23
N THR E 209 0.58 12.97 -40.21
CA THR E 209 1.00 13.79 -41.36
C THR E 209 2.06 13.10 -42.20
N TYR E 210 2.01 11.77 -42.34
CA TYR E 210 2.94 11.03 -43.25
C TYR E 210 4.39 11.09 -42.81
N PRO E 211 5.14 9.98 -42.89
CA PRO E 211 6.57 10.02 -42.59
C PRO E 211 7.36 10.30 -43.85
N HIS E 212 7.17 9.48 -44.90
CA HIS E 212 7.95 9.60 -46.13
C HIS E 212 7.09 9.29 -47.36
N GLU E 213 5.78 9.53 -47.29
CA GLU E 213 4.83 9.01 -48.27
C GLU E 213 4.97 7.50 -48.40
N THR E 214 5.31 6.85 -47.29
CA THR E 214 5.64 5.43 -47.28
C THR E 214 4.38 4.59 -47.30
N ASP E 215 4.56 3.32 -47.66
CA ASP E 215 3.48 2.35 -47.54
C ASP E 215 3.04 2.24 -46.08
N ALA E 216 1.74 2.08 -45.88
CA ALA E 216 1.21 1.97 -44.53
C ALA E 216 1.57 0.63 -43.89
N ARG E 217 2.26 -0.23 -44.63
CA ARG E 217 2.79 -1.47 -44.05
C ARG E 217 3.82 -1.18 -42.98
N GLY E 218 4.48 -0.02 -43.06
CA GLY E 218 5.48 0.34 -42.07
C GLY E 218 5.21 1.66 -41.38
N ASN E 219 3.94 2.08 -41.37
CA ASN E 219 3.53 3.27 -40.62
C ASN E 219 2.65 2.92 -39.42
N LEU E 220 2.61 1.65 -39.01
CA LEU E 220 1.86 1.22 -37.84
C LEU E 220 2.76 1.19 -36.62
N VAL E 221 2.22 1.56 -35.47
CA VAL E 221 2.95 1.37 -34.22
C VAL E 221 3.10 -0.12 -33.95
N PRO E 222 4.32 -0.62 -33.68
CA PRO E 222 4.59 -2.05 -33.56
C PRO E 222 3.74 -2.76 -32.50
N ASP E 225 5.71 -1.96 -28.63
CA ASP E 225 5.24 -0.76 -27.93
C ASP E 225 3.78 -0.90 -27.51
N LEU E 226 3.21 -2.08 -27.77
CA LEU E 226 1.81 -2.33 -27.45
C LEU E 226 1.71 -3.53 -26.52
N PRO E 227 0.52 -3.86 -25.96
CA PRO E 227 0.44 -4.90 -24.92
C PRO E 227 1.03 -6.25 -25.27
N THR E 228 1.35 -7.01 -24.22
CA THR E 228 1.90 -8.36 -24.38
C THR E 228 0.90 -9.31 -25.04
N LEU E 229 -0.37 -9.25 -24.61
CA LEU E 229 -1.41 -10.21 -25.09
C LEU E 229 -1.46 -10.24 -26.62
N THR E 230 -1.96 -9.18 -27.26
CA THR E 230 -1.95 -9.11 -28.72
C THR E 230 -0.64 -9.69 -29.22
N ASN E 231 -0.67 -10.59 -30.21
CA ASN E 231 0.54 -11.28 -30.78
C ASN E 231 0.90 -12.50 -29.92
N SER E 232 1.18 -12.30 -28.64
CA SER E 232 1.60 -13.44 -27.80
C SER E 232 0.36 -14.23 -27.35
N GLY E 233 -0.45 -13.66 -26.46
CA GLY E 233 -1.71 -14.33 -26.07
C GLY E 233 -1.91 -14.36 -24.57
N PHE E 234 -3.17 -14.31 -24.11
CA PHE E 234 -3.42 -14.45 -22.69
C PHE E 234 -3.70 -15.92 -22.37
N SER E 235 -3.31 -16.34 -21.16
CA SER E 235 -3.54 -17.71 -20.73
C SER E 235 -4.72 -17.74 -19.76
N PRO E 236 -5.83 -18.38 -20.12
CA PRO E 236 -7.00 -18.42 -19.23
C PRO E 236 -6.74 -19.25 -17.98
N GLY E 237 -7.46 -18.89 -16.91
CA GLY E 237 -7.47 -19.64 -15.67
C GLY E 237 -8.87 -19.83 -15.16
N MET E 238 -9.83 -19.89 -16.10
CA MET E 238 -11.24 -19.93 -15.76
C MET E 238 -11.62 -21.25 -15.11
N ILE E 239 -12.36 -21.19 -14.02
CA ILE E 239 -12.76 -22.35 -13.23
C ILE E 239 -14.28 -22.49 -13.25
N ALA E 240 -14.75 -23.73 -13.38
CA ALA E 240 -16.16 -24.05 -13.22
C ALA E 240 -16.28 -25.31 -12.37
N VAL E 241 -17.47 -25.52 -11.80
CA VAL E 241 -17.73 -26.66 -10.93
C VAL E 241 -19.05 -27.31 -11.32
N VAL E 242 -19.06 -28.65 -11.30
CA VAL E 242 -20.26 -29.44 -11.58
C VAL E 242 -20.46 -30.43 -10.43
N ILE E 243 -21.72 -30.54 -10.00
CA ILE E 243 -22.08 -31.52 -8.94
C ILE E 243 -23.16 -32.44 -9.55
N SER E 244 -23.03 -33.76 -9.38
CA SER E 244 -23.99 -34.70 -9.92
C SER E 244 -24.36 -35.74 -8.88
N GLU E 245 -25.54 -36.32 -9.02
CA GLU E 245 -26.02 -37.29 -8.06
C GLU E 245 -25.13 -38.53 -8.09
N LYS E 246 -25.08 -39.22 -6.94
CA LYS E 246 -24.28 -40.44 -6.84
C LYS E 246 -24.86 -41.59 -7.66
N ASP E 247 -26.16 -41.59 -7.92
CA ASP E 247 -26.79 -42.66 -8.68
C ASP E 247 -26.50 -42.58 -10.19
N THR E 248 -26.51 -41.38 -10.75
CA THR E 248 -26.39 -41.15 -12.18
C THR E 248 -24.95 -41.36 -12.67
N GLU E 249 -24.79 -41.51 -13.99
CA GLU E 249 -23.53 -42.00 -14.56
C GLU E 249 -22.85 -41.08 -15.56
N GLN E 250 -23.56 -40.49 -16.53
CA GLN E 250 -22.85 -39.78 -17.59
C GLN E 250 -23.50 -38.45 -17.96
N SER E 251 -22.68 -37.59 -18.58
CA SER E 251 -23.10 -36.29 -19.11
C SER E 251 -22.21 -35.91 -20.28
N SER E 252 -22.65 -34.90 -21.04
CA SER E 252 -21.99 -34.48 -22.28
C SER E 252 -21.92 -32.95 -22.34
N ILE E 253 -20.85 -32.38 -21.74
CA ILE E 253 -20.65 -30.93 -21.78
C ILE E 253 -20.04 -30.53 -23.12
N GLN E 254 -20.32 -29.30 -23.53
CA GLN E 254 -19.62 -28.65 -24.63
C GLN E 254 -18.69 -27.59 -24.07
N VAL E 255 -17.59 -27.33 -24.76
CA VAL E 255 -16.64 -26.27 -24.43
C VAL E 255 -16.33 -25.52 -25.72
N ALA E 256 -16.97 -24.37 -25.91
CA ALA E 256 -16.73 -23.57 -27.10
C ALA E 256 -15.62 -22.57 -26.85
N TYR E 257 -14.80 -22.35 -27.88
CA TYR E 257 -13.77 -21.32 -27.87
C TYR E 257 -13.90 -20.50 -29.13
N THR E 258 -13.96 -19.19 -28.97
CA THR E 258 -14.23 -18.28 -30.07
C THR E 258 -13.20 -17.16 -30.06
N LYS E 259 -13.07 -16.48 -31.20
CA LYS E 259 -12.18 -15.32 -31.31
C LYS E 259 -12.84 -14.36 -32.30
N HIS E 260 -13.60 -13.42 -31.76
CA HIS E 260 -14.09 -12.32 -32.58
C HIS E 260 -12.95 -11.35 -32.83
N ALA E 261 -12.92 -10.78 -34.03
CA ALA E 261 -11.81 -9.93 -34.43
C ALA E 261 -12.32 -8.68 -35.13
N ASP E 262 -11.56 -7.60 -35.01
CA ASP E 262 -11.82 -6.36 -35.70
C ASP E 262 -10.68 -6.11 -36.67
N ASP E 263 -10.96 -5.38 -37.76
CA ASP E 263 -9.97 -5.20 -38.81
C ASP E 263 -9.73 -3.70 -38.99
N TYR E 264 -8.89 -3.15 -38.13
CA TYR E 264 -8.49 -1.76 -38.27
C TYR E 264 -7.58 -1.61 -39.48
N THR E 265 -7.90 -0.63 -40.34
CA THR E 265 -7.07 -0.39 -41.54
C THR E 265 -6.53 1.02 -41.48
N LEU E 266 -5.48 1.33 -42.24
CA LEU E 266 -4.96 2.72 -42.33
C LEU E 266 -5.01 3.11 -43.81
N ARG E 267 -6.01 3.89 -44.20
CA ARG E 267 -6.17 4.15 -45.66
C ARG E 267 -6.49 5.62 -45.90
N PRO E 268 -6.46 6.09 -47.16
CA PRO E 268 -6.70 7.50 -47.45
C PRO E 268 -8.16 7.85 -47.47
N GLY E 269 -8.98 7.18 -46.65
CA GLY E 269 -10.40 7.61 -46.56
C GLY E 269 -10.40 9.12 -46.59
N PHE E 270 -9.50 9.74 -45.83
CA PHE E 270 -9.33 11.21 -45.90
C PHE E 270 -7.82 11.48 -46.04
N THR E 271 -7.43 12.50 -46.79
CA THR E 271 -6.00 12.86 -46.92
C THR E 271 -5.91 14.36 -47.14
N PHE E 272 -5.06 15.06 -46.38
CA PHE E 272 -4.96 16.55 -46.47
C PHE E 272 -3.50 17.02 -46.39
N GLY E 273 -3.13 18.04 -47.17
CA GLY E 273 -1.76 18.60 -47.11
C GLY E 273 -0.70 17.53 -46.93
N THR E 274 0.00 17.55 -45.80
CA THR E 274 0.98 16.48 -45.52
C THR E 274 0.20 15.21 -45.23
N GLY E 275 0.03 14.34 -46.25
CA GLY E 275 -0.75 13.09 -46.10
C GLY E 275 -1.19 12.79 -44.68
N ASN E 276 -2.20 13.49 -44.18
CA ASN E 276 -2.72 13.15 -42.83
C ASN E 276 -3.48 11.83 -42.95
N TRP E 277 -2.76 10.70 -42.88
CA TRP E 277 -3.38 9.35 -42.97
C TRP E 277 -4.59 9.26 -42.02
N VAL E 278 -5.64 8.52 -42.41
CA VAL E 278 -6.84 8.40 -41.59
C VAL E 278 -7.02 6.94 -41.21
N GLY E 279 -7.43 6.69 -39.97
CA GLY E 279 -7.68 5.34 -39.50
C GLY E 279 -9.12 5.11 -39.07
N ASN E 280 -9.66 3.96 -39.45
CA ASN E 280 -11.00 3.55 -39.04
C ASN E 280 -10.97 2.08 -38.68
N ASN E 281 -11.78 1.70 -37.69
CA ASN E 281 -11.90 0.32 -37.25
C ASN E 281 -13.37 0.01 -36.97
N ILE E 282 -13.80 -1.18 -37.36
CA ILE E 282 -15.21 -1.59 -37.22
C ILE E 282 -15.26 -2.90 -36.44
N LYS E 283 -16.26 -3.02 -35.57
CA LYS E 283 -16.32 -4.10 -34.59
C LYS E 283 -16.70 -5.43 -35.21
N ASP E 284 -16.15 -6.50 -34.64
CA ASP E 284 -16.61 -7.88 -34.86
C ASP E 284 -16.65 -8.24 -36.34
N VAL E 285 -15.46 -8.30 -36.92
CA VAL E 285 -15.29 -8.57 -38.35
C VAL E 285 -15.07 -10.06 -38.58
N ASP E 286 -14.04 -10.61 -37.97
CA ASP E 286 -13.68 -12.01 -38.15
C ASP E 286 -14.05 -12.80 -36.90
N GLN E 287 -14.58 -14.01 -37.11
CA GLN E 287 -14.91 -14.90 -36.01
C GLN E 287 -14.42 -16.30 -36.36
N LYS E 288 -14.01 -17.04 -35.34
CA LYS E 288 -13.62 -18.42 -35.48
C LYS E 288 -14.11 -19.17 -34.26
N THR E 289 -14.60 -20.40 -34.45
CA THR E 289 -15.17 -21.16 -33.37
C THR E 289 -14.55 -22.55 -33.34
N PHE E 290 -14.38 -23.08 -32.13
CA PHE E 290 -13.76 -24.40 -31.95
C PHE E 290 -14.38 -25.03 -30.71
N ASN E 291 -15.27 -26.00 -30.92
CA ASN E 291 -15.95 -26.67 -29.82
C ASN E 291 -15.52 -28.12 -29.74
N LYS E 292 -15.72 -28.71 -28.56
CA LYS E 292 -15.43 -30.11 -28.33
C LYS E 292 -16.21 -30.56 -27.11
N SER E 293 -16.77 -31.76 -27.19
CA SER E 293 -17.56 -32.34 -26.12
C SER E 293 -16.70 -33.32 -25.32
N PHE E 294 -17.18 -33.63 -24.11
CA PHE E 294 -16.42 -34.46 -23.19
C PHE E 294 -17.42 -35.28 -22.38
N VAL E 295 -17.10 -36.56 -22.16
CA VAL E 295 -17.99 -37.46 -21.44
C VAL E 295 -17.72 -37.37 -19.94
N LEU E 296 -18.77 -37.04 -19.18
CA LEU E 296 -18.68 -36.88 -17.73
C LEU E 296 -19.04 -38.16 -16.98
N ASP E 297 -18.47 -39.30 -17.35
CA ASP E 297 -18.62 -40.51 -16.54
C ASP E 297 -18.61 -40.15 -15.06
N TRP E 298 -19.60 -40.66 -14.33
CA TRP E 298 -19.74 -40.37 -12.91
C TRP E 298 -19.52 -41.57 -11.99
N LYS E 299 -19.56 -42.79 -12.52
CA LYS E 299 -19.33 -43.94 -11.67
C LYS E 299 -17.86 -44.33 -11.63
N ASN E 300 -17.16 -44.22 -12.76
CA ASN E 300 -15.73 -44.44 -12.79
C ASN E 300 -14.96 -43.14 -12.62
N LYS E 301 -15.68 -42.02 -12.54
CA LYS E 301 -15.16 -40.68 -12.22
C LYS E 301 -13.95 -40.30 -13.07
N LYS E 302 -14.07 -40.50 -14.38
CA LYS E 302 -13.07 -39.97 -15.29
C LYS E 302 -13.72 -39.01 -16.28
N LEU E 303 -12.96 -38.61 -17.30
CA LEU E 303 -13.45 -37.77 -18.37
C LEU E 303 -12.46 -37.77 -19.53
N VAL E 304 -12.91 -38.17 -20.72
CA VAL E 304 -12.10 -38.03 -21.92
C VAL E 304 -12.49 -36.73 -22.61
N MET F 1 -10.13 -15.55 20.92
CA MET F 1 -8.81 -15.06 20.53
C MET F 1 -8.63 -13.59 20.94
N ALA F 2 -9.75 -12.95 21.28
CA ALA F 2 -9.74 -11.54 21.67
C ALA F 2 -9.12 -11.31 23.06
N GLN F 3 -8.70 -12.37 23.75
CA GLN F 3 -8.16 -12.30 25.10
C GLN F 3 -6.87 -13.12 25.20
N THR F 4 -5.96 -12.91 24.25
CA THR F 4 -4.72 -13.68 24.07
C THR F 4 -4.99 -15.17 24.24
N THR F 5 -6.09 -15.63 23.66
CA THR F 5 -6.49 -17.02 23.62
C THR F 5 -6.24 -17.56 22.21
N SER F 6 -6.09 -18.89 22.11
CA SER F 6 -5.79 -19.51 20.83
C SER F 6 -6.85 -19.16 19.79
N GLN F 7 -6.39 -18.86 18.59
CA GLN F 7 -7.28 -18.72 17.45
C GLN F 7 -7.89 -20.09 17.14
N VAL F 8 -8.91 -20.07 16.28
CA VAL F 8 -9.62 -21.26 15.77
C VAL F 8 -9.90 -22.23 16.92
N VAL F 9 -10.22 -21.70 18.10
CA VAL F 9 -10.59 -22.52 19.25
C VAL F 9 -11.94 -22.04 19.78
N THR F 10 -12.03 -20.77 20.16
CA THR F 10 -13.34 -20.25 20.57
C THR F 10 -14.26 -20.50 19.41
N ASP F 11 -13.67 -20.56 18.20
CA ASP F 11 -14.46 -20.79 16.96
C ASP F 11 -14.88 -22.26 16.88
N ILE F 12 -16.17 -22.53 16.73
CA ILE F 12 -16.67 -23.94 16.69
C ILE F 12 -15.91 -24.71 15.59
N GLY F 13 -15.40 -25.90 15.91
CA GLY F 13 -14.75 -26.73 14.90
C GLY F 13 -13.63 -27.52 15.51
N GLN F 14 -13.89 -28.13 16.67
CA GLN F 14 -12.87 -28.96 17.37
C GLN F 14 -13.50 -30.33 17.65
N ASN F 15 -12.93 -31.40 17.09
CA ASN F 15 -13.46 -32.78 17.30
C ASN F 15 -14.98 -32.79 17.17
N ALA F 16 -15.51 -32.34 16.02
CA ALA F 16 -16.95 -32.37 15.83
C ALA F 16 -17.39 -32.01 14.42
N LYS F 17 -16.47 -31.90 13.45
CA LYS F 17 -16.72 -31.30 12.15
C LYS F 17 -17.84 -31.81 11.24
N THR F 18 -17.84 -33.12 10.98
CA THR F 18 -18.74 -33.90 10.13
C THR F 18 -19.02 -33.29 8.76
N HIS F 19 -18.69 -32.01 8.58
CA HIS F 19 -18.67 -31.29 7.30
C HIS F 19 -19.71 -31.68 6.24
N THR F 20 -20.98 -31.77 6.58
CA THR F 20 -21.98 -32.35 5.67
C THR F 20 -22.48 -31.40 4.57
N SER F 21 -21.57 -30.69 3.91
CA SER F 21 -21.82 -29.85 2.74
C SER F 21 -22.83 -30.42 1.75
N TYR F 22 -23.92 -29.69 1.51
CA TYR F 22 -24.87 -30.00 0.44
C TYR F 22 -24.95 -28.86 -0.57
N ASN F 23 -25.54 -29.17 -1.75
CA ASN F 23 -25.67 -28.20 -2.84
C ASN F 23 -26.98 -28.42 -3.60
N THR F 24 -27.65 -27.32 -3.94
CA THR F 24 -28.84 -27.30 -4.80
C THR F 24 -28.88 -25.99 -5.57
N PHE F 25 -29.04 -26.10 -6.89
CA PHE F 25 -29.00 -24.98 -7.81
C PHE F 25 -30.23 -25.05 -8.70
N ASN F 26 -30.76 -23.90 -9.09
CA ASN F 26 -31.93 -23.88 -9.95
C ASN F 26 -31.90 -22.64 -10.85
N ASN F 27 -32.63 -22.73 -11.96
CA ASN F 27 -32.70 -21.66 -12.94
C ASN F 27 -34.15 -21.28 -13.21
N GLU F 28 -34.41 -19.98 -13.26
CA GLU F 28 -35.69 -19.44 -13.73
C GLU F 28 -35.40 -18.72 -15.05
N GLN F 29 -35.70 -19.39 -16.17
CA GLN F 29 -35.25 -18.90 -17.47
C GLN F 29 -36.05 -17.72 -17.99
N ALA F 30 -37.27 -17.49 -17.47
CA ALA F 30 -38.11 -16.40 -17.97
C ALA F 30 -37.38 -15.07 -17.84
N ASP F 31 -36.83 -14.80 -16.67
CA ASP F 31 -35.91 -13.68 -16.48
C ASP F 31 -34.46 -14.15 -16.47
N ASN F 32 -34.22 -15.39 -16.88
CA ASN F 32 -32.88 -16.00 -17.00
C ASN F 32 -32.01 -15.73 -15.77
N MET F 33 -32.50 -16.21 -14.63
CA MET F 33 -31.81 -16.12 -13.35
C MET F 33 -31.36 -17.51 -12.88
N THR F 34 -30.24 -17.54 -12.17
CA THR F 34 -29.63 -18.79 -11.70
C THR F 34 -29.34 -18.70 -10.20
N MET F 35 -30.13 -19.41 -9.40
CA MET F 35 -29.91 -19.45 -7.96
C MET F 35 -28.84 -20.48 -7.59
N SER F 36 -28.03 -20.15 -6.58
CA SER F 36 -27.08 -21.10 -6.03
C SER F 36 -27.05 -20.96 -4.52
N LEU F 37 -26.85 -22.09 -3.84
CA LEU F 37 -26.79 -22.12 -2.38
C LEU F 37 -25.77 -23.19 -1.97
N LYS F 38 -25.13 -22.97 -0.80
CA LYS F 38 -24.09 -23.87 -0.31
C LYS F 38 -24.23 -23.98 1.20
N VAL F 39 -24.78 -25.10 1.68
CA VAL F 39 -24.96 -25.33 3.11
C VAL F 39 -23.90 -26.30 3.62
N THR F 40 -23.46 -26.08 4.86
CA THR F 40 -22.59 -27.01 5.57
C THR F 40 -23.09 -27.10 7.00
N PHE F 41 -23.42 -28.31 7.46
CA PHE F 41 -23.89 -28.54 8.81
C PHE F 41 -22.73 -28.87 9.74
N ILE F 42 -22.70 -28.22 10.90
CA ILE F 42 -21.74 -28.55 11.96
C ILE F 42 -22.56 -28.85 13.22
N ASP F 43 -22.43 -30.08 13.72
CA ASP F 43 -23.17 -30.53 14.90
C ASP F 43 -22.17 -30.95 15.97
N ASP F 44 -21.73 -29.99 16.78
CA ASP F 44 -20.80 -30.27 17.85
C ASP F 44 -21.55 -30.72 19.10
N PRO F 45 -21.33 -31.94 19.59
CA PRO F 45 -22.03 -32.40 20.80
C PRO F 45 -21.75 -31.56 22.03
N SER F 46 -20.58 -30.91 22.10
CA SER F 46 -20.30 -30.04 23.23
C SER F 46 -21.29 -28.89 23.29
N ALA F 47 -21.77 -28.42 22.15
CA ALA F 47 -22.76 -27.37 22.10
C ALA F 47 -24.12 -27.89 22.54
N ASP F 48 -25.08 -26.98 22.62
CA ASP F 48 -26.46 -27.36 22.86
C ASP F 48 -27.21 -27.62 21.56
N LYS F 49 -26.85 -26.93 20.48
CA LYS F 49 -27.62 -26.94 19.24
C LYS F 49 -26.72 -27.33 18.08
N GLN F 50 -27.33 -27.48 16.91
CA GLN F 50 -26.60 -27.82 15.68
C GLN F 50 -26.57 -26.60 14.76
N ILE F 51 -25.39 -26.29 14.24
CA ILE F 51 -25.15 -25.10 13.44
C ILE F 51 -25.04 -25.51 11.97
N ALA F 52 -25.51 -24.64 11.08
CA ALA F 52 -25.45 -24.87 9.65
C ALA F 52 -25.13 -23.57 8.92
N VAL F 53 -24.09 -23.60 8.09
CA VAL F 53 -23.60 -22.41 7.39
C VAL F 53 -24.11 -22.44 5.96
N ILE F 54 -24.77 -21.37 5.55
CA ILE F 54 -25.37 -21.26 4.22
C ILE F 54 -24.59 -20.22 3.42
N ASN F 55 -24.12 -20.62 2.24
CA ASN F 55 -23.40 -19.75 1.33
C ASN F 55 -24.13 -19.71 -0.01
N THR F 56 -24.64 -18.54 -0.38
CA THR F 56 -25.29 -18.39 -1.67
C THR F 56 -24.27 -17.85 -2.67
N THR F 57 -24.20 -18.48 -3.84
CA THR F 57 -23.20 -18.17 -4.86
C THR F 57 -23.92 -18.16 -6.21
N GLY F 58 -23.16 -18.29 -7.28
CA GLY F 58 -23.77 -18.21 -8.61
C GLY F 58 -23.79 -16.79 -9.12
N SER F 59 -24.79 -16.46 -9.92
CA SER F 59 -24.91 -15.11 -10.46
C SER F 59 -26.37 -14.86 -10.82
N PHE F 60 -26.67 -13.60 -11.13
CA PHE F 60 -27.99 -13.19 -11.61
C PHE F 60 -27.78 -12.12 -12.68
N MET F 61 -28.38 -12.35 -13.84
CA MET F 61 -28.12 -11.52 -15.01
C MET F 61 -28.86 -10.20 -14.97
N LYS F 62 -28.26 -9.19 -15.60
CA LYS F 62 -28.96 -7.94 -15.88
C LYS F 62 -29.95 -8.13 -17.03
N ALA F 63 -29.52 -8.78 -18.10
CA ALA F 63 -30.35 -9.07 -19.27
C ALA F 63 -30.97 -7.79 -19.84
N ASN F 64 -30.09 -6.89 -20.29
CA ASN F 64 -30.41 -5.51 -20.64
C ASN F 64 -31.00 -5.35 -22.05
N PRO F 65 -32.33 -5.16 -22.15
CA PRO F 65 -32.94 -4.91 -23.47
C PRO F 65 -33.19 -3.44 -23.75
N THR F 66 -33.49 -3.11 -25.01
CA THR F 66 -34.07 -1.82 -25.38
C THR F 66 -35.48 -2.10 -25.93
N LEU F 67 -36.48 -2.00 -25.06
CA LEU F 67 -37.81 -2.55 -25.36
C LEU F 67 -38.77 -1.60 -26.07
N SER F 68 -38.47 -0.31 -26.18
CA SER F 68 -39.33 0.64 -26.91
C SER F 68 -38.54 1.30 -28.04
N ASP F 69 -38.71 0.83 -29.28
CA ASP F 69 -37.95 1.34 -30.42
C ASP F 69 -38.82 2.16 -31.38
N ALA F 70 -38.71 3.48 -31.30
CA ALA F 70 -39.32 4.41 -32.25
C ALA F 70 -38.16 5.23 -32.79
N PRO F 71 -37.65 4.92 -34.00
CA PRO F 71 -36.32 5.41 -34.38
C PRO F 71 -36.08 6.92 -34.42
N VAL F 72 -36.76 7.63 -35.31
CA VAL F 72 -36.62 9.09 -35.37
C VAL F 72 -38.01 9.72 -35.31
N ASP F 73 -38.92 9.18 -36.10
CA ASP F 73 -40.27 9.73 -36.30
C ASP F 73 -40.19 11.11 -36.96
N GLY F 74 -39.64 11.12 -38.17
CA GLY F 74 -39.51 12.33 -38.95
C GLY F 74 -40.77 12.68 -39.73
N TYR F 75 -41.45 13.74 -39.28
CA TYR F 75 -42.67 14.42 -39.76
C TYR F 75 -43.86 14.13 -38.85
N PRO F 76 -44.42 12.89 -38.79
CA PRO F 76 -45.72 12.72 -38.09
C PRO F 76 -45.63 13.01 -36.61
N ILE F 77 -44.76 12.28 -35.92
CA ILE F 77 -44.61 12.36 -34.47
C ILE F 77 -43.54 13.41 -34.19
N PRO F 78 -43.59 14.11 -33.05
CA PRO F 78 -42.55 15.10 -32.75
C PRO F 78 -41.14 14.52 -32.63
N GLY F 79 -40.97 13.21 -32.64
CA GLY F 79 -39.64 12.64 -32.58
C GLY F 79 -39.64 11.21 -32.10
N ALA F 80 -38.43 10.73 -31.84
CA ALA F 80 -38.18 9.33 -31.55
C ALA F 80 -38.73 8.93 -30.18
N SER F 81 -38.62 7.64 -29.87
CA SER F 81 -38.94 7.12 -28.53
C SER F 81 -38.16 5.81 -28.36
N VAL F 82 -36.91 5.91 -27.91
CA VAL F 82 -36.10 4.72 -27.61
C VAL F 82 -35.83 4.65 -26.12
N THR F 83 -36.19 3.52 -25.50
CA THR F 83 -35.98 3.26 -24.09
C THR F 83 -34.97 2.13 -23.90
N LEU F 84 -34.37 2.10 -22.72
CA LEU F 84 -33.49 1.01 -22.33
C LEU F 84 -33.75 0.64 -20.87
N ARG F 85 -33.96 -0.65 -20.62
CA ARG F 85 -34.30 -1.15 -19.29
C ARG F 85 -33.01 -1.40 -18.50
N TYR F 86 -32.50 -0.35 -17.86
CA TYR F 86 -31.31 -0.47 -17.02
C TYR F 86 -31.73 -0.85 -15.61
N PRO F 87 -31.32 -2.01 -15.09
CA PRO F 87 -31.72 -2.38 -13.73
C PRO F 87 -31.03 -1.51 -12.69
N SER F 88 -31.73 -1.26 -11.58
CA SER F 88 -31.20 -0.42 -10.51
C SER F 88 -31.05 -1.17 -9.20
N GLN F 89 -32.11 -1.77 -8.67
CA GLN F 89 -32.07 -2.44 -7.37
C GLN F 89 -32.04 -3.95 -7.57
N TYR F 90 -31.34 -4.63 -6.66
CA TYR F 90 -31.13 -6.07 -6.73
C TYR F 90 -31.35 -6.70 -5.35
N ASP F 91 -32.60 -6.62 -4.86
CA ASP F 91 -32.92 -7.12 -3.53
C ASP F 91 -32.94 -8.65 -3.52
N ILE F 92 -32.29 -9.22 -2.51
CA ILE F 92 -32.22 -10.66 -2.30
C ILE F 92 -32.74 -10.97 -0.90
N ALA F 93 -33.70 -11.89 -0.81
CA ALA F 93 -34.35 -12.19 0.46
C ALA F 93 -34.29 -13.69 0.75
N MET F 94 -34.19 -13.99 2.05
CA MET F 94 -34.25 -15.37 2.56
C MET F 94 -35.23 -15.33 3.73
N ASN F 95 -36.45 -15.76 3.48
CA ASN F 95 -37.58 -15.63 4.40
C ASN F 95 -37.89 -17.00 5.01
N LEU F 96 -37.45 -17.21 6.24
CA LEU F 96 -37.82 -18.43 6.95
C LEU F 96 -39.32 -18.50 7.13
N GLN F 97 -39.88 -19.68 6.88
CA GLN F 97 -41.31 -19.92 7.05
C GLN F 97 -41.69 -19.82 8.52
N THR F 100 -39.27 -23.63 14.11
CA THR F 100 -38.12 -23.44 13.19
C THR F 100 -36.95 -22.89 13.97
N SER F 101 -36.23 -21.93 13.38
CA SER F 101 -35.02 -21.37 14.04
C SER F 101 -34.46 -20.11 13.37
N ARG F 102 -33.66 -19.38 14.13
CA ARG F 102 -33.22 -18.03 13.68
C ARG F 102 -32.10 -17.95 12.65
N PHE F 103 -32.14 -16.89 11.84
CA PHE F 103 -31.04 -16.61 10.87
C PHE F 103 -29.98 -15.93 11.71
N PHE F 104 -29.03 -16.70 12.22
CA PHE F 104 -28.05 -16.16 13.19
C PHE F 104 -27.11 -15.21 12.52
N HIS F 105 -26.36 -15.71 11.54
CA HIS F 105 -25.32 -14.83 11.04
C HIS F 105 -25.66 -14.40 9.62
N VAL F 106 -25.15 -13.23 9.26
CA VAL F 106 -25.44 -12.60 7.98
C VAL F 106 -24.15 -12.00 7.46
N ALA F 107 -23.84 -12.27 6.19
CA ALA F 107 -22.65 -11.74 5.55
C ALA F 107 -22.99 -11.17 4.17
N PRO F 108 -22.36 -10.06 3.78
CA PRO F 108 -21.37 -9.26 4.53
C PRO F 108 -22.02 -8.32 5.53
N THR F 109 -21.28 -7.35 6.07
CA THR F 109 -21.83 -6.34 6.95
C THR F 109 -21.30 -4.98 6.52
N ASN F 110 -21.49 -3.97 7.37
CA ASN F 110 -21.06 -2.61 7.09
C ASN F 110 -19.72 -2.34 7.74
N ALA F 111 -18.86 -1.58 7.05
CA ALA F 111 -17.49 -1.35 7.48
C ALA F 111 -17.18 0.14 7.30
N VAL F 112 -15.89 0.48 7.41
CA VAL F 112 -15.46 1.87 7.33
C VAL F 112 -15.48 2.34 5.88
N GLU F 113 -15.53 3.66 5.73
CA GLU F 113 -15.37 4.33 4.44
C GLU F 113 -14.11 5.19 4.51
N GLU F 114 -13.33 5.19 3.44
CA GLU F 114 -12.00 5.80 3.46
C GLU F 114 -12.05 7.19 2.84
N THR F 115 -11.54 8.17 3.59
CA THR F 115 -11.53 9.57 3.20
C THR F 115 -10.11 10.13 3.32
N THR F 116 -9.86 11.24 2.63
CA THR F 116 -8.61 11.98 2.80
C THR F 116 -8.94 13.47 2.61
N VAL F 117 -9.19 14.16 3.72
CA VAL F 117 -9.45 15.59 3.70
C VAL F 117 -8.15 16.34 3.93
N THR F 118 -7.90 17.37 3.12
CA THR F 118 -6.65 18.12 3.15
C THR F 118 -6.94 19.58 3.47
N SER F 119 -6.07 20.20 4.27
CA SER F 119 -6.18 21.61 4.63
C SER F 119 -4.82 22.26 4.41
N SER F 120 -4.65 22.92 3.26
CA SER F 120 -3.38 23.50 2.85
C SER F 120 -3.42 25.01 2.98
N VAL F 121 -2.29 25.61 3.36
CA VAL F 121 -2.14 27.06 3.47
C VAL F 121 -0.77 27.44 2.91
N SER F 122 -0.73 28.45 2.04
CA SER F 122 0.53 28.90 1.47
C SER F 122 0.54 30.41 1.30
N TYR F 123 1.69 31.03 1.58
CA TYR F 123 1.86 32.48 1.50
C TYR F 123 3.15 32.81 0.77
N GLN F 124 3.15 33.92 0.04
CA GLN F 124 4.29 34.29 -0.80
C GLN F 124 4.63 35.77 -0.66
N LEU F 125 5.77 36.14 -1.26
CA LEU F 125 6.24 37.52 -1.35
C LEU F 125 6.76 37.75 -2.76
N GLY F 126 6.85 39.03 -3.15
CA GLY F 126 7.27 39.37 -4.49
C GLY F 126 8.21 40.58 -4.51
N GLY F 127 8.91 40.72 -5.64
CA GLY F 127 9.79 41.85 -5.88
C GLY F 127 10.33 41.91 -7.30
N SER F 128 10.34 43.10 -7.91
CA SER F 128 10.77 43.22 -9.30
C SER F 128 11.20 44.66 -9.58
N ILE F 129 11.99 44.84 -10.64
CA ILE F 129 12.43 46.16 -11.09
C ILE F 129 12.51 46.20 -12.61
N ASP F 130 12.09 47.33 -13.18
CA ASP F 130 12.15 47.60 -14.61
C ASP F 130 12.77 48.97 -14.81
N ALA F 131 13.68 49.10 -15.78
CA ALA F 131 14.32 50.39 -16.04
C ALA F 131 14.30 50.73 -17.53
N SER F 132 14.34 52.02 -17.81
CA SER F 132 14.33 52.55 -19.18
C SER F 132 15.11 53.86 -19.20
N VAL F 133 15.52 54.27 -20.40
CA VAL F 133 16.33 55.50 -20.55
C VAL F 133 15.64 56.50 -21.46
N THR F 134 15.51 56.18 -22.75
CA THR F 134 14.91 57.13 -23.72
C THR F 134 13.41 57.18 -23.55
N PRO F 135 12.71 58.28 -23.92
CA PRO F 135 11.27 58.41 -23.71
C PRO F 135 10.51 57.12 -23.42
N SER F 136 10.53 56.65 -22.17
CA SER F 136 9.82 55.41 -21.77
C SER F 136 9.84 55.36 -20.24
N GLY F 137 8.74 54.92 -19.62
CA GLY F 137 8.66 54.87 -18.18
C GLY F 137 9.05 53.52 -17.61
N PRO F 138 9.71 53.52 -16.46
CA PRO F 138 9.96 52.25 -15.76
C PRO F 138 8.86 51.92 -14.76
N SER F 139 8.76 50.62 -14.47
CA SER F 139 7.83 50.10 -13.48
C SER F 139 8.59 49.44 -12.32
N GLY F 140 7.80 48.97 -11.35
CA GLY F 140 8.33 48.20 -10.24
C GLY F 140 7.23 47.28 -9.75
N GLU F 141 7.62 46.25 -9.00
CA GLU F 141 6.62 45.34 -8.45
C GLU F 141 7.18 44.70 -7.19
N SER F 142 6.31 44.52 -6.19
CA SER F 142 6.67 43.87 -4.92
C SER F 142 5.42 43.18 -4.39
N GLY F 143 5.29 41.89 -4.71
CA GLY F 143 4.07 41.17 -4.40
C GLY F 143 4.05 40.55 -3.01
N ALA F 144 2.85 40.13 -2.62
CA ALA F 144 2.63 39.46 -1.34
C ALA F 144 1.33 38.69 -1.45
N THR F 145 1.39 37.37 -1.23
CA THR F 145 0.24 36.50 -1.43
C THR F 145 0.12 35.53 -0.27
N GLY F 146 -1.10 35.09 -0.01
CA GLY F 146 -1.35 34.02 0.95
C GLY F 146 -2.61 33.24 0.64
N GLN F 147 -2.50 31.92 0.48
CA GLN F 147 -3.61 31.08 0.05
C GLN F 147 -3.88 29.98 1.07
N VAL F 148 -5.12 29.49 1.07
CA VAL F 148 -5.56 28.37 1.89
C VAL F 148 -6.32 27.39 1.01
N ASP F 149 -5.89 26.14 0.97
CA ASP F 149 -6.45 25.12 0.10
C ASP F 149 -7.05 24.00 0.94
N TRP F 150 -8.28 23.61 0.60
CA TRP F 150 -8.97 22.50 1.26
C TRP F 150 -9.38 21.47 0.23
N SER F 151 -9.00 20.20 0.44
CA SER F 151 -9.25 19.13 -0.51
C SER F 151 -9.98 17.98 0.18
N ASP F 152 -10.64 17.17 -0.64
CA ASP F 152 -11.38 15.99 -0.18
C ASP F 152 -11.12 14.84 -1.15
N SER F 153 -11.23 13.61 -0.65
CA SER F 153 -11.16 12.44 -1.51
C SER F 153 -11.64 11.19 -0.78
N VAL F 154 -12.55 10.45 -1.40
CA VAL F 154 -13.11 9.24 -0.81
C VAL F 154 -13.06 8.13 -1.86
N SER F 155 -12.80 6.90 -1.40
CA SER F 155 -12.81 5.73 -2.26
C SER F 155 -14.26 5.26 -2.51
N TYR F 156 -15.03 6.14 -3.16
CA TYR F 156 -16.35 5.73 -3.63
C TYR F 156 -16.20 4.71 -4.74
N ASP F 157 -16.99 3.64 -4.67
CA ASP F 157 -16.87 2.54 -5.64
C ASP F 157 -17.73 2.84 -6.87
N GLN F 158 -17.39 3.96 -7.55
CA GLN F 158 -18.19 4.45 -8.71
C GLN F 158 -19.65 4.17 -8.37
N THR F 159 -20.39 3.60 -9.30
CA THR F 159 -21.72 3.16 -8.89
C THR F 159 -21.47 1.74 -8.54
N SER F 160 -20.70 1.06 -9.38
CA SER F 160 -20.58 -0.40 -9.20
C SER F 160 -21.98 -0.74 -8.72
N TYR F 161 -22.06 -1.50 -7.65
CA TYR F 161 -23.36 -1.64 -7.00
C TYR F 161 -23.08 -1.78 -5.51
N LYS F 162 -23.36 -0.71 -4.76
CA LYS F 162 -23.03 -0.67 -3.34
C LYS F 162 -23.83 -1.72 -2.57
N THR F 163 -23.14 -2.49 -1.72
CA THR F 163 -23.70 -3.66 -1.07
C THR F 163 -23.99 -3.35 0.40
N ASN F 164 -25.17 -2.82 0.65
CA ASN F 164 -25.62 -2.48 2.00
C ASN F 164 -26.41 -3.63 2.61
N LEU F 165 -26.51 -3.62 3.94
CA LEU F 165 -27.23 -4.64 4.68
C LEU F 165 -28.50 -4.00 5.22
N ILE F 166 -29.57 -4.09 4.41
CA ILE F 166 -30.91 -3.64 4.75
C ILE F 166 -31.48 -4.60 5.80
N ASP F 167 -32.62 -4.22 6.39
CA ASP F 167 -33.19 -4.83 7.59
C ASP F 167 -32.96 -6.33 7.67
N GLN F 168 -32.41 -6.76 8.80
CA GLN F 168 -32.25 -8.16 9.14
C GLN F 168 -33.31 -8.61 10.12
N THR F 169 -33.47 -9.92 10.23
CA THR F 169 -34.21 -10.53 11.32
C THR F 169 -33.52 -11.86 11.60
N ASN F 170 -33.98 -12.55 12.63
CA ASN F 170 -33.67 -13.98 12.75
C ASN F 170 -34.55 -14.81 11.84
N LYS F 171 -35.47 -14.16 11.12
CA LYS F 171 -36.40 -14.81 10.19
C LYS F 171 -36.20 -14.32 8.76
N HIS F 172 -36.19 -13.01 8.54
CA HIS F 172 -36.11 -12.43 7.20
C HIS F 172 -34.81 -11.64 7.09
N VAL F 173 -33.93 -12.08 6.19
CA VAL F 173 -32.69 -11.37 5.90
C VAL F 173 -32.82 -10.76 4.51
N LYS F 174 -32.20 -9.59 4.34
CA LYS F 174 -32.39 -8.85 3.11
C LYS F 174 -31.10 -8.13 2.75
N TRP F 175 -30.95 -7.82 1.46
CA TRP F 175 -29.87 -6.98 0.96
C TRP F 175 -30.42 -6.14 -0.19
N ASN F 176 -29.93 -4.90 -0.30
CA ASN F 176 -30.34 -3.96 -1.35
C ASN F 176 -29.10 -3.38 -2.01
N VAL F 177 -28.51 -4.15 -2.93
CA VAL F 177 -27.34 -3.67 -3.67
C VAL F 177 -27.78 -2.72 -4.78
N PHE F 178 -27.77 -1.41 -4.48
CA PHE F 178 -28.27 -0.35 -5.35
C PHE F 178 -27.25 0.06 -6.41
N PHE F 179 -27.65 1.06 -7.22
CA PHE F 179 -26.81 1.70 -8.24
C PHE F 179 -26.79 3.20 -7.99
N ASN F 180 -25.63 3.83 -8.21
CA ASN F 180 -25.48 5.25 -7.85
C ASN F 180 -25.24 6.17 -9.05
N GLY F 181 -24.17 5.99 -9.80
CA GLY F 181 -23.87 6.89 -10.91
C GLY F 181 -22.67 6.42 -11.70
N TYR F 182 -22.45 7.04 -12.86
CA TYR F 182 -21.39 6.58 -13.73
C TYR F 182 -20.78 7.76 -14.50
N ASN F 183 -19.52 7.58 -14.91
CA ASN F 183 -18.82 8.56 -15.75
C ASN F 183 -18.90 8.09 -17.20
N ASN F 184 -19.91 8.60 -17.91
CA ASN F 184 -20.09 8.25 -19.32
C ASN F 184 -19.03 8.91 -20.18
N GLN F 185 -18.23 8.10 -20.87
CA GLN F 185 -17.15 8.56 -21.75
C GLN F 185 -16.25 9.56 -21.05
N ASN F 186 -15.70 9.14 -19.90
CA ASN F 186 -14.62 9.82 -19.21
C ASN F 186 -15.06 11.13 -18.57
N TRP F 187 -16.30 11.54 -18.81
CA TRP F 187 -16.88 12.70 -18.16
C TRP F 187 -17.84 12.24 -17.07
N GLY F 188 -17.74 12.86 -15.90
CA GLY F 188 -18.61 12.46 -14.81
C GLY F 188 -18.34 13.29 -13.57
N ILE F 189 -18.95 12.85 -12.47
CA ILE F 189 -19.79 11.66 -12.43
C ILE F 189 -21.27 12.07 -12.48
N TYR F 190 -22.03 11.42 -13.34
CA TYR F 190 -23.45 11.68 -13.48
C TYR F 190 -24.25 10.59 -12.78
N THR F 191 -25.38 10.98 -12.21
CA THR F 191 -26.20 10.05 -11.43
C THR F 191 -27.63 10.01 -11.94
N ARG F 192 -28.50 9.31 -11.21
CA ARG F 192 -29.91 9.21 -11.57
C ARG F 192 -30.68 10.51 -11.32
N ASP F 193 -30.07 11.49 -10.65
CA ASP F 193 -30.72 12.77 -10.38
C ASP F 193 -30.22 13.89 -11.28
N SER F 194 -28.99 13.83 -11.75
CA SER F 194 -28.35 14.95 -12.45
C SER F 194 -29.19 15.41 -13.63
N TYR F 195 -29.65 16.66 -13.55
CA TYR F 195 -30.46 17.27 -14.58
C TYR F 195 -29.67 18.36 -15.31
N HIS F 196 -29.80 18.39 -16.63
CA HIS F 196 -29.27 19.46 -17.46
C HIS F 196 -30.41 20.17 -18.16
N ALA F 197 -30.30 21.49 -18.27
CA ALA F 197 -31.39 22.28 -18.83
C ALA F 197 -31.67 21.94 -20.29
N LEU F 198 -30.65 21.46 -21.01
CA LEU F 198 -30.81 21.19 -22.44
C LEU F 198 -30.44 19.77 -22.85
N TYR F 199 -29.98 18.93 -21.92
CA TYR F 199 -29.66 17.55 -22.25
C TYR F 199 -30.39 16.51 -21.41
N GLY F 200 -31.03 16.92 -20.30
CA GLY F 200 -31.57 15.90 -19.42
C GLY F 200 -30.48 15.09 -18.76
N ASN F 201 -30.79 13.83 -18.49
CA ASN F 201 -29.80 12.90 -17.94
C ASN F 201 -28.91 12.39 -19.06
N GLN F 202 -27.60 12.54 -18.90
CA GLN F 202 -26.65 12.09 -19.91
C GLN F 202 -25.85 10.85 -19.49
N LEU F 203 -26.30 10.15 -18.45
CA LEU F 203 -25.53 9.00 -17.98
C LEU F 203 -25.43 7.93 -19.05
N PHE F 204 -26.45 7.82 -19.90
CA PHE F 204 -26.54 6.83 -20.96
C PHE F 204 -26.42 7.45 -22.35
N MET F 205 -25.80 8.62 -22.45
CA MET F 205 -25.55 9.29 -23.73
C MET F 205 -24.31 8.71 -24.39
N TYR F 206 -24.35 8.59 -25.72
CA TYR F 206 -23.17 8.12 -26.46
C TYR F 206 -22.31 9.27 -26.96
N SER F 207 -22.87 10.16 -27.78
CA SER F 207 -22.09 11.27 -28.33
C SER F 207 -22.25 12.43 -27.34
N ARG F 208 -21.16 12.76 -26.65
CA ARG F 208 -21.21 13.70 -25.53
C ARG F 208 -20.90 15.15 -25.92
N THR F 209 -21.01 15.51 -27.20
CA THR F 209 -20.79 16.91 -27.55
C THR F 209 -21.98 17.52 -28.26
N TYR F 210 -22.42 16.92 -29.35
CA TYR F 210 -23.60 17.33 -30.11
C TYR F 210 -23.94 16.16 -31.02
N PRO F 211 -25.16 15.62 -30.95
CA PRO F 211 -25.44 14.39 -31.69
C PRO F 211 -25.93 14.63 -33.10
N HIS F 212 -25.38 13.85 -34.03
CA HIS F 212 -25.95 13.77 -35.36
C HIS F 212 -27.35 13.18 -35.28
N GLU F 213 -28.25 13.65 -36.14
CA GLU F 213 -29.65 13.26 -36.03
C GLU F 213 -29.82 11.82 -36.47
N THR F 214 -29.60 10.89 -35.55
CA THR F 214 -29.61 9.46 -35.82
C THR F 214 -30.70 8.81 -35.00
N ASP F 215 -31.06 7.58 -35.37
CA ASP F 215 -31.97 6.78 -34.56
C ASP F 215 -31.38 6.59 -33.17
N ALA F 216 -32.23 6.77 -32.15
CA ALA F 216 -31.79 6.64 -30.78
C ALA F 216 -31.63 5.19 -30.35
N ARG F 217 -32.02 4.24 -31.21
CA ARG F 217 -31.73 2.83 -30.94
C ARG F 217 -30.24 2.56 -31.04
N GLY F 218 -29.52 3.38 -31.81
CA GLY F 218 -28.08 3.23 -31.94
C GLY F 218 -27.32 4.47 -31.53
N ASN F 219 -27.96 5.33 -30.72
CA ASN F 219 -27.30 6.48 -30.11
C ASN F 219 -27.12 6.32 -28.61
N LEU F 220 -27.20 5.08 -28.13
CA LEU F 220 -26.93 4.79 -26.73
C LEU F 220 -25.47 4.40 -26.58
N VAL F 221 -24.88 4.79 -25.45
CA VAL F 221 -23.53 4.34 -25.15
C VAL F 221 -23.53 2.82 -25.00
N PRO F 222 -22.63 2.09 -25.66
CA PRO F 222 -22.74 0.63 -25.72
C PRO F 222 -22.75 -0.03 -24.34
N MET F 223 -23.14 -1.30 -24.33
CA MET F 223 -23.28 -2.04 -23.08
C MET F 223 -21.94 -2.17 -22.37
N ASN F 224 -20.89 -2.54 -23.09
CA ASN F 224 -19.59 -2.74 -22.46
C ASN F 224 -18.82 -1.45 -22.23
N ASP F 225 -19.30 -0.32 -22.77
CA ASP F 225 -18.76 0.99 -22.44
C ASP F 225 -19.21 1.44 -21.05
N LEU F 226 -19.91 0.57 -20.32
CA LEU F 226 -20.46 0.81 -19.00
C LEU F 226 -19.87 -0.23 -18.05
N PRO F 227 -20.13 -0.16 -16.72
CA PRO F 227 -19.45 -1.07 -15.78
C PRO F 227 -19.58 -2.55 -16.14
N THR F 228 -18.70 -3.37 -15.55
CA THR F 228 -18.73 -4.80 -15.83
C THR F 228 -20.05 -5.43 -15.36
N LEU F 229 -20.53 -5.03 -14.19
CA LEU F 229 -21.75 -5.63 -13.66
C LEU F 229 -22.96 -5.26 -14.50
N THR F 230 -23.10 -3.97 -14.85
CA THR F 230 -24.33 -3.47 -15.47
C THR F 230 -24.68 -4.22 -16.74
N ASN F 231 -23.69 -4.77 -17.43
CA ASN F 231 -23.92 -5.48 -18.68
C ASN F 231 -23.93 -6.99 -18.51
N SER F 232 -23.43 -7.50 -17.39
CA SER F 232 -23.21 -8.93 -17.20
C SER F 232 -24.12 -9.53 -16.14
N GLY F 233 -24.08 -9.01 -14.92
CA GLY F 233 -24.84 -9.58 -13.81
C GLY F 233 -23.94 -9.70 -12.60
N PHE F 234 -24.54 -9.64 -11.42
CA PHE F 234 -23.80 -9.73 -10.18
C PHE F 234 -23.74 -11.17 -9.69
N SER F 235 -22.61 -11.53 -9.09
CA SER F 235 -22.43 -12.86 -8.52
C SER F 235 -22.51 -12.75 -7.01
N PRO F 236 -23.55 -13.28 -6.36
CA PRO F 236 -23.63 -13.18 -4.91
C PRO F 236 -22.58 -14.04 -4.23
N GLY F 237 -22.16 -13.58 -3.05
CA GLY F 237 -21.29 -14.34 -2.18
C GLY F 237 -21.83 -14.24 -0.77
N MET F 238 -23.14 -14.01 -0.67
CA MET F 238 -23.76 -13.76 0.62
C MET F 238 -23.80 -15.03 1.45
N ILE F 239 -23.39 -14.92 2.71
CA ILE F 239 -23.36 -16.06 3.62
C ILE F 239 -24.33 -15.80 4.76
N ALA F 240 -25.08 -16.83 5.12
CA ALA F 240 -25.95 -16.80 6.29
C ALA F 240 -25.76 -18.11 7.05
N VAL F 241 -26.16 -18.10 8.32
CA VAL F 241 -26.01 -19.27 9.18
C VAL F 241 -27.31 -19.48 9.95
N VAL F 242 -27.71 -20.73 10.10
CA VAL F 242 -28.91 -21.11 10.83
C VAL F 242 -28.50 -22.09 11.92
N ILE F 243 -28.98 -21.85 13.14
CA ILE F 243 -28.79 -22.76 14.26
C ILE F 243 -30.15 -23.21 14.77
N SER F 244 -30.26 -24.49 15.09
CA SER F 244 -31.49 -25.03 15.65
C SER F 244 -31.11 -26.00 16.76
N GLU F 245 -31.98 -26.10 17.76
CA GLU F 245 -31.73 -26.93 18.91
C GLU F 245 -31.77 -28.42 18.54
N LYS F 246 -31.06 -29.22 19.34
CA LYS F 246 -31.17 -30.67 19.18
C LYS F 246 -32.57 -31.14 19.52
N ASP F 247 -33.31 -30.34 20.28
CA ASP F 247 -34.71 -30.62 20.53
C ASP F 247 -35.55 -30.35 19.28
N THR F 248 -35.25 -29.26 18.59
CA THR F 248 -35.97 -28.82 17.40
C THR F 248 -35.53 -29.66 16.20
N GLU F 249 -36.31 -29.55 15.12
CA GLU F 249 -36.15 -30.40 13.95
C GLU F 249 -36.40 -29.59 12.68
N GLN F 250 -36.76 -30.31 11.62
CA GLN F 250 -36.90 -29.76 10.25
C GLN F 250 -37.59 -28.42 9.96
N SER F 251 -36.98 -27.63 9.08
CA SER F 251 -37.53 -26.34 8.69
C SER F 251 -37.68 -26.18 7.18
N SER F 252 -38.32 -25.06 6.78
CA SER F 252 -38.75 -24.80 5.40
C SER F 252 -38.37 -23.38 4.99
N ILE F 253 -37.16 -23.22 4.43
CA ILE F 253 -36.64 -21.91 4.04
C ILE F 253 -37.26 -21.46 2.73
N GLN F 254 -37.36 -20.14 2.55
CA GLN F 254 -37.58 -19.52 1.26
C GLN F 254 -36.29 -18.83 0.82
N VAL F 255 -36.05 -18.81 -0.49
CA VAL F 255 -34.89 -18.12 -1.06
C VAL F 255 -35.38 -17.31 -2.26
N ALA F 256 -35.66 -16.03 -2.05
CA ALA F 256 -36.11 -15.14 -3.11
C ALA F 256 -34.96 -14.33 -3.69
N TYR F 257 -35.00 -14.12 -5.01
CA TYR F 257 -34.08 -13.23 -5.71
C TYR F 257 -34.88 -12.32 -6.64
N THR F 258 -34.57 -11.02 -6.61
CA THR F 258 -35.37 -10.03 -7.32
C THR F 258 -34.46 -9.14 -8.17
N LYS F 259 -35.10 -8.39 -9.07
CA LYS F 259 -34.39 -7.48 -9.97
C LYS F 259 -35.28 -6.27 -10.24
N HIS F 260 -35.06 -5.18 -9.51
CA HIS F 260 -35.68 -3.92 -9.90
C HIS F 260 -35.02 -3.41 -11.17
N ALA F 261 -35.82 -2.79 -12.03
CA ALA F 261 -35.30 -2.30 -13.29
C ALA F 261 -35.82 -0.89 -13.52
N ASP F 262 -34.98 -0.09 -14.17
CA ASP F 262 -35.31 1.27 -14.56
C ASP F 262 -35.29 1.37 -16.08
N ASP F 263 -36.05 2.32 -16.61
CA ASP F 263 -36.22 2.46 -18.06
C ASP F 263 -35.74 3.84 -18.46
N TYR F 264 -34.42 3.97 -18.62
CA TYR F 264 -33.87 5.22 -19.12
C TYR F 264 -34.21 5.36 -20.59
N THR F 265 -34.78 6.50 -20.97
CA THR F 265 -35.32 6.70 -22.30
C THR F 265 -34.70 7.91 -22.97
N LEU F 266 -34.58 7.83 -24.30
CA LEU F 266 -34.09 8.95 -25.09
C LEU F 266 -35.23 9.42 -25.97
N ARG F 267 -35.54 10.72 -25.89
CA ARG F 267 -36.62 11.26 -26.71
C ARG F 267 -36.39 12.73 -27.04
N PRO F 268 -36.77 13.16 -28.23
CA PRO F 268 -36.90 14.60 -28.50
C PRO F 268 -38.30 15.09 -28.15
N GLY F 269 -39.23 14.16 -28.00
CA GLY F 269 -40.60 14.45 -27.60
C GLY F 269 -40.75 15.06 -26.23
N PHE F 270 -39.71 15.04 -25.40
CA PHE F 270 -39.75 15.67 -24.08
C PHE F 270 -39.00 16.99 -24.10
N THR F 271 -39.54 17.93 -24.89
CA THR F 271 -39.03 19.29 -25.08
C THR F 271 -37.68 19.28 -25.79
N PHE F 272 -37.57 20.09 -26.85
CA PHE F 272 -36.34 20.27 -27.64
C PHE F 272 -35.97 18.92 -28.25
N GLY F 273 -34.71 18.49 -28.17
CA GLY F 273 -34.31 17.21 -28.71
C GLY F 273 -34.14 17.19 -30.21
N THR F 274 -34.24 18.33 -30.89
CA THR F 274 -34.12 18.35 -32.35
C THR F 274 -32.66 18.35 -32.77
N GLY F 275 -31.92 19.38 -32.40
CA GLY F 275 -30.50 19.45 -32.70
C GLY F 275 -29.69 18.56 -31.77
N ASN F 276 -29.95 18.68 -30.47
CA ASN F 276 -29.37 17.78 -29.49
C ASN F 276 -30.30 16.58 -29.30
N TRP F 277 -30.03 15.76 -28.30
CA TRP F 277 -30.88 14.62 -27.99
C TRP F 277 -30.96 14.44 -26.48
N VAL F 278 -32.19 14.37 -25.97
CA VAL F 278 -32.47 14.42 -24.54
C VAL F 278 -32.61 13.00 -24.00
N GLY F 279 -32.04 12.76 -22.83
CA GLY F 279 -32.19 11.49 -22.12
C GLY F 279 -32.90 11.71 -20.80
N ASN F 280 -33.85 10.82 -20.50
CA ASN F 280 -34.65 10.94 -19.28
C ASN F 280 -34.76 9.59 -18.59
N ASN F 281 -35.31 9.63 -17.37
CA ASN F 281 -35.34 8.49 -16.47
C ASN F 281 -36.59 8.56 -15.62
N ILE F 282 -37.35 7.47 -15.56
CA ILE F 282 -38.56 7.36 -14.75
C ILE F 282 -38.38 6.20 -13.77
N LYS F 283 -38.57 6.48 -12.49
CA LYS F 283 -38.17 5.56 -11.43
C LYS F 283 -38.98 4.26 -11.44
N ASP F 284 -38.29 3.16 -11.10
CA ASP F 284 -38.91 1.90 -10.67
C ASP F 284 -39.97 1.41 -11.66
N VAL F 285 -39.50 1.00 -12.84
CA VAL F 285 -40.42 0.61 -13.91
C VAL F 285 -40.71 -0.89 -13.89
N ASP F 286 -39.69 -1.73 -14.04
CA ASP F 286 -39.89 -3.17 -14.16
C ASP F 286 -39.46 -3.91 -12.91
N GLN F 287 -40.26 -4.91 -12.53
CA GLN F 287 -39.91 -5.81 -11.44
C GLN F 287 -40.28 -7.23 -11.80
N LYS F 288 -39.47 -8.19 -11.34
CA LYS F 288 -39.73 -9.62 -11.52
C LYS F 288 -39.28 -10.37 -10.28
N THR F 289 -40.06 -11.39 -9.89
CA THR F 289 -39.78 -12.16 -8.69
C THR F 289 -39.85 -13.65 -8.99
N PHE F 290 -39.02 -14.43 -8.29
CA PHE F 290 -39.02 -15.89 -8.41
C PHE F 290 -38.57 -16.45 -7.07
N ASN F 291 -39.50 -17.05 -6.33
CA ASN F 291 -39.23 -17.57 -4.99
C ASN F 291 -39.24 -19.09 -5.01
N LYS F 292 -38.59 -19.68 -4.01
CA LYS F 292 -38.43 -21.12 -3.94
C LYS F 292 -38.26 -21.55 -2.49
N SER F 293 -38.91 -22.64 -2.12
CA SER F 293 -38.85 -23.18 -0.77
C SER F 293 -37.91 -24.39 -0.70
N PHE F 294 -37.43 -24.68 0.51
CA PHE F 294 -36.46 -25.75 0.71
C PHE F 294 -36.60 -26.32 2.11
N VAL F 295 -36.58 -27.65 2.21
CA VAL F 295 -36.69 -28.33 3.49
C VAL F 295 -35.31 -28.59 4.08
N LEU F 296 -35.08 -28.08 5.30
CA LEU F 296 -33.82 -28.29 6.01
C LEU F 296 -33.97 -29.51 6.91
N ASP F 297 -33.56 -30.67 6.44
CA ASP F 297 -33.52 -31.82 7.32
C ASP F 297 -32.40 -31.64 8.32
N TRP F 298 -32.68 -31.93 9.58
CA TRP F 298 -31.72 -31.73 10.65
C TRP F 298 -31.24 -33.03 11.30
N LYS F 299 -31.89 -34.15 11.02
CA LYS F 299 -31.45 -35.41 11.61
C LYS F 299 -30.40 -36.10 10.76
N ASN F 300 -30.60 -36.15 9.45
CA ASN F 300 -29.60 -36.69 8.53
C ASN F 300 -28.74 -35.60 7.91
N LYS F 301 -28.99 -34.33 8.26
CA LYS F 301 -28.20 -33.16 7.87
C LYS F 301 -27.96 -33.09 6.36
N LYS F 302 -29.03 -33.34 5.60
CA LYS F 302 -29.12 -33.10 4.18
C LYS F 302 -29.91 -31.82 3.93
N LEU F 303 -30.31 -31.60 2.68
CA LEU F 303 -31.17 -30.49 2.30
C LEU F 303 -31.80 -30.85 0.96
N VAL F 304 -33.12 -30.77 0.87
CA VAL F 304 -33.77 -30.92 -0.43
C VAL F 304 -34.73 -29.75 -0.67
N VAL G 9 1.47 -20.72 21.88
CA VAL G 9 1.63 -21.28 23.21
C VAL G 9 1.37 -20.22 24.27
N THR G 10 1.61 -18.95 23.92
CA THR G 10 1.20 -17.86 24.79
C THR G 10 -0.32 -17.72 24.83
N ASP G 11 -1.01 -18.34 23.88
CA ASP G 11 -2.47 -18.32 23.81
C ASP G 11 -3.02 -19.56 24.49
N ILE G 12 -3.99 -19.37 25.38
CA ILE G 12 -4.68 -20.46 26.06
C ILE G 12 -5.68 -21.07 25.10
N GLY G 13 -6.27 -22.20 25.46
CA GLY G 13 -7.29 -22.82 24.64
C GLY G 13 -6.86 -23.97 23.75
N GLN G 14 -5.78 -24.66 24.07
CA GLN G 14 -5.29 -25.75 23.24
C GLN G 14 -5.75 -27.09 23.80
N ASN G 15 -6.36 -27.93 22.99
CA ASN G 15 -6.92 -29.20 23.53
C ASN G 15 -7.77 -28.85 24.76
N ALA G 16 -8.34 -27.64 24.79
CA ALA G 16 -9.21 -27.22 25.91
C ALA G 16 -10.56 -27.89 25.76
N LYS G 17 -10.67 -29.14 26.20
CA LYS G 17 -11.93 -29.93 26.09
C LYS G 17 -13.14 -29.04 25.80
N THR G 18 -13.75 -28.48 26.85
CA THR G 18 -14.99 -27.72 26.66
C THR G 18 -14.90 -26.59 25.64
N HIS G 19 -15.72 -26.68 24.59
CA HIS G 19 -15.95 -25.59 23.64
C HIS G 19 -17.45 -25.50 23.38
N THR G 20 -18.22 -25.33 24.47
CA THR G 20 -19.66 -25.55 24.47
C THR G 20 -20.49 -24.37 23.96
N SER G 21 -20.06 -23.79 22.84
CA SER G 21 -20.78 -22.75 22.11
C SER G 21 -22.28 -22.94 22.09
N TYR G 22 -23.02 -21.97 22.67
CA TYR G 22 -24.46 -21.88 22.51
C TYR G 22 -24.82 -20.54 21.88
N ASN G 23 -26.09 -20.42 21.47
CA ASN G 23 -26.60 -19.24 20.80
C ASN G 23 -28.02 -18.96 21.27
N THR G 24 -28.34 -17.68 21.48
CA THR G 24 -29.68 -17.25 21.85
C THR G 24 -29.97 -15.90 21.21
N PHE G 25 -31.09 -15.83 20.48
CA PHE G 25 -31.45 -14.65 19.69
C PHE G 25 -32.90 -14.27 19.93
N ASN G 26 -33.17 -12.96 19.84
CA ASN G 26 -34.54 -12.49 19.92
C ASN G 26 -34.67 -11.18 19.14
N ASN G 27 -35.91 -10.87 18.76
CA ASN G 27 -36.23 -9.66 18.01
C ASN G 27 -37.29 -8.84 18.74
N GLU G 28 -37.09 -7.53 18.78
CA GLU G 28 -38.09 -6.58 19.27
C GLU G 28 -38.58 -5.78 18.05
N GLN G 29 -39.78 -6.13 17.58
CA GLN G 29 -40.27 -5.65 16.30
C GLN G 29 -40.77 -4.22 16.32
N ALA G 30 -41.11 -3.67 17.50
CA ALA G 30 -41.69 -2.33 17.55
C ALA G 30 -40.76 -1.29 16.94
N ASP G 31 -39.51 -1.27 17.37
CA ASP G 31 -38.47 -0.47 16.73
C ASP G 31 -37.59 -1.32 15.83
N ASN G 32 -38.03 -2.54 15.52
CA ASN G 32 -37.36 -3.50 14.63
C ASN G 32 -35.87 -3.65 14.95
N MET G 33 -35.60 -4.10 16.17
CA MET G 33 -34.25 -4.44 16.61
C MET G 33 -34.16 -5.94 16.81
N THR G 34 -33.01 -6.52 16.48
CA THR G 34 -32.78 -7.96 16.58
C THR G 34 -31.45 -8.21 17.29
N MET G 35 -31.53 -8.62 18.55
CA MET G 35 -30.33 -8.94 19.32
C MET G 35 -29.85 -10.36 19.04
N SER G 36 -28.54 -10.53 18.97
CA SER G 36 -27.92 -11.84 18.82
C SER G 36 -26.67 -11.91 19.68
N LEU G 37 -26.38 -13.10 20.21
CA LEU G 37 -25.23 -13.28 21.08
C LEU G 37 -24.64 -14.67 20.88
N LYS G 38 -23.33 -14.79 21.11
CA LYS G 38 -22.59 -16.03 20.84
C LYS G 38 -21.54 -16.28 21.93
N VAL G 39 -21.84 -17.20 22.85
CA VAL G 39 -20.94 -17.57 23.94
C VAL G 39 -20.33 -18.94 23.67
N THR G 40 -19.09 -19.13 24.12
CA THR G 40 -18.44 -20.43 24.18
C THR G 40 -17.71 -20.56 25.51
N PHE G 41 -18.00 -21.63 26.25
CA PHE G 41 -17.33 -21.88 27.53
C PHE G 41 -16.08 -22.73 27.32
N ILE G 42 -14.98 -22.28 27.92
CA ILE G 42 -13.72 -23.02 27.97
C ILE G 42 -13.31 -23.14 29.43
N ASP G 43 -13.06 -24.38 29.86
CA ASP G 43 -12.69 -24.66 31.26
C ASP G 43 -11.27 -25.22 31.24
N ASP G 44 -10.29 -24.32 31.36
CA ASP G 44 -8.89 -24.70 31.33
C ASP G 44 -8.45 -25.19 32.70
N PRO G 45 -8.07 -26.46 32.84
CA PRO G 45 -7.62 -26.94 34.16
C PRO G 45 -6.35 -26.28 34.67
N SER G 46 -5.45 -25.87 33.77
CA SER G 46 -4.22 -25.20 34.21
C SER G 46 -4.51 -23.86 34.87
N ALA G 47 -5.55 -23.16 34.43
CA ALA G 47 -5.89 -21.88 35.00
C ALA G 47 -6.49 -22.04 36.40
N ASP G 48 -6.75 -20.91 37.05
CA ASP G 48 -7.46 -20.91 38.32
C ASP G 48 -8.96 -20.82 38.13
N LYS G 49 -9.41 -20.15 37.07
CA LYS G 49 -10.81 -19.83 36.87
C LYS G 49 -11.26 -20.35 35.50
N GLN G 50 -12.54 -20.23 35.22
CA GLN G 50 -13.14 -20.69 33.97
C GLN G 50 -13.48 -19.49 33.09
N ILE G 51 -13.12 -19.57 31.81
CA ILE G 51 -13.27 -18.47 30.88
C ILE G 51 -14.48 -18.72 30.00
N ALA G 52 -15.17 -17.65 29.64
CA ALA G 52 -16.32 -17.72 28.74
C ALA G 52 -16.30 -16.48 27.85
N VAL G 53 -16.28 -16.69 26.54
CA VAL G 53 -16.18 -15.61 25.57
C VAL G 53 -17.54 -15.38 24.94
N ILE G 54 -18.02 -14.14 24.99
CA ILE G 54 -19.32 -13.77 24.45
C ILE G 54 -19.10 -12.89 23.22
N ASN G 55 -19.78 -13.23 22.13
CA ASN G 55 -19.70 -12.49 20.87
C ASN G 55 -21.08 -11.97 20.52
N THR G 56 -21.22 -10.66 20.45
CA THR G 56 -22.51 -10.05 20.12
C THR G 56 -22.58 -9.84 18.62
N THR G 57 -23.66 -10.30 18.01
CA THR G 57 -23.83 -10.26 16.57
C THR G 57 -25.27 -9.85 16.28
N GLY G 58 -25.71 -10.08 15.05
CA GLY G 58 -27.02 -9.62 14.64
C GLY G 58 -26.92 -8.23 14.04
N SER G 59 -27.99 -7.44 14.17
CA SER G 59 -27.98 -6.10 13.62
C SER G 59 -29.02 -5.26 14.36
N PHE G 60 -29.00 -3.96 14.10
CA PHE G 60 -30.01 -3.05 14.60
C PHE G 60 -30.29 -2.03 13.52
N MET G 61 -31.56 -1.92 13.14
CA MET G 61 -31.96 -1.10 12.01
C MET G 61 -32.06 0.37 12.38
N LYS G 62 -31.81 1.23 11.40
CA LYS G 62 -32.08 2.64 11.59
C LYS G 62 -33.57 2.93 11.53
N ALA G 63 -34.25 2.37 10.53
CA ALA G 63 -35.69 2.53 10.34
C ALA G 63 -36.06 4.01 10.29
N ASN G 64 -35.43 4.71 9.33
CA ASN G 64 -35.44 6.16 9.24
C ASN G 64 -36.70 6.71 8.57
N PRO G 65 -37.64 7.24 9.35
CA PRO G 65 -38.84 7.82 8.75
C PRO G 65 -38.76 9.32 8.57
N THR G 66 -39.69 9.89 7.81
CA THR G 66 -39.94 11.33 7.82
C THR G 66 -41.32 11.50 8.43
N LEU G 67 -41.37 11.66 9.76
CA LEU G 67 -42.62 11.58 10.49
C LEU G 67 -43.35 12.92 10.56
N SER G 68 -42.76 13.99 10.06
CA SER G 68 -43.43 15.28 9.97
C SER G 68 -43.64 15.71 8.53
N ASP G 69 -43.51 14.77 7.59
CA ASP G 69 -43.68 15.05 6.16
C ASP G 69 -44.96 15.84 5.98
N ALA G 70 -44.87 17.02 5.34
CA ALA G 70 -45.91 18.03 5.32
C ALA G 70 -47.26 17.39 5.07
N PRO G 71 -48.22 17.57 6.00
CA PRO G 71 -49.45 16.75 6.02
C PRO G 71 -50.17 16.79 4.69
N VAL G 72 -50.54 17.99 4.24
CA VAL G 72 -51.17 18.16 2.94
C VAL G 72 -50.30 19.00 2.02
N ASP G 73 -49.04 19.21 2.39
CA ASP G 73 -48.10 20.07 1.68
C ASP G 73 -48.68 21.48 1.50
N GLY G 74 -48.88 22.15 2.63
CA GLY G 74 -49.41 23.50 2.64
C GLY G 74 -48.31 24.53 2.54
N TYR G 75 -48.42 25.46 1.57
CA TYR G 75 -47.29 26.37 1.21
C TYR G 75 -46.98 27.55 2.16
N PRO G 76 -47.87 28.50 2.52
CA PRO G 76 -47.48 29.60 3.38
C PRO G 76 -47.64 29.39 4.87
N ILE G 77 -48.76 28.78 5.29
CA ILE G 77 -49.02 28.50 6.74
C ILE G 77 -48.20 27.25 7.12
N PRO G 78 -48.45 26.03 6.59
CA PRO G 78 -47.56 24.89 6.91
C PRO G 78 -46.17 25.12 6.36
N GLY G 79 -46.08 25.58 5.11
CA GLY G 79 -44.80 25.87 4.50
C GLY G 79 -43.86 24.68 4.50
N ALA G 80 -42.62 24.94 4.93
CA ALA G 80 -41.53 23.99 4.87
C ALA G 80 -41.36 23.39 6.26
N SER G 81 -42.20 22.40 6.56
CA SER G 81 -42.20 21.74 7.86
C SER G 81 -42.07 20.22 7.69
N VAL G 82 -41.00 19.78 7.04
CA VAL G 82 -40.68 18.36 6.91
C VAL G 82 -39.44 18.07 7.72
N THR G 83 -39.53 17.10 8.63
CA THR G 83 -38.45 16.69 9.51
C THR G 83 -37.99 15.29 9.14
N LEU G 84 -36.78 14.95 9.58
CA LEU G 84 -36.26 13.60 9.41
C LEU G 84 -35.62 13.16 10.72
N ARG G 85 -36.06 12.02 11.25
CA ARG G 85 -35.58 11.49 12.52
C ARG G 85 -34.36 10.60 12.24
N TYR G 86 -33.20 11.25 12.11
CA TYR G 86 -31.96 10.52 11.89
C TYR G 86 -31.30 10.18 13.23
N PRO G 87 -31.14 8.90 13.55
CA PRO G 87 -30.48 8.54 14.82
C PRO G 87 -29.00 8.90 14.80
N SER G 88 -28.48 9.19 15.99
CA SER G 88 -27.10 9.63 16.15
C SER G 88 -26.26 8.67 16.98
N GLN G 89 -26.69 8.35 18.19
CA GLN G 89 -25.90 7.55 19.12
C GLN G 89 -26.41 6.12 19.16
N TYR G 90 -25.48 5.16 19.33
CA TYR G 90 -25.80 3.73 19.41
C TYR G 90 -25.00 3.13 20.57
N ASP G 91 -25.52 3.28 21.78
CA ASP G 91 -24.87 2.77 22.96
C ASP G 91 -25.18 1.29 23.16
N ILE G 92 -24.15 0.50 23.44
CA ILE G 92 -24.31 -0.91 23.79
C ILE G 92 -23.64 -1.12 25.14
N ALA G 93 -24.40 -1.60 26.12
CA ALA G 93 -23.94 -1.71 27.49
C ALA G 93 -24.15 -3.12 28.03
N MET G 94 -23.25 -3.55 28.91
CA MET G 94 -23.35 -4.83 29.61
C MET G 94 -23.11 -4.59 31.09
N ASN G 95 -24.18 -4.56 31.88
CA ASN G 95 -24.15 -4.20 33.30
C ASN G 95 -24.36 -5.44 34.17
N LEU G 96 -23.27 -5.98 34.71
CA LEU G 96 -23.37 -7.04 35.70
C LEU G 96 -24.06 -6.56 36.98
N GLN G 97 -24.88 -7.43 37.55
CA GLN G 97 -25.53 -7.13 38.83
C GLN G 97 -24.46 -6.99 39.90
N ASP G 98 -24.71 -6.11 40.87
CA ASP G 98 -23.65 -5.74 41.79
C ASP G 98 -23.41 -6.79 42.87
N ASN G 99 -23.29 -8.05 42.48
CA ASN G 99 -22.78 -9.08 43.39
C ASN G 99 -21.85 -10.08 42.74
N THR G 100 -21.81 -10.17 41.41
CA THR G 100 -20.98 -11.16 40.70
C THR G 100 -19.69 -10.53 40.17
N SER G 101 -19.83 -9.52 39.31
CA SER G 101 -18.71 -8.79 38.70
C SER G 101 -17.83 -9.70 37.84
N ARG G 102 -16.53 -9.36 37.79
CA ARG G 102 -15.50 -10.09 37.06
C ARG G 102 -15.63 -9.98 35.54
N PHE G 103 -15.84 -8.77 35.04
CA PHE G 103 -15.57 -8.52 33.62
C PHE G 103 -14.07 -8.45 33.37
N PHE G 104 -13.69 -8.75 32.13
CA PHE G 104 -12.29 -8.86 31.71
C PHE G 104 -12.31 -8.53 30.22
N HIS G 105 -11.16 -8.72 29.57
CA HIS G 105 -10.92 -8.31 28.14
C HIS G 105 -12.15 -7.94 27.31
N VAL G 106 -12.04 -6.81 26.61
CA VAL G 106 -13.20 -6.32 25.81
C VAL G 106 -12.76 -5.89 24.41
N ALA G 107 -13.43 -6.40 23.37
CA ALA G 107 -13.19 -6.05 21.99
C ALA G 107 -14.45 -5.41 21.41
N PRO G 108 -14.31 -4.38 20.57
CA PRO G 108 -13.08 -3.75 20.08
C PRO G 108 -12.49 -2.80 21.12
N THR G 109 -11.53 -1.96 20.74
CA THR G 109 -10.95 -0.98 21.65
C THR G 109 -10.84 0.36 20.92
N ASN G 110 -10.10 1.29 21.53
CA ASN G 110 -9.75 2.56 20.93
C ASN G 110 -8.32 2.51 20.41
N ALA G 111 -7.99 3.45 19.52
CA ALA G 111 -6.67 3.48 18.92
C ALA G 111 -6.31 4.91 18.55
N VAL G 112 -5.02 5.16 18.40
CA VAL G 112 -4.54 6.47 17.99
C VAL G 112 -5.07 6.81 16.61
N GLU G 113 -5.66 7.99 16.48
CA GLU G 113 -6.06 8.49 15.17
C GLU G 113 -4.82 9.04 14.47
N GLU G 114 -4.67 8.69 13.19
CA GLU G 114 -3.43 8.92 12.46
C GLU G 114 -3.56 10.13 11.53
N THR G 115 -2.59 11.04 11.63
CA THR G 115 -2.58 12.28 10.85
C THR G 115 -1.27 12.37 10.07
N THR G 116 -1.31 13.09 8.95
CA THR G 116 -0.15 13.26 8.09
C THR G 116 -0.05 14.75 7.72
N VAL G 117 0.79 15.48 8.47
CA VAL G 117 1.02 16.89 8.21
C VAL G 117 2.13 17.02 7.16
N THR G 118 1.98 18.01 6.29
CA THR G 118 2.97 18.25 5.25
C THR G 118 3.32 19.73 5.14
N TYR G 123 10.12 28.65 -4.06
CA TYR G 123 10.66 29.95 -4.45
C TYR G 123 11.09 29.94 -5.91
N GLN G 124 10.91 31.07 -6.58
CA GLN G 124 11.21 31.18 -8.01
C GLN G 124 11.88 32.50 -8.31
N LEU G 125 12.38 32.63 -9.54
CA LEU G 125 12.94 33.88 -10.05
C LEU G 125 12.43 34.07 -11.47
N GLY G 126 12.47 35.32 -11.93
CA GLY G 126 11.93 35.63 -13.24
C GLY G 126 12.82 36.58 -14.01
N GLY G 127 12.56 36.61 -15.32
CA GLY G 127 13.25 37.50 -16.24
C GLY G 127 12.57 37.46 -17.60
N SER G 128 12.35 38.62 -18.20
CA SER G 128 11.58 38.68 -19.43
C SER G 128 11.93 39.95 -20.18
N ILE G 129 11.59 39.97 -21.47
CA ILE G 129 11.82 41.13 -22.33
C ILE G 129 10.59 41.30 -23.23
N ASP G 130 10.20 42.55 -23.45
CA ASP G 130 9.06 42.94 -24.26
C ASP G 130 9.52 43.94 -25.30
N ALA G 131 9.09 43.77 -26.55
CA ALA G 131 9.50 44.67 -27.61
C ALA G 131 8.29 45.17 -28.41
N SER G 132 8.45 46.35 -29.00
CA SER G 132 7.40 47.00 -29.79
C SER G 132 8.07 47.84 -30.87
N VAL G 133 7.27 48.66 -31.54
CA VAL G 133 7.75 49.65 -32.51
C VAL G 133 7.15 50.99 -32.10
N THR G 134 7.24 52.01 -32.97
CA THR G 134 6.78 53.40 -32.67
C THR G 134 7.76 54.04 -31.70
N PRO G 135 7.92 55.39 -31.62
CA PRO G 135 8.78 55.99 -30.62
C PRO G 135 8.73 55.22 -29.32
N SER G 136 9.56 54.18 -29.19
CA SER G 136 9.51 53.29 -28.00
C SER G 136 10.62 52.25 -28.13
N GLY G 137 10.97 51.58 -27.03
CA GLY G 137 11.97 50.54 -27.12
C GLY G 137 11.52 49.22 -26.55
N PRO G 138 12.40 48.57 -25.79
CA PRO G 138 12.01 47.35 -25.08
C PRO G 138 11.55 47.62 -23.65
N SER G 139 10.84 46.64 -23.09
CA SER G 139 10.44 46.64 -21.70
C SER G 139 11.14 45.52 -20.97
N GLY G 140 10.94 45.46 -19.65
CA GLY G 140 11.52 44.39 -18.86
C GLY G 140 10.75 44.09 -17.60
N GLU G 141 10.98 42.90 -17.07
CA GLU G 141 10.38 42.44 -15.82
C GLU G 141 11.30 41.40 -15.22
N SER G 142 11.40 41.37 -13.88
CA SER G 142 12.28 40.40 -13.21
C SER G 142 11.67 40.06 -11.85
N GLY G 143 10.89 38.98 -11.81
CA GLY G 143 10.19 38.61 -10.60
C GLY G 143 11.00 37.70 -9.69
N ALA G 144 10.53 37.58 -8.45
CA ALA G 144 11.13 36.67 -7.47
C ALA G 144 10.11 36.44 -6.35
N THR G 145 9.76 35.18 -6.12
CA THR G 145 8.72 34.82 -5.17
C THR G 145 9.18 33.63 -4.33
N GLY G 146 8.40 33.34 -3.28
CA GLY G 146 8.61 32.15 -2.48
C GLY G 146 7.40 31.78 -1.64
N GLN G 147 6.97 30.51 -1.70
CA GLN G 147 5.75 30.07 -1.07
C GLN G 147 6.03 28.97 -0.05
N VAL G 148 5.15 28.87 0.95
CA VAL G 148 5.28 27.92 2.06
C VAL G 148 3.92 27.26 2.27
N ASP G 149 3.78 26.01 1.83
CA ASP G 149 2.52 25.29 1.89
C ASP G 149 2.48 24.37 3.11
N TRP G 150 1.30 24.25 3.73
CA TRP G 150 1.11 23.42 4.91
C TRP G 150 -0.22 22.69 4.84
N SER G 151 -0.16 21.37 4.69
CA SER G 151 -1.34 20.53 4.54
C SER G 151 -1.38 19.44 5.61
N ASP G 152 -2.57 18.85 5.77
CA ASP G 152 -2.78 17.75 6.70
C ASP G 152 -3.83 16.82 6.12
N SER G 153 -3.87 15.58 6.63
CA SER G 153 -4.85 14.61 6.18
C SER G 153 -4.86 13.41 7.12
N VAL G 154 -6.06 12.87 7.36
CA VAL G 154 -6.22 11.61 8.08
C VAL G 154 -7.14 10.73 7.25
N SER G 155 -7.21 9.45 7.62
CA SER G 155 -8.15 8.52 7.00
C SER G 155 -9.46 8.66 7.76
N TYR G 156 -10.28 9.62 7.34
CA TYR G 156 -11.49 9.96 8.08
C TYR G 156 -12.46 8.77 8.13
N ASP G 157 -12.91 8.46 9.33
CA ASP G 157 -14.12 7.67 9.51
C ASP G 157 -15.34 8.58 9.53
N GLN G 158 -15.43 9.44 8.50
CA GLN G 158 -16.30 10.61 8.58
C GLN G 158 -17.76 10.22 8.68
N THR G 159 -18.21 9.32 7.80
CA THR G 159 -19.64 9.05 7.63
C THR G 159 -20.29 8.72 8.97
N SER G 160 -19.83 7.64 9.58
CA SER G 160 -20.21 7.22 10.93
C SER G 160 -19.23 6.12 11.31
N TYR G 161 -19.56 5.33 12.32
CA TYR G 161 -18.70 4.17 12.69
C TYR G 161 -17.44 4.62 13.45
N LYS G 162 -17.53 5.69 14.23
CA LYS G 162 -16.38 6.02 15.12
C LYS G 162 -16.60 5.05 16.28
N THR G 163 -15.78 4.01 16.42
CA THR G 163 -16.16 2.98 17.37
C THR G 163 -15.34 3.14 18.66
N ASN G 164 -15.86 3.98 19.55
CA ASN G 164 -15.18 4.27 20.79
C ASN G 164 -15.62 3.29 21.88
N LEU G 165 -14.73 3.09 22.84
CA LEU G 165 -15.00 2.23 23.99
C LEU G 165 -15.05 3.13 25.22
N ILE G 166 -16.26 3.58 25.55
CA ILE G 166 -16.43 4.36 26.78
C ILE G 166 -16.15 3.46 27.97
N ASP G 167 -15.95 4.09 29.14
CA ASP G 167 -15.38 3.44 30.32
C ASP G 167 -15.87 2.01 30.50
N GLN G 168 -14.91 1.11 30.69
CA GLN G 168 -15.20 -0.27 31.04
C GLN G 168 -15.02 -0.43 32.54
N THR G 169 -15.63 -1.47 33.08
CA THR G 169 -15.42 -1.89 34.45
C THR G 169 -15.45 -3.40 34.51
N ASN G 170 -15.29 -3.94 35.72
CA ASN G 170 -15.67 -5.31 35.98
C ASN G 170 -17.19 -5.45 36.14
N LYS G 171 -17.93 -4.34 36.03
CA LYS G 171 -19.37 -4.35 36.13
C LYS G 171 -20.05 -3.92 34.83
N HIS G 172 -19.75 -2.73 34.31
CA HIS G 172 -20.43 -2.19 33.14
C HIS G 172 -19.42 -1.85 32.04
N VAL G 173 -19.57 -2.49 30.88
CA VAL G 173 -18.79 -2.16 29.69
C VAL G 173 -19.73 -1.49 28.69
N LYS G 174 -19.19 -0.56 27.90
CA LYS G 174 -20.01 0.28 27.03
C LYS G 174 -19.29 0.54 25.71
N TRP G 175 -20.08 0.90 24.70
CA TRP G 175 -19.55 1.36 23.42
C TRP G 175 -20.43 2.50 22.92
N ASN G 176 -19.80 3.47 22.26
CA ASN G 176 -20.48 4.64 21.70
C ASN G 176 -20.06 4.81 20.24
N VAL G 177 -20.72 4.07 19.34
CA VAL G 177 -20.47 4.26 17.92
C VAL G 177 -21.25 5.47 17.44
N PHE G 178 -20.59 6.64 17.48
CA PHE G 178 -21.23 7.90 17.15
C PHE G 178 -21.27 8.13 15.64
N PHE G 179 -21.78 9.31 15.28
CA PHE G 179 -21.79 9.81 13.91
C PHE G 179 -21.06 11.14 13.92
N ASN G 180 -20.26 11.37 12.88
CA ASN G 180 -19.36 12.53 12.85
C ASN G 180 -19.72 13.55 11.77
N GLY G 181 -19.77 13.14 10.52
CA GLY G 181 -20.02 14.08 9.44
C GLY G 181 -20.24 13.35 8.13
N TYR G 182 -20.61 14.13 7.12
CA TYR G 182 -20.88 13.56 5.81
C TYR G 182 -20.53 14.57 4.74
N ASN G 183 -20.24 14.07 3.55
CA ASN G 183 -20.00 14.89 2.37
C ASN G 183 -21.31 14.91 1.59
N ASN G 184 -22.14 15.91 1.88
CA ASN G 184 -23.42 16.02 1.19
C ASN G 184 -23.18 16.43 -0.26
N GLN G 185 -23.68 15.61 -1.18
CA GLN G 185 -23.41 15.73 -2.62
C GLN G 185 -21.95 16.08 -2.90
N ASN G 186 -21.06 15.29 -2.30
CA ASN G 186 -19.61 15.25 -2.48
C ASN G 186 -18.91 16.51 -1.96
N TRP G 187 -19.64 17.50 -1.47
CA TRP G 187 -19.05 18.66 -0.83
C TRP G 187 -19.06 18.49 0.68
N GLY G 188 -18.00 18.96 1.33
CA GLY G 188 -17.92 18.82 2.77
C GLY G 188 -16.73 19.55 3.33
N ILE G 189 -16.41 19.24 4.58
CA ILE G 189 -17.15 18.26 5.37
C ILE G 189 -18.11 19.00 6.31
N TYR G 190 -19.32 18.47 6.47
CA TYR G 190 -20.37 19.11 7.25
C TYR G 190 -20.81 18.20 8.39
N THR G 191 -20.97 18.79 9.57
CA THR G 191 -21.28 18.05 10.79
C THR G 191 -22.62 18.51 11.35
N ARG G 192 -22.96 18.00 12.54
CA ARG G 192 -24.20 18.38 13.21
C ARG G 192 -24.20 19.83 13.67
N ASP G 193 -23.03 20.46 13.74
CA ASP G 193 -22.90 21.85 14.15
C ASP G 193 -22.50 22.77 13.01
N SER G 194 -22.45 22.27 11.77
CA SER G 194 -22.03 23.06 10.62
C SER G 194 -23.09 24.11 10.30
N TYR G 195 -22.77 25.38 10.57
CA TYR G 195 -23.70 26.48 10.40
C TYR G 195 -23.36 27.27 9.15
N HIS G 196 -24.42 27.76 8.48
CA HIS G 196 -24.28 28.73 7.41
C HIS G 196 -25.16 29.93 7.70
N ALA G 197 -24.73 31.10 7.21
CA ALA G 197 -25.45 32.33 7.51
C ALA G 197 -26.84 32.34 6.91
N LEU G 198 -27.01 31.77 5.71
CA LEU G 198 -28.26 31.85 4.99
C LEU G 198 -28.95 30.50 4.78
N TYR G 199 -28.33 29.39 5.15
CA TYR G 199 -28.90 28.07 4.95
C TYR G 199 -29.01 27.22 6.21
N GLY G 200 -28.37 27.61 7.31
CA GLY G 200 -28.31 26.69 8.41
C GLY G 200 -27.43 25.49 8.08
N ASN G 201 -27.80 24.35 8.65
CA ASN G 201 -27.10 23.10 8.37
C ASN G 201 -27.59 22.51 7.06
N GLN G 202 -26.64 22.17 6.17
CA GLN G 202 -26.96 21.58 4.88
C GLN G 202 -26.62 20.09 4.84
N LEU G 203 -26.41 19.49 6.01
CA LEU G 203 -25.98 18.09 6.06
C LEU G 203 -26.99 17.16 5.41
N PHE G 204 -28.28 17.48 5.51
CA PHE G 204 -29.37 16.68 4.94
C PHE G 204 -30.10 17.38 3.79
N MET G 205 -29.48 18.36 3.15
CA MET G 205 -30.11 19.03 2.02
C MET G 205 -29.87 18.27 0.71
N TYR G 206 -30.91 18.26 -0.13
CA TYR G 206 -30.82 17.75 -1.50
C TYR G 206 -30.57 18.89 -2.48
N SER G 207 -31.46 19.89 -2.50
CA SER G 207 -31.42 20.98 -3.46
C SER G 207 -31.18 22.28 -2.70
N ARG G 208 -30.21 23.07 -3.17
CA ARG G 208 -29.82 24.28 -2.46
C ARG G 208 -30.86 25.38 -2.59
N THR G 209 -31.72 25.32 -3.60
CA THR G 209 -32.80 26.30 -3.76
C THR G 209 -33.83 25.75 -4.73
N TYR G 210 -35.06 25.54 -4.26
CA TYR G 210 -36.10 25.13 -5.19
C TYR G 210 -37.04 26.30 -5.45
N PRO G 211 -37.53 26.49 -6.67
CA PRO G 211 -38.42 27.63 -6.95
C PRO G 211 -39.83 27.45 -6.41
N HIS G 212 -39.93 27.32 -5.08
CA HIS G 212 -41.09 27.52 -4.22
C HIS G 212 -42.10 26.36 -4.16
N GLU G 213 -42.01 25.31 -4.98
CA GLU G 213 -43.18 24.44 -5.12
C GLU G 213 -42.98 22.95 -4.81
N THR G 214 -41.79 22.47 -4.49
CA THR G 214 -41.69 21.04 -4.27
C THR G 214 -42.10 20.67 -2.86
N ASP G 215 -42.59 19.44 -2.69
CA ASP G 215 -42.83 18.93 -1.36
C ASP G 215 -41.49 18.77 -0.64
N ALA G 216 -41.44 19.19 0.62
CA ALA G 216 -40.19 19.08 1.35
C ALA G 216 -39.94 17.66 1.86
N ARG G 217 -40.91 16.76 1.77
CA ARG G 217 -40.64 15.35 2.07
C ARG G 217 -39.82 14.68 0.98
N GLY G 218 -39.81 15.24 -0.22
CA GLY G 218 -39.06 14.68 -1.32
C GLY G 218 -38.00 15.67 -1.78
N ASN G 219 -37.63 16.56 -0.87
CA ASN G 219 -36.53 17.50 -1.07
C ASN G 219 -35.34 17.12 -0.19
N LEU G 220 -35.32 15.89 0.30
CA LEU G 220 -34.21 15.34 1.07
C LEU G 220 -33.22 14.65 0.16
N VAL G 221 -31.95 14.71 0.54
CA VAL G 221 -30.95 13.89 -0.17
C VAL G 221 -31.31 12.42 0.00
N PRO G 222 -31.37 11.64 -1.09
CA PRO G 222 -31.92 10.28 -0.99
C PRO G 222 -31.23 9.41 0.05
N MET G 223 -31.97 8.41 0.52
CA MET G 223 -31.50 7.56 1.61
C MET G 223 -30.18 6.89 1.25
N ASN G 224 -30.08 6.33 0.04
CA ASN G 224 -28.87 5.64 -0.38
C ASN G 224 -27.79 6.59 -0.85
N ASP G 225 -28.10 7.88 -1.00
CA ASP G 225 -27.12 8.92 -1.24
C ASP G 225 -26.40 9.31 0.05
N LEU G 226 -26.67 8.59 1.13
CA LEU G 226 -26.13 8.85 2.46
C LEU G 226 -25.37 7.57 2.86
N PRO G 227 -24.62 7.56 3.97
CA PRO G 227 -23.77 6.39 4.27
C PRO G 227 -24.53 5.08 4.30
N THR G 228 -23.76 3.99 4.24
CA THR G 228 -24.34 2.65 4.27
C THR G 228 -25.08 2.40 5.58
N LEU G 229 -24.48 2.82 6.70
CA LEU G 229 -25.12 2.60 7.99
C LEU G 229 -26.39 3.42 8.11
N THR G 230 -26.35 4.69 7.70
CA THR G 230 -27.42 5.64 7.98
C THR G 230 -28.79 5.16 7.52
N ASN G 231 -28.85 4.40 6.44
CA ASN G 231 -30.13 3.94 5.91
C ASN G 231 -30.44 2.49 6.25
N SER G 232 -29.44 1.71 6.63
CA SER G 232 -29.70 0.25 6.83
C SER G 232 -29.60 -0.12 8.31
N GLY G 233 -28.50 -0.73 8.73
CA GLY G 233 -28.32 -1.06 10.15
C GLY G 233 -26.90 -1.47 10.45
N PHE G 234 -26.41 -1.12 11.64
CA PHE G 234 -25.06 -1.61 12.02
C PHE G 234 -25.17 -3.03 12.52
N SER G 235 -24.26 -3.90 12.08
CA SER G 235 -24.21 -5.26 12.56
C SER G 235 -23.07 -5.40 13.56
N PRO G 236 -23.35 -5.59 14.84
CA PRO G 236 -22.24 -5.74 15.80
C PRO G 236 -21.51 -7.06 15.60
N GLY G 237 -20.22 -7.04 15.91
CA GLY G 237 -19.40 -8.21 15.97
C GLY G 237 -18.57 -8.10 17.23
N MET G 238 -19.11 -7.33 18.19
CA MET G 238 -18.40 -6.98 19.40
C MET G 238 -18.29 -8.20 20.31
N ILE G 239 -17.08 -8.44 20.81
CA ILE G 239 -16.79 -9.60 21.65
C ILE G 239 -16.39 -9.13 23.03
N ALA G 240 -16.89 -9.83 24.06
CA ALA G 240 -16.48 -9.63 25.44
C ALA G 240 -16.28 -11.00 26.07
N VAL G 241 -15.56 -11.03 27.19
CA VAL G 241 -15.26 -12.27 27.89
C VAL G 241 -15.51 -12.08 29.38
N VAL G 242 -16.07 -13.11 30.01
CA VAL G 242 -16.32 -13.12 31.45
C VAL G 242 -15.60 -14.32 32.04
N ILE G 243 -14.84 -14.09 33.10
CA ILE G 243 -14.15 -15.15 33.83
C ILE G 243 -14.61 -15.12 35.28
N SER G 244 -14.85 -16.28 35.86
CA SER G 244 -15.27 -16.38 37.24
C SER G 244 -14.54 -17.52 37.94
N GLU G 245 -14.39 -17.38 39.25
CA GLU G 245 -13.65 -18.37 40.04
C GLU G 245 -14.38 -19.71 40.02
N LYS G 246 -13.60 -20.78 40.21
CA LYS G 246 -14.18 -22.11 40.31
C LYS G 246 -15.05 -22.26 41.55
N ASP G 247 -14.86 -21.38 42.54
CA ASP G 247 -15.70 -21.37 43.73
C ASP G 247 -17.09 -20.82 43.42
N THR G 248 -17.18 -19.83 42.54
CA THR G 248 -18.42 -19.13 42.25
C THR G 248 -19.35 -20.02 41.42
N GLU G 249 -20.64 -19.67 41.41
CA GLU G 249 -21.70 -20.53 40.90
C GLU G 249 -22.55 -19.94 39.79
N GLN G 250 -22.89 -18.65 39.83
CA GLN G 250 -23.78 -18.06 38.83
C GLN G 250 -23.64 -16.54 38.82
N SER G 251 -24.11 -15.94 37.73
CA SER G 251 -24.03 -14.50 37.56
C SER G 251 -25.21 -14.01 36.73
N SER G 252 -25.44 -12.69 36.78
CA SER G 252 -26.63 -12.07 36.18
C SER G 252 -26.23 -10.79 35.43
N ILE G 253 -25.82 -10.94 34.18
CA ILE G 253 -25.45 -9.81 33.34
C ILE G 253 -26.71 -9.17 32.76
N GLN G 254 -26.62 -7.87 32.46
CA GLN G 254 -27.60 -7.17 31.64
C GLN G 254 -27.03 -6.93 30.25
N VAL G 255 -27.91 -6.90 29.25
CA VAL G 255 -27.52 -6.58 27.88
C VAL G 255 -28.51 -5.56 27.33
N ALA G 256 -28.14 -4.29 27.38
CA ALA G 256 -28.99 -3.22 26.88
C ALA G 256 -28.61 -2.88 25.45
N TYR G 257 -29.61 -2.55 24.63
CA TYR G 257 -29.38 -2.06 23.28
C TYR G 257 -30.20 -0.79 23.11
N THR G 258 -29.54 0.28 22.66
CA THR G 258 -30.16 1.60 22.64
C THR G 258 -29.99 2.25 21.27
N LYS G 259 -30.81 3.28 21.03
CA LYS G 259 -30.72 4.07 19.80
C LYS G 259 -31.19 5.49 20.13
N HIS G 260 -30.24 6.37 20.43
CA HIS G 260 -30.58 7.78 20.50
C HIS G 260 -30.75 8.33 19.09
N ALA G 261 -31.69 9.27 18.93
CA ALA G 261 -32.00 9.79 17.61
C ALA G 261 -32.12 11.30 17.65
N ASP G 262 -31.78 11.92 16.53
CA ASP G 262 -31.86 13.35 16.33
C ASP G 262 -32.92 13.64 15.28
N ASP G 263 -33.46 14.86 15.33
CA ASP G 263 -34.59 15.25 14.50
C ASP G 263 -34.11 16.39 13.62
N TYR G 264 -33.46 16.05 12.51
CA TYR G 264 -33.05 17.06 11.56
C TYR G 264 -34.29 17.61 10.85
N THR G 265 -34.48 18.94 10.95
CA THR G 265 -35.75 19.46 10.45
C THR G 265 -35.62 20.72 9.66
N LEU G 266 -36.48 20.88 8.67
CA LEU G 266 -36.57 22.18 7.97
C LEU G 266 -37.87 22.76 8.52
N ARG G 267 -37.83 23.87 9.25
CA ARG G 267 -39.06 24.40 9.89
C ARG G 267 -39.10 25.91 9.65
N PRO G 268 -40.26 26.59 9.53
CA PRO G 268 -40.18 28.04 9.32
C PRO G 268 -39.41 28.73 10.44
N GLY G 269 -39.85 28.61 11.69
CA GLY G 269 -39.03 29.09 12.79
C GLY G 269 -38.77 30.59 12.74
N PHE G 270 -38.10 30.99 11.68
CA PHE G 270 -37.76 32.37 11.35
C PHE G 270 -38.40 32.72 10.02
N THR G 271 -39.69 32.42 9.88
CA THR G 271 -40.49 32.69 8.67
C THR G 271 -39.86 31.95 7.49
N PHE G 272 -39.38 32.64 6.46
CA PHE G 272 -38.95 32.00 5.21
C PHE G 272 -38.09 33.00 4.45
N GLY G 273 -37.39 32.52 3.43
CA GLY G 273 -36.64 33.39 2.55
C GLY G 273 -37.05 33.51 1.10
N THR G 274 -36.09 33.63 0.21
CA THR G 274 -36.38 33.71 -1.23
C THR G 274 -36.32 32.32 -1.90
N GLY G 275 -37.01 31.37 -1.28
CA GLY G 275 -37.08 30.02 -1.77
C GLY G 275 -35.95 29.11 -1.34
N ASN G 276 -34.87 29.67 -0.81
CA ASN G 276 -33.79 28.86 -0.29
C ASN G 276 -34.24 28.12 0.96
N TRP G 277 -33.95 26.83 1.02
CA TRP G 277 -34.44 25.97 2.09
C TRP G 277 -33.43 25.96 3.23
N VAL G 278 -33.86 26.43 4.40
CA VAL G 278 -33.01 26.42 5.57
C VAL G 278 -33.09 25.05 6.22
N GLY G 279 -31.93 24.54 6.65
CA GLY G 279 -31.91 23.30 7.39
C GLY G 279 -31.32 23.46 8.78
N ASN G 280 -31.99 22.89 9.79
CA ASN G 280 -31.56 22.97 11.18
C ASN G 280 -31.69 21.59 11.80
N ASN G 281 -31.10 21.44 13.00
CA ASN G 281 -31.12 20.16 13.67
C ASN G 281 -30.81 20.35 15.15
N ILE G 282 -31.60 19.71 16.01
CA ILE G 282 -31.37 19.70 17.45
C ILE G 282 -31.15 18.27 17.90
N LYS G 283 -30.21 18.08 18.83
CA LYS G 283 -29.68 16.76 19.14
C LYS G 283 -30.62 15.97 20.04
N ASP G 284 -30.55 14.64 19.90
CA ASP G 284 -31.04 13.67 20.88
C ASP G 284 -32.49 13.93 21.30
N VAL G 285 -33.40 13.74 20.34
CA VAL G 285 -34.81 14.00 20.57
C VAL G 285 -35.53 12.74 21.03
N ASP G 286 -35.57 11.71 20.18
CA ASP G 286 -36.26 10.47 20.47
C ASP G 286 -35.25 9.35 20.64
N GLN G 287 -35.49 8.47 21.61
CA GLN G 287 -34.62 7.33 21.86
C GLN G 287 -35.45 6.08 22.15
N LYS G 288 -34.87 4.92 21.82
CA LYS G 288 -35.50 3.63 22.13
C LYS G 288 -34.44 2.67 22.62
N THR G 289 -34.81 1.87 23.63
CA THR G 289 -33.90 0.97 24.33
C THR G 289 -34.52 -0.42 24.44
N PHE G 290 -33.66 -1.44 24.45
CA PHE G 290 -34.12 -2.83 24.56
C PHE G 290 -33.11 -3.62 25.38
N ASN G 291 -33.44 -3.88 26.64
CA ASN G 291 -32.58 -4.61 27.57
C ASN G 291 -33.21 -5.94 27.98
N LYS G 292 -32.35 -6.86 28.42
CA LYS G 292 -32.78 -8.18 28.87
C LYS G 292 -31.68 -8.79 29.73
N SER G 293 -32.07 -9.52 30.78
CA SER G 293 -31.10 -10.18 31.65
C SER G 293 -30.96 -11.65 31.27
N PHE G 294 -29.86 -12.25 31.70
CA PHE G 294 -29.53 -13.63 31.33
C PHE G 294 -28.74 -14.29 32.44
N VAL G 295 -29.06 -15.55 32.73
CA VAL G 295 -28.38 -16.31 33.78
C VAL G 295 -27.19 -17.05 33.15
N LEU G 296 -26.00 -16.77 33.68
CA LEU G 296 -24.74 -17.37 33.23
C LEU G 296 -24.45 -18.51 34.18
N ASP G 297 -25.21 -19.62 34.11
CA ASP G 297 -24.92 -20.81 34.92
C ASP G 297 -23.49 -21.25 34.63
N TRP G 298 -22.76 -21.61 35.69
CA TRP G 298 -21.35 -21.97 35.61
C TRP G 298 -21.07 -23.42 35.95
N LYS G 299 -22.04 -24.15 36.48
CA LYS G 299 -21.80 -25.54 36.86
C LYS G 299 -21.96 -26.45 35.64
N ASN G 300 -23.08 -26.35 34.95
CA ASN G 300 -23.28 -27.05 33.70
C ASN G 300 -22.88 -26.20 32.50
N LYS G 301 -22.46 -24.96 32.76
CA LYS G 301 -21.91 -24.03 31.76
C LYS G 301 -22.87 -23.82 30.58
N LYS G 302 -24.13 -23.59 30.91
CA LYS G 302 -25.11 -23.11 29.94
C LYS G 302 -25.40 -21.63 30.20
N LEU G 303 -26.43 -21.11 29.54
CA LEU G 303 -26.93 -19.75 29.79
C LEU G 303 -28.30 -19.63 29.16
N VAL G 304 -29.30 -19.28 29.97
CA VAL G 304 -30.62 -18.96 29.44
C VAL G 304 -30.74 -17.45 29.25
#